data_8V0F
#
_entry.id   8V0F
#
_cell.length_a   1.00
_cell.length_b   1.00
_cell.length_c   1.00
_cell.angle_alpha   90.00
_cell.angle_beta   90.00
_cell.angle_gamma   90.00
#
_symmetry.space_group_name_H-M   'P 1'
#
_entity_poly.entity_id   1
_entity_poly.type   'polypeptide(L)'
_entity_poly.pdbx_seq_one_letter_code
;MGSSHHHHHHSSGENLYFQGHMASMESASLDQSAALLVKELTEHIDDSNGLGFMSPAIYDTAWVSMIKKTDNDQTFWLFP
KSFHYILENQLENGGWVTYASEIDGILNTSASLLSLKRHFDLPLQISTESQTSMENRIRKATDALRVLLRTWDVDATLHV
GFEILVPALLDYLQVEGLTFDFPGRDKLFQIRDQKLSRFKPEFIYAPFQTTALHSLEAFIGLIDFDRVQHHKVRGSFMAS
PSSTAAVLMNATEWDIDCEEYIRHVIEHASGKASGGVPSAFPSTIFEITWTLSTLLKAGFNLSSNDSSNVQKACSYLLGV
LTAEKGAIGFVPSVCADADDTAKTILVLSLLRENVLPDGMLKAFEVENHFKTYPLERDPSFSANCNVLLALLHLENPSQY
TLQIEKATRFLYTHFRESNLNVRDKWNLSPFYSWMLMAQAIARLDELCKGSQLKNLHDHVESDLIPLLQEMTVSVMHQQN
KDGSWGTKLSKEETAYAVLMLTYAVSFEALVGPRRQIRNAIEEGCLFLRSGKDATSERLWVEKVTYESQMLSRAYTLAAL
KNALDVLKKDDMKIAFIGNSVNESFTEIEVVNGKNVTEPSSNTYDLKEVKMDKAEFTPPDTPPRSKSTSVDPIEEAICAH
ENRGAISDHTSRAIDLCRNPPLWGTDQEQTLLGPFEYLESIPGKNIRSQFIEAFNTWLQIPQDHLQIVGKVISMLHTASL
LVDDIEDNSLLRRGQPVAHSIFGTAQTFNSGNYVYFLALQEVQKLNSPRAISIFVDALTQLHRGQGMDVFWRDSLICPTE
EEYLDMVANKTGALFCLAIELLQIKSTVQLDFLPLVRLLGIIFQICDDYLNLKSTNYTQKKGLCEDITEGKFSFPIIHSI
RTKPGNRQLINVLRQKSKEDDVKRFALAYMESTQSFDYTRDFVKILNGEALRMIEDLEQQGLHRNIEIRNILARMSLEQ
;
_entity_poly.pdbx_strand_id   A,B,C,D,E,F
#
# COMPACT_ATOMS: atom_id res chain seq x y z
N ALA A 645 5.15 -25.51 43.16
CA ALA A 645 4.96 -24.53 42.09
C ALA A 645 3.93 -25.02 41.08
N ILE A 646 4.24 -26.12 40.41
CA ILE A 646 3.32 -26.68 39.43
C ILE A 646 2.05 -27.20 40.11
N SER A 647 2.19 -27.78 41.30
CA SER A 647 1.03 -28.30 42.01
C SER A 647 0.04 -27.19 42.37
N ASP A 648 0.55 -26.04 42.82
CA ASP A 648 -0.34 -24.94 43.16
C ASP A 648 -1.10 -24.44 41.94
N HIS A 649 -0.42 -24.31 40.80
CA HIS A 649 -1.08 -23.85 39.59
C HIS A 649 -2.16 -24.83 39.13
N THR A 650 -1.85 -26.13 39.15
CA THR A 650 -2.83 -27.13 38.77
C THR A 650 -4.02 -27.13 39.71
N SER A 651 -3.77 -26.99 41.01
CA SER A 651 -4.86 -26.95 41.98
C SER A 651 -5.75 -25.73 41.77
N ARG A 652 -5.15 -24.58 41.48
CA ARG A 652 -5.94 -23.38 41.21
C ARG A 652 -6.80 -23.56 39.97
N ALA A 653 -6.22 -24.15 38.91
CA ALA A 653 -6.99 -24.37 37.69
C ALA A 653 -8.17 -25.31 37.95
N ILE A 654 -7.93 -26.39 38.71
CA ILE A 654 -8.99 -27.34 39.00
C ILE A 654 -10.08 -26.70 39.85
N ASP A 655 -9.68 -25.90 40.84
CA ASP A 655 -10.66 -25.23 41.70
C ASP A 655 -11.51 -24.25 40.90
N LEU A 656 -10.88 -23.50 39.98
CA LEU A 656 -11.66 -22.60 39.14
C LEU A 656 -12.56 -23.36 38.18
N CYS A 657 -12.17 -24.57 37.79
CA CYS A 657 -13.07 -25.43 37.03
C CYS A 657 -14.30 -25.80 37.87
N ARG A 658 -14.09 -26.10 39.15
CA ARG A 658 -15.22 -26.44 40.01
C ARG A 658 -16.11 -25.23 40.28
N ASN A 659 -15.50 -24.09 40.63
CA ASN A 659 -16.23 -22.87 40.96
C ASN A 659 -15.84 -21.75 40.00
N PRO A 660 -16.66 -21.45 38.99
CA PRO A 660 -16.28 -20.43 38.02
C PRO A 660 -16.25 -19.05 38.66
N PRO A 661 -15.45 -18.13 38.13
CA PRO A 661 -15.31 -16.81 38.73
C PRO A 661 -16.51 -15.93 38.39
N LEU A 662 -16.40 -14.66 38.79
CA LEU A 662 -17.43 -13.66 38.56
C LEU A 662 -16.92 -12.60 37.59
N TRP A 663 -17.81 -12.12 36.73
CA TRP A 663 -17.48 -11.09 35.77
C TRP A 663 -17.32 -9.75 36.47
N GLY A 664 -16.27 -9.01 36.14
CA GLY A 664 -15.98 -7.75 36.76
C GLY A 664 -16.37 -6.56 35.91
N THR A 665 -16.41 -5.39 36.56
CA THR A 665 -16.71 -4.14 35.86
C THR A 665 -15.53 -3.65 35.03
N ASP A 666 -14.31 -3.93 35.47
CA ASP A 666 -13.13 -3.48 34.75
C ASP A 666 -13.04 -4.08 33.36
N GLN A 667 -13.54 -5.30 33.15
CA GLN A 667 -13.51 -5.93 31.85
C GLN A 667 -14.71 -5.58 31.00
N GLU A 668 -15.89 -5.40 31.61
CA GLU A 668 -17.03 -4.91 30.86
C GLU A 668 -16.79 -3.49 30.34
N GLN A 669 -16.03 -2.70 31.06
CA GLN A 669 -15.68 -1.35 30.57
C GLN A 669 -14.74 -1.47 29.37
N THR A 670 -13.83 -2.45 29.39
CA THR A 670 -12.94 -2.64 28.26
C THR A 670 -13.70 -3.11 27.02
N LEU A 671 -14.63 -4.05 27.18
CA LEU A 671 -15.33 -4.60 26.03
C LEU A 671 -16.32 -3.63 25.42
N LEU A 672 -16.79 -2.64 26.18
CA LEU A 672 -17.80 -1.69 25.72
C LEU A 672 -17.21 -0.33 25.40
N GLY A 673 -16.03 -0.29 24.78
CA GLY A 673 -15.39 0.95 24.43
C GLY A 673 -16.04 1.67 23.25
N PRO A 674 -16.00 1.04 22.07
CA PRO A 674 -16.60 1.69 20.88
C PRO A 674 -18.07 2.03 21.05
N PHE A 675 -18.82 1.18 21.75
CA PHE A 675 -20.24 1.45 21.96
C PHE A 675 -20.45 2.75 22.73
N GLU A 676 -19.68 2.93 23.81
CA GLU A 676 -19.80 4.17 24.59
C GLU A 676 -19.29 5.37 23.81
N TYR A 677 -18.22 5.18 23.03
CA TYR A 677 -17.70 6.27 22.22
C TYR A 677 -18.75 6.78 21.24
N LEU A 678 -19.46 5.86 20.56
CA LEU A 678 -20.49 6.29 19.62
C LEU A 678 -21.75 6.78 20.34
N GLU A 679 -22.02 6.27 21.55
CA GLU A 679 -23.19 6.73 22.29
C GLU A 679 -23.00 8.15 22.82
N SER A 680 -21.76 8.56 23.08
CA SER A 680 -21.52 9.89 23.63
C SER A 680 -21.87 11.00 22.64
N ILE A 681 -21.77 10.74 21.35
CA ILE A 681 -22.04 11.77 20.34
C ILE A 681 -23.54 12.01 20.26
N PRO A 682 -24.01 13.24 20.37
CA PRO A 682 -25.45 13.51 20.28
C PRO A 682 -25.98 13.29 18.86
N GLY A 683 -27.27 12.94 18.79
CA GLY A 683 -27.91 12.65 17.53
C GLY A 683 -29.35 13.13 17.52
N LYS A 684 -30.01 12.92 16.38
CA LYS A 684 -31.39 13.38 16.23
C LYS A 684 -32.34 12.59 17.10
N ASN A 685 -32.16 11.27 17.17
CA ASN A 685 -32.98 10.37 17.98
C ASN A 685 -34.46 10.45 17.56
N ILE A 686 -34.71 10.04 16.32
CA ILE A 686 -36.07 10.00 15.80
C ILE A 686 -36.87 8.89 16.47
N ARG A 687 -36.22 7.81 16.86
CA ARG A 687 -36.94 6.64 17.37
C ARG A 687 -37.62 6.93 18.70
N SER A 688 -37.02 7.78 19.53
CA SER A 688 -37.67 8.16 20.78
C SER A 688 -38.98 8.90 20.53
N GLN A 689 -38.97 9.84 19.58
CA GLN A 689 -40.21 10.53 19.22
C GLN A 689 -41.21 9.58 18.60
N PHE A 690 -40.73 8.61 17.82
CA PHE A 690 -41.62 7.62 17.22
C PHE A 690 -42.31 6.78 18.30
N ILE A 691 -41.57 6.41 19.34
CA ILE A 691 -42.16 5.66 20.44
C ILE A 691 -43.14 6.52 21.24
N GLU A 692 -42.78 7.78 21.47
CA GLU A 692 -43.65 8.68 22.22
C GLU A 692 -44.96 8.94 21.48
N ALA A 693 -44.91 9.04 20.16
CA ALA A 693 -46.11 9.35 19.39
C ALA A 693 -47.13 8.22 19.49
N PHE A 694 -46.68 6.97 19.44
CA PHE A 694 -47.60 5.84 19.49
C PHE A 694 -48.11 5.56 20.89
N ASN A 695 -47.43 6.05 21.93
CA ASN A 695 -47.86 5.81 23.30
C ASN A 695 -49.14 6.56 23.63
N THR A 696 -49.49 7.59 22.86
CA THR A 696 -50.76 8.29 23.07
C THR A 696 -51.93 7.35 22.83
N TRP A 697 -51.83 6.50 21.81
CA TRP A 697 -52.89 5.54 21.53
C TRP A 697 -52.88 4.36 22.48
N LEU A 698 -51.70 3.91 22.93
CA LEU A 698 -51.59 2.69 23.70
C LEU A 698 -51.70 2.92 25.21
N GLN A 699 -51.06 3.96 25.73
CA GLN A 699 -51.16 4.36 27.14
C GLN A 699 -50.71 3.22 28.07
N ILE A 700 -49.41 2.93 27.97
CA ILE A 700 -48.78 1.90 28.79
C ILE A 700 -47.97 2.59 29.89
N PRO A 701 -47.60 1.89 30.97
CA PRO A 701 -46.83 2.53 32.05
C PRO A 701 -45.45 3.01 31.63
N GLN A 702 -44.71 3.60 32.56
CA GLN A 702 -43.46 4.27 32.21
C GLN A 702 -42.27 3.31 32.16
N ASP A 703 -42.22 2.35 33.09
CA ASP A 703 -41.07 1.46 33.14
C ASP A 703 -40.93 0.63 31.87
N HIS A 704 -42.06 0.14 31.34
CA HIS A 704 -42.02 -0.59 30.07
C HIS A 704 -41.51 0.31 28.95
N LEU A 705 -41.92 1.57 28.95
CA LEU A 705 -41.44 2.51 27.94
C LEU A 705 -39.92 2.68 28.03
N GLN A 706 -39.40 2.83 29.25
CA GLN A 706 -37.95 2.97 29.41
C GLN A 706 -37.21 1.73 28.93
N ILE A 707 -37.73 0.54 29.25
CA ILE A 707 -37.06 -0.70 28.84
C ILE A 707 -37.02 -0.79 27.32
N VAL A 708 -38.16 -0.53 26.67
CA VAL A 708 -38.22 -0.63 25.21
C VAL A 708 -37.28 0.39 24.56
N GLY A 709 -37.27 1.62 25.09
CA GLY A 709 -36.36 2.62 24.55
C GLY A 709 -34.91 2.22 24.67
N LYS A 710 -34.54 1.66 25.82
CA LYS A 710 -33.16 1.20 26.00
C LYS A 710 -32.79 0.13 24.99
N VAL A 711 -33.66 -0.86 24.81
CA VAL A 711 -33.37 -1.96 23.89
C VAL A 711 -33.20 -1.42 22.47
N ILE A 712 -34.12 -0.54 22.05
CA ILE A 712 -34.06 0.00 20.69
C ILE A 712 -32.78 0.80 20.49
N SER A 713 -32.39 1.59 21.49
CA SER A 713 -31.17 2.39 21.37
C SER A 713 -29.94 1.51 21.22
N MET A 714 -29.84 0.47 22.03
CA MET A 714 -28.72 -0.48 21.96
C MET A 714 -28.65 -1.09 20.57
N LEU A 715 -29.76 -1.59 20.06
CA LEU A 715 -29.78 -2.24 18.75
C LEU A 715 -29.39 -1.27 17.64
N HIS A 716 -29.92 -0.04 17.70
CA HIS A 716 -29.60 0.95 16.69
C HIS A 716 -28.11 1.27 16.66
N THR A 717 -27.51 1.49 17.83
CA THR A 717 -26.09 1.85 17.85
C THR A 717 -25.21 0.70 17.37
N ALA A 718 -25.53 -0.54 17.77
CA ALA A 718 -24.74 -1.67 17.30
C ALA A 718 -24.84 -1.82 15.78
N SER A 719 -26.05 -1.65 15.24
CA SER A 719 -26.21 -1.72 13.79
C SER A 719 -25.42 -0.63 13.10
N LEU A 720 -25.38 0.57 13.68
CA LEU A 720 -24.59 1.65 13.09
C LEU A 720 -23.12 1.30 13.07
N LEU A 721 -22.60 0.73 14.15
CA LEU A 721 -21.19 0.32 14.17
C LEU A 721 -20.90 -0.67 13.05
N VAL A 722 -21.71 -1.72 12.94
CA VAL A 722 -21.45 -2.75 11.94
C VAL A 722 -21.59 -2.19 10.53
N ASP A 723 -22.61 -1.34 10.31
CA ASP A 723 -22.82 -0.77 8.99
C ASP A 723 -21.68 0.15 8.58
N ASP A 724 -21.16 0.94 9.52
CA ASP A 724 -20.03 1.80 9.21
C ASP A 724 -18.80 0.97 8.89
N ILE A 725 -18.59 -0.14 9.58
CA ILE A 725 -17.47 -1.01 9.25
C ILE A 725 -17.63 -1.57 7.83
N GLU A 726 -18.83 -2.03 7.49
CA GLU A 726 -19.04 -2.68 6.20
C GLU A 726 -19.08 -1.69 5.03
N ASP A 727 -19.43 -0.43 5.29
CA ASP A 727 -19.60 0.57 4.24
C ASP A 727 -18.31 1.28 3.86
N ASN A 728 -17.24 1.10 4.62
CA ASN A 728 -15.98 1.80 4.42
C ASN A 728 -16.18 3.32 4.47
N SER A 729 -16.79 3.77 5.56
CA SER A 729 -17.04 5.18 5.79
C SER A 729 -15.90 5.81 6.58
N LEU A 730 -15.89 7.14 6.61
CA LEU A 730 -14.84 7.89 7.29
C LEU A 730 -15.33 8.77 8.42
N LEU A 731 -16.57 9.26 8.36
CA LEU A 731 -17.10 10.16 9.39
C LEU A 731 -18.52 9.75 9.73
N ARG A 732 -18.88 9.95 11.00
CA ARG A 732 -20.25 9.78 11.48
C ARG A 732 -20.56 10.87 12.49
N ARG A 733 -21.65 11.60 12.24
CA ARG A 733 -22.05 12.73 13.08
C ARG A 733 -20.95 13.77 13.21
N GLY A 734 -20.16 13.94 12.15
CA GLY A 734 -19.08 14.90 12.17
C GLY A 734 -17.85 14.49 12.92
N GLN A 735 -17.76 13.24 13.35
CA GLN A 735 -16.66 12.71 14.14
C GLN A 735 -16.14 11.45 13.50
N PRO A 736 -14.87 11.11 13.75
CA PRO A 736 -14.30 9.89 13.14
C PRO A 736 -15.05 8.64 13.56
N VAL A 737 -15.09 7.66 12.65
CA VAL A 737 -15.74 6.40 12.95
C VAL A 737 -14.97 5.66 14.05
N ALA A 738 -15.66 4.70 14.67
CA ALA A 738 -15.07 3.99 15.80
C ALA A 738 -13.90 3.11 15.39
N HIS A 739 -13.96 2.50 14.21
CA HIS A 739 -12.91 1.59 13.78
C HIS A 739 -11.69 2.32 13.21
N SER A 740 -11.74 3.65 13.16
CA SER A 740 -10.55 4.45 12.91
C SER A 740 -9.77 4.73 14.18
N ILE A 741 -10.29 4.32 15.33
CA ILE A 741 -9.62 4.49 16.61
C ILE A 741 -9.29 3.14 17.25
N PHE A 742 -10.28 2.24 17.31
CA PHE A 742 -10.14 0.97 18.01
C PHE A 742 -9.77 -0.20 17.09
N GLY A 743 -9.95 -0.07 15.79
CA GLY A 743 -9.79 -1.19 14.89
C GLY A 743 -11.11 -1.83 14.54
N THR A 744 -11.02 -2.87 13.70
CA THR A 744 -12.24 -3.52 13.20
C THR A 744 -12.71 -4.63 14.12
N ALA A 745 -11.79 -5.44 14.63
CA ALA A 745 -12.17 -6.60 15.44
C ALA A 745 -12.88 -6.17 16.71
N GLN A 746 -12.35 -5.18 17.40
CA GLN A 746 -12.96 -4.72 18.65
C GLN A 746 -14.35 -4.17 18.40
N THR A 747 -14.52 -3.39 17.32
CA THR A 747 -15.83 -2.81 17.03
C THR A 747 -16.85 -3.90 16.70
N PHE A 748 -16.46 -4.89 15.90
CA PHE A 748 -17.38 -5.97 15.57
C PHE A 748 -17.78 -6.76 16.81
N ASN A 749 -16.79 -7.07 17.67
CA ASN A 749 -17.09 -7.80 18.89
C ASN A 749 -18.03 -7.01 19.79
N SER A 750 -17.79 -5.70 19.91
CA SER A 750 -18.66 -4.87 20.74
C SER A 750 -20.09 -4.85 20.20
N GLY A 751 -20.24 -4.75 18.88
CA GLY A 751 -21.58 -4.76 18.31
C GLY A 751 -22.33 -6.04 18.60
N ASN A 752 -21.68 -7.19 18.38
CA ASN A 752 -22.33 -8.47 18.64
C ASN A 752 -22.64 -8.64 20.13
N TYR A 753 -21.71 -8.23 20.99
CA TYR A 753 -21.92 -8.33 22.43
C TYR A 753 -23.12 -7.49 22.85
N VAL A 754 -23.29 -6.31 22.27
CA VAL A 754 -24.44 -5.47 22.59
C VAL A 754 -25.72 -6.12 22.08
N TYR A 755 -25.68 -6.77 20.91
CA TYR A 755 -26.84 -7.52 20.44
C TYR A 755 -27.29 -8.53 21.49
N PHE A 756 -26.36 -9.30 22.01
CA PHE A 756 -26.75 -10.35 22.96
C PHE A 756 -27.10 -9.79 24.34
N LEU A 757 -26.51 -8.66 24.73
CA LEU A 757 -26.96 -8.00 25.96
C LEU A 757 -28.40 -7.51 25.82
N ALA A 758 -28.75 -6.96 24.66
CA ALA A 758 -30.12 -6.54 24.42
C ALA A 758 -31.06 -7.73 24.45
N LEU A 759 -30.65 -8.86 23.88
CA LEU A 759 -31.48 -10.06 23.97
C LEU A 759 -31.67 -10.50 25.41
N GLN A 760 -30.63 -10.38 26.23
CA GLN A 760 -30.74 -10.71 27.65
C GLN A 760 -31.72 -9.78 28.36
N GLU A 761 -31.72 -8.49 27.99
CA GLU A 761 -32.60 -7.53 28.66
C GLU A 761 -34.07 -7.82 28.38
N VAL A 762 -34.39 -8.38 27.22
CA VAL A 762 -35.78 -8.70 26.88
C VAL A 762 -36.30 -9.83 27.75
N GLN A 763 -35.44 -10.79 28.10
CA GLN A 763 -35.87 -11.98 28.84
C GLN A 763 -36.51 -11.64 30.18
N LYS A 764 -36.18 -10.48 30.74
CA LYS A 764 -36.72 -10.11 32.05
C LYS A 764 -38.19 -9.73 31.99
N LEU A 765 -38.75 -9.54 30.80
CA LEU A 765 -40.17 -9.21 30.69
C LEU A 765 -41.07 -10.40 30.91
N ASN A 766 -40.52 -11.62 30.84
CA ASN A 766 -41.28 -12.86 31.03
C ASN A 766 -42.41 -12.98 30.01
N SER A 767 -42.01 -13.10 28.74
CA SER A 767 -42.95 -13.29 27.65
C SER A 767 -42.27 -13.97 26.47
N PRO A 768 -42.72 -15.17 26.07
CA PRO A 768 -42.15 -15.81 24.88
C PRO A 768 -42.34 -15.01 23.60
N ARG A 769 -43.45 -14.25 23.51
CA ARG A 769 -43.70 -13.44 22.32
C ARG A 769 -42.57 -12.45 22.09
N ALA A 770 -42.02 -11.89 23.16
CA ALA A 770 -40.92 -10.94 23.01
C ALA A 770 -39.72 -11.60 22.35
N ILE A 771 -39.38 -12.82 22.76
CA ILE A 771 -38.26 -13.54 22.17
C ILE A 771 -38.52 -13.83 20.70
N SER A 772 -39.76 -14.26 20.38
CA SER A 772 -40.09 -14.53 18.99
C SER A 772 -39.90 -13.30 18.12
N ILE A 773 -40.45 -12.16 18.55
CA ILE A 773 -40.34 -10.93 17.76
C ILE A 773 -38.89 -10.50 17.63
N PHE A 774 -38.12 -10.62 18.73
CA PHE A 774 -36.71 -10.23 18.69
C PHE A 774 -35.95 -11.03 17.64
N VAL A 775 -36.13 -12.35 17.65
CA VAL A 775 -35.40 -13.20 16.71
C VAL A 775 -35.80 -12.87 15.27
N ASP A 776 -37.11 -12.70 15.03
CA ASP A 776 -37.56 -12.40 13.67
C ASP A 776 -36.97 -11.08 13.18
N ALA A 777 -36.97 -10.05 14.03
CA ALA A 777 -36.44 -8.75 13.63
C ALA A 777 -34.95 -8.84 13.31
N LEU A 778 -34.18 -9.56 14.14
CA LEU A 778 -32.75 -9.66 13.88
C LEU A 778 -32.47 -10.41 12.57
N THR A 779 -33.23 -11.48 12.31
CA THR A 779 -33.08 -12.19 11.04
C THR A 779 -33.36 -11.27 9.86
N GLN A 780 -34.44 -10.49 9.94
CA GLN A 780 -34.76 -9.57 8.84
C GLN A 780 -33.66 -8.55 8.63
N LEU A 781 -33.11 -7.99 9.73
CA LEU A 781 -32.06 -6.99 9.59
C LEU A 781 -30.83 -7.57 8.90
N HIS A 782 -30.44 -8.78 9.28
CA HIS A 782 -29.26 -9.38 8.66
C HIS A 782 -29.50 -9.70 7.19
N ARG A 783 -30.72 -10.15 6.84
CA ARG A 783 -31.04 -10.37 5.44
C ARG A 783 -30.89 -9.09 4.62
N GLY A 784 -31.43 -7.99 5.14
CA GLY A 784 -31.35 -6.73 4.40
C GLY A 784 -29.92 -6.25 4.21
N GLN A 785 -29.13 -6.29 5.29
CA GLN A 785 -27.74 -5.86 5.20
C GLN A 785 -26.96 -6.71 4.20
N GLY A 786 -27.17 -8.04 4.24
CA GLY A 786 -26.46 -8.91 3.32
C GLY A 786 -26.83 -8.63 1.88
N MET A 787 -28.12 -8.41 1.59
CA MET A 787 -28.52 -8.12 0.22
C MET A 787 -27.90 -6.81 -0.27
N ASP A 788 -27.89 -5.79 0.58
CA ASP A 788 -27.28 -4.51 0.18
C ASP A 788 -25.80 -4.68 -0.14
N VAL A 789 -25.08 -5.40 0.73
CA VAL A 789 -23.64 -5.59 0.51
C VAL A 789 -23.40 -6.37 -0.77
N PHE A 790 -24.20 -7.42 -1.01
CA PHE A 790 -24.03 -8.22 -2.22
C PHE A 790 -24.24 -7.39 -3.48
N TRP A 791 -25.32 -6.59 -3.51
CA TRP A 791 -25.58 -5.77 -4.69
C TRP A 791 -24.46 -4.77 -4.91
N ARG A 792 -23.98 -4.12 -3.85
CA ARG A 792 -22.93 -3.12 -4.03
C ARG A 792 -21.63 -3.77 -4.49
N ASP A 793 -21.27 -4.93 -3.94
CA ASP A 793 -19.99 -5.54 -4.29
C ASP A 793 -20.00 -6.11 -5.69
N SER A 794 -21.11 -6.73 -6.11
CA SER A 794 -21.13 -7.39 -7.40
C SER A 794 -21.50 -6.45 -8.56
N LEU A 795 -21.81 -5.18 -8.28
CA LEU A 795 -22.13 -4.18 -9.30
C LEU A 795 -23.35 -4.58 -10.11
N ILE A 796 -24.44 -4.89 -9.40
CA ILE A 796 -25.74 -5.18 -10.01
C ILE A 796 -26.72 -4.13 -9.54
N CYS A 797 -27.44 -3.52 -10.48
CA CYS A 797 -28.42 -2.50 -10.13
C CYS A 797 -29.76 -3.17 -9.83
N PRO A 798 -30.27 -3.09 -8.62
CA PRO A 798 -31.57 -3.69 -8.31
C PRO A 798 -32.72 -2.91 -8.92
N THR A 799 -33.84 -3.60 -9.10
CA THR A 799 -35.06 -2.95 -9.57
C THR A 799 -35.61 -2.15 -8.39
N GLU A 800 -36.73 -1.45 -8.55
CA GLU A 800 -37.37 -0.69 -7.50
C GLU A 800 -37.98 -1.60 -6.43
N GLU A 801 -38.63 -2.69 -6.87
CA GLU A 801 -39.28 -3.59 -5.92
C GLU A 801 -38.26 -4.28 -5.03
N GLU A 802 -37.14 -4.75 -5.60
CA GLU A 802 -36.11 -5.39 -4.80
C GLU A 802 -35.50 -4.41 -3.79
N TYR A 803 -35.25 -3.19 -4.22
CA TYR A 803 -34.73 -2.17 -3.32
C TYR A 803 -35.70 -1.89 -2.19
N LEU A 804 -37.00 -1.83 -2.50
CA LEU A 804 -38.00 -1.55 -1.47
C LEU A 804 -38.10 -2.70 -0.48
N ASP A 805 -38.01 -3.95 -0.96
CA ASP A 805 -38.00 -5.09 -0.04
C ASP A 805 -36.78 -5.07 0.87
N MET A 806 -35.61 -4.76 0.30
CA MET A 806 -34.40 -4.67 1.12
C MET A 806 -34.52 -3.58 2.16
N VAL A 807 -35.11 -2.43 1.77
CA VAL A 807 -35.30 -1.34 2.72
C VAL A 807 -36.26 -1.74 3.84
N ALA A 808 -37.33 -2.46 3.48
CA ALA A 808 -38.28 -2.91 4.50
C ALA A 808 -37.61 -3.86 5.48
N ASN A 809 -36.76 -4.76 4.99
CA ASN A 809 -36.04 -5.66 5.89
C ASN A 809 -35.05 -4.89 6.76
N LYS A 810 -34.32 -3.95 6.17
CA LYS A 810 -33.19 -3.30 6.84
C LYS A 810 -33.64 -2.29 7.88
N THR A 811 -34.63 -1.46 7.58
CA THR A 811 -34.98 -0.32 8.40
C THR A 811 -36.28 -0.51 9.19
N GLY A 812 -37.33 -1.04 8.56
CA GLY A 812 -38.62 -1.13 9.21
C GLY A 812 -38.69 -2.16 10.32
N ALA A 813 -37.72 -3.07 10.39
CA ALA A 813 -37.75 -4.11 11.41
C ALA A 813 -37.67 -3.54 12.81
N LEU A 814 -36.80 -2.54 13.01
CA LEU A 814 -36.67 -1.94 14.33
C LEU A 814 -37.95 -1.23 14.74
N PHE A 815 -38.58 -0.50 13.83
CA PHE A 815 -39.84 0.17 14.14
C PHE A 815 -40.93 -0.83 14.48
N CYS A 816 -41.03 -1.91 13.71
CA CYS A 816 -42.02 -2.94 13.99
C CYS A 816 -41.79 -3.57 15.35
N LEU A 817 -40.54 -3.90 15.67
CA LEU A 817 -40.24 -4.50 16.97
C LEU A 817 -40.56 -3.54 18.10
N ALA A 818 -40.23 -2.26 17.94
CA ALA A 818 -40.53 -1.27 18.97
C ALA A 818 -42.02 -1.15 19.21
N ILE A 819 -42.82 -1.13 18.15
CA ILE A 819 -44.27 -0.99 18.32
C ILE A 819 -44.87 -2.25 18.93
N GLU A 820 -44.40 -3.42 18.49
CA GLU A 820 -44.96 -4.66 18.99
C GLU A 820 -44.57 -4.98 20.43
N LEU A 821 -43.41 -4.50 20.89
CA LEU A 821 -43.03 -4.70 22.28
C LEU A 821 -43.90 -3.88 23.23
N LEU A 822 -44.43 -2.76 22.77
CA LEU A 822 -45.29 -1.93 23.60
C LEU A 822 -46.69 -2.54 23.75
N GLN A 823 -47.16 -3.27 22.74
CA GLN A 823 -48.52 -3.78 22.73
C GLN A 823 -48.72 -4.97 23.66
N ILE A 824 -47.66 -5.51 24.26
CA ILE A 824 -47.81 -6.61 25.19
C ILE A 824 -48.64 -6.18 26.40
N LYS A 825 -48.36 -4.99 26.93
CA LYS A 825 -49.03 -4.51 28.12
C LYS A 825 -50.18 -3.56 27.85
N SER A 826 -50.60 -3.40 26.59
CA SER A 826 -51.64 -2.46 26.25
C SER A 826 -52.98 -3.17 26.05
N THR A 827 -54.06 -2.43 26.29
CA THR A 827 -55.41 -2.93 26.11
C THR A 827 -55.96 -2.68 24.71
N VAL A 828 -55.19 -2.02 23.85
CA VAL A 828 -55.56 -1.79 22.46
C VAL A 828 -54.86 -2.84 21.61
N GLN A 829 -55.63 -3.69 20.95
CA GLN A 829 -55.06 -4.77 20.17
C GLN A 829 -55.43 -4.67 18.70
N LEU A 830 -55.32 -3.47 18.13
CA LEU A 830 -55.55 -3.27 16.70
C LEU A 830 -54.28 -3.62 15.94
N ASP A 831 -54.26 -3.34 14.64
CA ASP A 831 -53.12 -3.65 13.79
C ASP A 831 -52.49 -2.34 13.32
N PHE A 832 -51.22 -2.14 13.64
CA PHE A 832 -50.49 -0.93 13.27
C PHE A 832 -49.37 -1.19 12.28
N LEU A 833 -49.13 -2.45 11.91
CA LEU A 833 -47.95 -2.78 11.12
C LEU A 833 -47.90 -2.13 9.74
N PRO A 834 -48.97 -2.07 8.94
CA PRO A 834 -48.87 -1.39 7.64
C PRO A 834 -48.42 0.06 7.76
N LEU A 835 -48.92 0.76 8.78
CA LEU A 835 -48.53 2.16 8.97
C LEU A 835 -47.05 2.29 9.26
N VAL A 836 -46.51 1.43 10.14
CA VAL A 836 -45.10 1.54 10.50
C VAL A 836 -44.21 1.14 9.31
N ARG A 837 -44.65 0.19 8.50
CA ARG A 837 -43.89 -0.18 7.32
C ARG A 837 -43.83 0.97 6.32
N LEU A 838 -44.97 1.62 6.08
CA LEU A 838 -44.99 2.78 5.19
C LEU A 838 -44.12 3.89 5.73
N LEU A 839 -44.16 4.12 7.04
CA LEU A 839 -43.36 5.17 7.64
C LEU A 839 -41.87 4.88 7.50
N GLY A 840 -41.46 3.62 7.66
CA GLY A 840 -40.07 3.27 7.46
C GLY A 840 -39.61 3.49 6.02
N ILE A 841 -40.46 3.12 5.06
CA ILE A 841 -40.11 3.37 3.65
C ILE A 841 -39.94 4.87 3.40
N ILE A 842 -40.86 5.68 3.92
CA ILE A 842 -40.76 7.13 3.77
C ILE A 842 -39.48 7.66 4.39
N PHE A 843 -39.16 7.20 5.60
CA PHE A 843 -37.93 7.62 6.27
C PHE A 843 -36.71 7.36 5.39
N GLN A 844 -36.59 6.13 4.89
CA GLN A 844 -35.40 5.77 4.12
C GLN A 844 -35.31 6.57 2.82
N ILE A 845 -36.43 6.75 2.12
CA ILE A 845 -36.40 7.50 0.87
C ILE A 845 -36.00 8.95 1.13
N CYS A 846 -36.55 9.55 2.19
CA CYS A 846 -36.20 10.93 2.51
C CYS A 846 -34.72 11.06 2.87
N ASP A 847 -34.17 10.08 3.60
CA ASP A 847 -32.75 10.12 3.92
C ASP A 847 -31.90 10.01 2.65
N ASP A 848 -32.28 9.12 1.74
CA ASP A 848 -31.55 8.98 0.49
C ASP A 848 -31.58 10.27 -0.33
N TYR A 849 -32.72 10.94 -0.37
CA TYR A 849 -32.79 12.22 -1.08
C TYR A 849 -31.92 13.27 -0.40
N LEU A 850 -32.00 13.38 0.93
CA LEU A 850 -31.32 14.46 1.63
C LEU A 850 -29.81 14.26 1.67
N ASN A 851 -29.32 13.03 1.48
CA ASN A 851 -27.87 12.84 1.48
C ASN A 851 -27.23 13.58 0.32
N LEU A 852 -27.85 13.53 -0.86
CA LEU A 852 -27.27 14.14 -2.05
C LEU A 852 -27.65 15.62 -2.19
N LYS A 853 -28.94 15.90 -2.26
CA LYS A 853 -29.45 17.26 -2.49
C LYS A 853 -30.15 17.73 -1.22
N SER A 854 -29.60 18.74 -0.57
CA SER A 854 -30.18 19.27 0.66
C SER A 854 -31.03 20.50 0.36
N CYS A 864 -22.07 14.25 -0.66
CA CYS A 864 -22.40 13.17 -1.58
C CYS A 864 -21.54 11.95 -1.32
N GLU A 865 -21.66 11.37 -0.13
CA GLU A 865 -20.86 10.22 0.24
C GLU A 865 -21.32 8.93 -0.41
N ASP A 866 -22.57 8.87 -0.89
CA ASP A 866 -23.03 7.69 -1.59
C ASP A 866 -22.26 7.47 -2.89
N ILE A 867 -21.97 8.56 -3.60
CA ILE A 867 -21.19 8.45 -4.83
C ILE A 867 -19.78 7.97 -4.53
N THR A 868 -19.20 8.41 -3.42
CA THR A 868 -17.85 7.98 -3.04
C THR A 868 -17.86 6.53 -2.56
N GLU A 869 -18.96 6.07 -1.98
CA GLU A 869 -19.05 4.71 -1.48
C GLU A 869 -19.65 3.74 -2.49
N GLY A 870 -20.04 4.21 -3.66
CA GLY A 870 -20.61 3.34 -4.67
C GLY A 870 -21.94 2.72 -4.30
N LYS A 871 -22.84 3.49 -3.71
CA LYS A 871 -24.12 2.98 -3.26
C LYS A 871 -25.14 3.00 -4.39
N PHE A 872 -26.24 2.26 -4.18
CA PHE A 872 -27.38 2.23 -5.08
C PHE A 872 -28.60 2.74 -4.31
N SER A 873 -28.87 4.04 -4.44
CA SER A 873 -30.00 4.67 -3.77
C SER A 873 -31.17 4.80 -4.73
N PHE A 874 -32.26 5.39 -4.24
CA PHE A 874 -33.47 5.55 -5.04
C PHE A 874 -33.25 6.41 -6.28
N PRO A 875 -32.77 7.67 -6.18
CA PRO A 875 -32.55 8.45 -7.40
C PRO A 875 -31.50 7.85 -8.32
N ILE A 876 -30.46 7.23 -7.77
CA ILE A 876 -29.44 6.60 -8.59
C ILE A 876 -30.05 5.45 -9.38
N ILE A 877 -30.89 4.64 -8.74
CA ILE A 877 -31.55 3.55 -9.43
C ILE A 877 -32.42 4.08 -10.56
N HIS A 878 -33.20 5.13 -10.28
CA HIS A 878 -34.06 5.69 -11.33
C HIS A 878 -33.24 6.22 -12.50
N SER A 879 -32.15 6.94 -12.21
CA SER A 879 -31.33 7.51 -13.27
C SER A 879 -30.67 6.41 -14.10
N ILE A 880 -30.21 5.34 -13.48
CA ILE A 880 -29.58 4.25 -14.22
C ILE A 880 -30.61 3.52 -15.07
N ARG A 881 -31.79 3.24 -14.52
CA ARG A 881 -32.75 2.43 -15.24
C ARG A 881 -33.51 3.19 -16.31
N THR A 882 -33.56 4.53 -16.24
CA THR A 882 -34.34 5.26 -17.22
C THR A 882 -33.65 5.37 -18.57
N LYS A 883 -32.32 5.25 -18.62
CA LYS A 883 -31.54 5.36 -19.85
C LYS A 883 -30.55 4.20 -19.89
N PRO A 884 -31.02 2.99 -20.22
CA PRO A 884 -30.14 1.83 -20.14
C PRO A 884 -28.97 1.86 -21.11
N GLY A 885 -29.03 2.68 -22.16
CA GLY A 885 -27.93 2.76 -23.10
C GLY A 885 -26.77 3.63 -22.68
N ASN A 886 -26.94 4.42 -21.63
CA ASN A 886 -25.89 5.28 -21.12
C ASN A 886 -25.29 4.66 -19.86
N ARG A 887 -23.96 4.62 -19.79
CA ARG A 887 -23.26 3.97 -18.70
C ARG A 887 -22.22 4.90 -18.09
N GLN A 888 -22.64 6.13 -17.79
CA GLN A 888 -21.74 7.09 -17.14
C GLN A 888 -21.86 7.05 -15.62
N LEU A 889 -23.09 7.05 -15.10
CA LEU A 889 -23.28 7.03 -13.65
C LEU A 889 -22.76 5.74 -13.03
N ILE A 890 -22.96 4.61 -13.71
CA ILE A 890 -22.50 3.33 -13.17
C ILE A 890 -20.98 3.29 -13.14
N ASN A 891 -20.32 3.85 -14.16
CA ASN A 891 -18.87 3.92 -14.15
C ASN A 891 -18.37 4.85 -13.05
N VAL A 892 -19.06 5.98 -12.84
CA VAL A 892 -18.70 6.89 -11.76
C VAL A 892 -18.80 6.19 -10.42
N LEU A 893 -19.86 5.40 -10.23
CA LEU A 893 -20.00 4.63 -9.00
C LEU A 893 -18.87 3.61 -8.84
N ARG A 894 -18.50 2.94 -9.94
CA ARG A 894 -17.42 1.96 -9.87
C ARG A 894 -16.08 2.61 -9.53
N GLN A 895 -15.81 3.83 -9.95
CA GLN A 895 -14.46 4.40 -9.73
C GLN A 895 -14.23 4.78 -8.27
N LYS A 896 -15.29 5.08 -7.53
CA LYS A 896 -15.15 5.38 -6.10
C LYS A 896 -14.19 6.56 -5.88
N SER A 897 -14.59 7.72 -6.39
CA SER A 897 -13.73 8.89 -6.41
C SER A 897 -14.11 9.87 -5.30
N LYS A 898 -13.10 10.56 -4.78
CA LYS A 898 -13.27 11.56 -3.74
C LYS A 898 -13.24 12.99 -4.28
N GLU A 899 -13.13 13.17 -5.59
CA GLU A 899 -13.03 14.51 -6.16
C GLU A 899 -14.40 15.17 -6.23
N ASP A 900 -14.39 16.50 -6.15
CA ASP A 900 -15.63 17.27 -6.19
C ASP A 900 -16.19 17.38 -7.60
N ASP A 901 -15.32 17.38 -8.61
CA ASP A 901 -15.79 17.51 -9.99
C ASP A 901 -16.66 16.32 -10.39
N VAL A 902 -16.25 15.11 -10.00
CA VAL A 902 -17.04 13.92 -10.32
C VAL A 902 -18.40 13.98 -9.64
N LYS A 903 -18.44 14.43 -8.39
CA LYS A 903 -19.71 14.55 -7.68
C LYS A 903 -20.63 15.58 -8.34
N ARG A 904 -20.07 16.72 -8.74
CA ARG A 904 -20.87 17.72 -9.42
C ARG A 904 -21.39 17.19 -10.76
N PHE A 905 -20.57 16.45 -11.49
CA PHE A 905 -21.01 15.86 -12.74
C PHE A 905 -22.14 14.87 -12.51
N ALA A 906 -22.03 14.05 -11.46
CA ALA A 906 -23.08 13.09 -11.14
C ALA A 906 -24.39 13.79 -10.80
N LEU A 907 -24.31 14.86 -10.02
CA LEU A 907 -25.51 15.62 -9.69
C LEU A 907 -26.15 16.23 -10.93
N ALA A 908 -25.33 16.79 -11.82
CA ALA A 908 -25.86 17.37 -13.06
C ALA A 908 -26.52 16.31 -13.92
N TYR A 909 -25.89 15.14 -14.04
CA TYR A 909 -26.48 14.06 -14.83
C TYR A 909 -27.80 13.59 -14.24
N MET A 910 -27.87 13.47 -12.91
CA MET A 910 -29.11 13.07 -12.27
C MET A 910 -30.19 14.13 -12.45
N GLU A 911 -29.81 15.41 -12.50
CA GLU A 911 -30.78 16.45 -12.77
C GLU A 911 -31.28 16.40 -14.21
N SER A 912 -30.42 15.98 -15.14
CA SER A 912 -30.86 15.82 -16.52
C SER A 912 -31.92 14.74 -16.67
N THR A 913 -31.78 13.64 -15.92
CA THR A 913 -32.75 12.55 -15.95
C THR A 913 -34.07 12.93 -15.28
N GLN A 914 -34.07 13.95 -14.43
CA GLN A 914 -35.25 14.35 -13.64
C GLN A 914 -35.65 13.24 -12.67
N SER A 915 -34.73 12.93 -11.76
CA SER A 915 -34.95 11.90 -10.74
C SER A 915 -35.49 12.47 -9.44
N PHE A 916 -35.04 13.67 -9.07
CA PHE A 916 -35.46 14.28 -7.82
C PHE A 916 -36.95 14.60 -7.84
N ASP A 917 -37.47 15.03 -8.99
CA ASP A 917 -38.91 15.25 -9.12
C ASP A 917 -39.69 13.95 -8.94
N TYR A 918 -39.17 12.87 -9.52
CA TYR A 918 -39.79 11.56 -9.35
C TYR A 918 -39.84 11.17 -7.87
N THR A 919 -38.73 11.37 -7.16
CA THR A 919 -38.71 11.06 -5.73
C THR A 919 -39.70 11.90 -4.95
N ARG A 920 -39.80 13.20 -5.27
CA ARG A 920 -40.73 14.07 -4.57
C ARG A 920 -42.17 13.63 -4.78
N ASP A 921 -42.53 13.34 -6.02
CA ASP A 921 -43.88 12.86 -6.34
C ASP A 921 -44.17 11.52 -5.64
N PHE A 922 -43.22 10.59 -5.58
CA PHE A 922 -43.35 9.34 -4.86
C PHE A 922 -43.66 9.58 -3.39
N VAL A 923 -42.85 10.44 -2.75
CA VAL A 923 -43.01 10.70 -1.33
C VAL A 923 -44.34 11.38 -1.04
N LYS A 924 -44.79 12.27 -1.95
CA LYS A 924 -46.07 12.94 -1.74
C LYS A 924 -47.22 11.95 -1.75
N ILE A 925 -47.22 11.02 -2.71
CA ILE A 925 -48.29 10.02 -2.76
C ILE A 925 -48.25 9.15 -1.52
N LEU A 926 -47.05 8.74 -1.10
CA LEU A 926 -46.93 7.91 0.09
C LEU A 926 -47.43 8.63 1.34
N ASN A 927 -47.14 9.93 1.45
CA ASN A 927 -47.61 10.71 2.59
C ASN A 927 -49.13 10.79 2.61
N GLY A 928 -49.75 10.99 1.44
CA GLY A 928 -51.19 10.99 1.38
C GLY A 928 -51.79 9.67 1.83
N GLU A 929 -51.21 8.56 1.39
CA GLU A 929 -51.71 7.25 1.82
C GLU A 929 -51.52 7.06 3.32
N ALA A 930 -50.40 7.52 3.86
CA ALA A 930 -50.16 7.39 5.30
C ALA A 930 -51.18 8.18 6.10
N LEU A 931 -51.52 9.39 5.65
CA LEU A 931 -52.53 10.16 6.35
C LEU A 931 -53.90 9.49 6.27
N ARG A 932 -54.23 8.91 5.12
CA ARG A 932 -55.49 8.16 5.01
C ARG A 932 -55.50 6.99 5.97
N MET A 933 -54.39 6.27 6.07
CA MET A 933 -54.30 5.15 7.01
C MET A 933 -54.48 5.61 8.45
N ILE A 934 -53.88 6.74 8.81
CA ILE A 934 -54.03 7.28 10.15
C ILE A 934 -55.48 7.62 10.44
N GLU A 935 -56.16 8.25 9.48
CA GLU A 935 -57.56 8.63 9.70
C GLU A 935 -58.47 7.41 9.75
N ASP A 936 -58.09 6.32 9.08
CA ASP A 936 -58.91 5.11 9.16
C ASP A 936 -58.91 4.54 10.58
N LEU A 937 -57.78 4.65 11.29
CA LEU A 937 -57.68 4.08 12.63
C LEU A 937 -58.50 4.87 13.65
N GLU A 938 -58.59 6.19 13.48
CA GLU A 938 -59.25 7.03 14.48
C GLU A 938 -60.75 6.82 14.53
N GLN A 939 -61.36 6.31 13.47
CA GLN A 939 -62.78 5.98 13.48
C GLN A 939 -63.07 4.61 14.10
N GLN A 940 -62.05 3.89 14.54
CA GLN A 940 -62.25 2.63 15.24
C GLN A 940 -62.25 2.78 16.75
N GLY A 941 -62.10 3.99 17.28
CA GLY A 941 -62.25 4.19 18.71
C GLY A 941 -61.16 5.00 19.39
N LEU A 942 -60.17 5.46 18.64
CA LEU A 942 -59.04 6.18 19.21
C LEU A 942 -59.21 7.68 19.02
N HIS A 943 -58.36 8.45 19.71
CA HIS A 943 -58.41 9.90 19.69
C HIS A 943 -57.47 10.45 18.62
N ARG A 944 -57.46 11.77 18.52
CA ARG A 944 -56.63 12.48 17.52
C ARG A 944 -55.19 12.52 17.99
N ASN A 945 -54.24 12.27 17.10
CA ASN A 945 -52.83 12.21 17.43
C ASN A 945 -52.10 13.33 16.70
N ILE A 946 -51.70 14.36 17.46
CA ILE A 946 -50.95 15.46 16.87
C ILE A 946 -49.51 15.05 16.59
N GLU A 947 -48.92 14.23 17.47
CA GLU A 947 -47.49 13.93 17.39
C GLU A 947 -47.15 13.18 16.12
N ILE A 948 -47.95 12.20 15.73
CA ILE A 948 -47.66 11.44 14.52
C ILE A 948 -47.82 12.32 13.29
N ARG A 949 -48.78 13.24 13.31
CA ARG A 949 -48.93 14.19 12.21
C ARG A 949 -47.73 15.11 12.10
N ASN A 950 -47.20 15.56 13.24
CA ASN A 950 -45.99 16.40 13.22
C ASN A 950 -44.80 15.63 12.66
N ILE A 951 -44.64 14.38 13.09
CA ILE A 951 -43.54 13.55 12.58
C ILE A 951 -43.68 13.38 11.07
N LEU A 952 -44.89 13.10 10.60
CA LEU A 952 -45.11 12.93 9.17
C LEU A 952 -44.85 14.21 8.40
N ALA A 953 -45.30 15.36 8.93
CA ALA A 953 -45.19 16.61 8.19
C ALA A 953 -43.78 17.17 8.24
N ARG A 954 -42.95 16.75 9.19
CA ARG A 954 -41.58 17.24 9.23
C ARG A 954 -40.79 16.82 7.99
N MET A 955 -41.04 15.63 7.47
CA MET A 955 -40.30 15.10 6.33
C MET A 955 -41.10 15.27 5.03
N SER A 956 -41.10 16.49 4.53
CA SER A 956 -41.67 16.80 3.23
C SER A 956 -40.58 17.39 2.37
N LEU A 957 -40.38 16.81 1.19
CA LEU A 957 -39.32 17.23 0.28
C LEU A 957 -39.75 18.40 -0.60
N GLU A 958 -40.98 18.88 -0.45
CA GLU A 958 -41.44 20.02 -1.24
C GLU A 958 -40.65 21.26 -0.87
N ALA B 645 -46.29 4.20 -14.98
CA ALA B 645 -46.45 5.52 -14.37
C ALA B 645 -46.12 5.48 -12.88
N ILE B 646 -46.16 6.64 -12.24
CA ILE B 646 -45.90 6.71 -10.80
C ILE B 646 -47.00 5.99 -10.03
N SER B 647 -48.24 6.06 -10.52
CA SER B 647 -49.36 5.50 -9.78
C SER B 647 -49.21 4.00 -9.57
N ASP B 648 -48.80 3.27 -10.62
CA ASP B 648 -48.64 1.82 -10.49
C ASP B 648 -47.55 1.46 -9.49
N HIS B 649 -46.42 2.18 -9.55
CA HIS B 649 -45.33 1.89 -8.62
C HIS B 649 -45.73 2.17 -7.19
N THR B 650 -46.40 3.30 -6.95
CA THR B 650 -46.86 3.62 -5.60
C THR B 650 -47.87 2.60 -5.10
N SER B 651 -48.80 2.18 -5.97
CA SER B 651 -49.77 1.18 -5.57
C SER B 651 -49.10 -0.15 -5.22
N ARG B 652 -48.11 -0.55 -6.01
CA ARG B 652 -47.39 -1.78 -5.71
C ARG B 652 -46.65 -1.69 -4.38
N ALA B 653 -46.01 -0.54 -4.11
CA ALA B 653 -45.32 -0.36 -2.83
C ALA B 653 -46.29 -0.43 -1.67
N ILE B 654 -47.45 0.23 -1.80
CA ILE B 654 -48.45 0.23 -0.73
C ILE B 654 -48.98 -1.18 -0.50
N ASP B 655 -49.27 -1.91 -1.57
CA ASP B 655 -49.76 -3.28 -1.44
C ASP B 655 -48.72 -4.18 -0.78
N LEU B 656 -47.45 -4.01 -1.14
CA LEU B 656 -46.40 -4.79 -0.50
C LEU B 656 -46.28 -4.44 0.98
N CYS B 657 -46.53 -3.17 1.33
CA CYS B 657 -46.58 -2.81 2.75
C CYS B 657 -47.73 -3.52 3.45
N ARG B 658 -48.88 -3.62 2.80
CA ARG B 658 -50.03 -4.29 3.43
C ARG B 658 -49.81 -5.79 3.53
N ASN B 659 -49.31 -6.42 2.47
CA ASN B 659 -49.04 -7.85 2.45
C ASN B 659 -47.57 -8.10 2.15
N PRO B 660 -46.74 -8.37 3.16
CA PRO B 660 -45.30 -8.50 2.90
C PRO B 660 -45.01 -9.74 2.08
N PRO B 661 -43.92 -9.73 1.30
CA PRO B 661 -43.60 -10.87 0.45
C PRO B 661 -43.04 -12.06 1.22
N LEU B 662 -42.62 -13.10 0.49
CA LEU B 662 -42.09 -14.32 1.07
C LEU B 662 -40.62 -14.45 0.71
N TRP B 663 -39.83 -14.97 1.65
CA TRP B 663 -38.41 -15.18 1.42
C TRP B 663 -38.20 -16.33 0.44
N GLY B 664 -37.22 -16.16 -0.46
CA GLY B 664 -36.93 -17.13 -1.49
C GLY B 664 -35.75 -18.01 -1.16
N THR B 665 -35.45 -18.90 -2.10
CA THR B 665 -34.33 -19.82 -1.97
C THR B 665 -33.05 -19.26 -2.61
N ASP B 666 -33.19 -18.49 -3.69
CA ASP B 666 -32.02 -17.91 -4.33
C ASP B 666 -31.31 -16.93 -3.40
N GLN B 667 -32.07 -16.10 -2.69
CA GLN B 667 -31.46 -15.12 -1.80
C GLN B 667 -30.81 -15.79 -0.60
N GLU B 668 -31.43 -16.84 -0.07
CA GLU B 668 -30.82 -17.59 1.02
C GLU B 668 -29.54 -18.27 0.56
N GLN B 669 -29.51 -18.75 -0.68
CA GLN B 669 -28.29 -19.39 -1.23
C GLN B 669 -27.22 -18.32 -1.44
N THR B 670 -27.60 -17.11 -1.78
CA THR B 670 -26.63 -16.03 -1.90
C THR B 670 -26.04 -15.66 -0.54
N LEU B 671 -26.89 -15.58 0.49
CA LEU B 671 -26.43 -15.15 1.80
C LEU B 671 -25.61 -16.20 2.54
N LEU B 672 -25.74 -17.47 2.16
CA LEU B 672 -25.07 -18.57 2.84
C LEU B 672 -23.88 -19.11 2.03
N GLY B 673 -23.16 -18.22 1.36
CA GLY B 673 -22.04 -18.61 0.54
C GLY B 673 -20.82 -19.05 1.34
N PRO B 674 -20.23 -18.12 2.10
CA PRO B 674 -19.05 -18.47 2.89
C PRO B 674 -19.28 -19.61 3.86
N PHE B 675 -20.48 -19.70 4.43
CA PHE B 675 -20.79 -20.79 5.35
C PHE B 675 -20.68 -22.14 4.65
N GLU B 676 -21.28 -22.26 3.46
CA GLU B 676 -21.18 -23.52 2.72
C GLU B 676 -19.76 -23.78 2.25
N TYR B 677 -19.03 -22.73 1.88
CA TYR B 677 -17.65 -22.92 1.46
C TYR B 677 -16.80 -23.52 2.57
N LEU B 678 -16.96 -23.01 3.80
CA LEU B 678 -16.19 -23.57 4.91
C LEU B 678 -16.73 -24.91 5.36
N GLU B 679 -18.03 -25.14 5.19
CA GLU B 679 -18.62 -26.41 5.59
C GLU B 679 -18.26 -27.56 4.65
N SER B 680 -17.93 -27.26 3.39
CA SER B 680 -17.61 -28.32 2.44
C SER B 680 -16.25 -28.96 2.72
N ILE B 681 -15.37 -28.29 3.43
CA ILE B 681 -14.03 -28.83 3.70
C ILE B 681 -14.10 -29.80 4.86
N PRO B 682 -13.60 -31.02 4.72
CA PRO B 682 -13.65 -31.99 5.82
C PRO B 682 -12.78 -31.56 7.00
N GLY B 683 -13.21 -31.95 8.19
CA GLY B 683 -12.53 -31.57 9.41
C GLY B 683 -12.43 -32.74 10.37
N LYS B 684 -11.84 -32.47 11.54
CA LYS B 684 -11.64 -33.50 12.54
C LYS B 684 -12.95 -33.96 13.15
N ASN B 685 -13.87 -33.03 13.42
CA ASN B 685 -15.16 -33.31 14.03
C ASN B 685 -15.00 -34.00 15.40
N ILE B 686 -14.39 -33.24 16.32
CA ILE B 686 -14.22 -33.75 17.68
C ILE B 686 -15.51 -33.59 18.49
N ARG B 687 -16.33 -32.59 18.17
CA ARG B 687 -17.54 -32.34 18.95
C ARG B 687 -18.58 -33.43 18.74
N SER B 688 -18.64 -34.03 17.55
CA SER B 688 -19.55 -35.15 17.33
C SER B 688 -19.18 -36.33 18.23
N GLN B 689 -17.89 -36.64 18.32
CA GLN B 689 -17.44 -37.70 19.22
C GLN B 689 -17.71 -37.34 20.67
N PHE B 690 -17.54 -36.06 21.02
CA PHE B 690 -17.83 -35.61 22.37
C PHE B 690 -19.30 -35.82 22.73
N ILE B 691 -20.19 -35.53 21.78
CA ILE B 691 -21.62 -35.71 22.02
C ILE B 691 -21.97 -37.20 22.09
N GLU B 692 -21.39 -38.01 21.20
CA GLU B 692 -21.69 -39.43 21.17
C GLU B 692 -21.11 -40.17 22.39
N ALA B 693 -20.07 -39.63 23.01
CA ALA B 693 -19.49 -40.27 24.18
C ALA B 693 -20.36 -40.10 25.42
N PHE B 694 -20.94 -38.91 25.59
CA PHE B 694 -21.80 -38.64 26.73
C PHE B 694 -23.18 -39.26 26.59
N ASN B 695 -23.61 -39.60 25.38
CA ASN B 695 -24.92 -40.18 25.17
C ASN B 695 -25.07 -41.55 25.81
N THR B 696 -23.95 -42.25 26.06
CA THR B 696 -24.02 -43.53 26.74
C THR B 696 -24.58 -43.37 28.15
N TRP B 697 -24.17 -42.31 28.85
CA TRP B 697 -24.68 -42.06 30.19
C TRP B 697 -26.10 -41.52 30.20
N LEU B 698 -26.50 -40.80 29.16
CA LEU B 698 -27.80 -40.13 29.14
C LEU B 698 -28.87 -40.92 28.40
N GLN B 699 -28.55 -41.49 27.23
CA GLN B 699 -29.45 -42.37 26.48
C GLN B 699 -30.75 -41.65 26.11
N ILE B 700 -30.61 -40.66 25.24
CA ILE B 700 -31.75 -39.87 24.76
C ILE B 700 -32.11 -40.35 23.35
N PRO B 701 -33.30 -40.03 22.85
CA PRO B 701 -33.67 -40.45 21.49
C PRO B 701 -32.77 -39.84 20.43
N GLN B 702 -32.93 -40.32 19.20
CA GLN B 702 -32.03 -39.96 18.11
C GLN B 702 -32.28 -38.55 17.59
N ASP B 703 -33.57 -38.18 17.42
CA ASP B 703 -33.88 -36.90 16.79
C ASP B 703 -33.31 -35.73 17.58
N HIS B 704 -33.39 -35.79 18.91
CA HIS B 704 -32.78 -34.76 19.74
C HIS B 704 -31.28 -34.69 19.49
N LEU B 705 -30.64 -35.86 19.33
CA LEU B 705 -29.21 -35.88 19.07
C LEU B 705 -28.87 -35.19 17.75
N GLN B 706 -29.66 -35.46 16.70
CA GLN B 706 -29.41 -34.80 15.42
C GLN B 706 -29.60 -33.30 15.52
N ILE B 707 -30.65 -32.85 16.21
CA ILE B 707 -30.90 -31.42 16.34
C ILE B 707 -29.73 -30.74 17.06
N VAL B 708 -29.30 -31.32 18.17
CA VAL B 708 -28.21 -30.72 18.95
C VAL B 708 -26.92 -30.68 18.14
N GLY B 709 -26.61 -31.78 17.44
CA GLY B 709 -25.41 -31.79 16.61
C GLY B 709 -25.43 -30.74 15.53
N LYS B 710 -26.59 -30.57 14.88
CA LYS B 710 -26.71 -29.55 13.84
C LYS B 710 -26.48 -28.16 14.41
N VAL B 711 -27.07 -27.86 15.57
CA VAL B 711 -26.92 -26.54 16.17
C VAL B 711 -25.46 -26.28 16.52
N ILE B 712 -24.80 -27.27 17.12
CA ILE B 712 -23.41 -27.10 17.54
C ILE B 712 -22.51 -26.88 16.34
N SER B 713 -22.74 -27.64 15.25
CA SER B 713 -21.93 -27.47 14.05
C SER B 713 -22.10 -26.07 13.45
N MET B 714 -23.35 -25.58 13.37
CA MET B 714 -23.58 -24.23 12.87
C MET B 714 -22.80 -23.21 13.69
N LEU B 715 -22.94 -23.28 15.01
CA LEU B 715 -22.26 -22.30 15.87
C LEU B 715 -20.75 -22.36 15.71
N HIS B 716 -20.19 -23.57 15.65
CA HIS B 716 -18.75 -23.72 15.52
C HIS B 716 -18.24 -23.12 14.22
N THR B 717 -18.93 -23.39 13.10
CA THR B 717 -18.47 -22.86 11.82
C THR B 717 -18.56 -21.34 11.78
N ALA B 718 -19.65 -20.77 12.30
CA ALA B 718 -19.76 -19.31 12.32
C ALA B 718 -18.65 -18.68 13.16
N SER B 719 -18.38 -19.27 14.33
CA SER B 719 -17.30 -18.76 15.17
C SER B 719 -15.96 -18.85 14.45
N LEU B 720 -15.74 -19.94 13.70
CA LEU B 720 -14.51 -20.08 12.94
C LEU B 720 -14.36 -18.98 11.91
N LEU B 721 -15.44 -18.66 11.18
CA LEU B 721 -15.39 -17.57 10.21
C LEU B 721 -14.99 -16.26 10.87
N VAL B 722 -15.66 -15.91 11.97
CA VAL B 722 -15.38 -14.63 12.63
C VAL B 722 -13.95 -14.60 13.17
N ASP B 723 -13.52 -15.70 13.78
CA ASP B 723 -12.18 -15.76 14.37
C ASP B 723 -11.11 -15.62 13.29
N ASP B 724 -11.29 -16.31 12.15
CA ASP B 724 -10.33 -16.21 11.07
C ASP B 724 -10.26 -14.80 10.51
N ILE B 725 -11.40 -14.10 10.44
CA ILE B 725 -11.35 -12.70 10.03
C ILE B 725 -10.58 -11.87 11.04
N GLU B 726 -10.83 -12.09 12.34
CA GLU B 726 -10.25 -11.22 13.36
C GLU B 726 -8.75 -11.42 13.53
N ASP B 727 -8.25 -12.65 13.40
CA ASP B 727 -6.84 -12.94 13.65
C ASP B 727 -5.96 -12.72 12.43
N ASN B 728 -6.55 -12.38 11.27
CA ASN B 728 -5.80 -12.11 10.04
C ASN B 728 -4.97 -13.33 9.64
N SER B 729 -5.68 -14.43 9.38
CA SER B 729 -5.07 -15.66 8.93
C SER B 729 -5.10 -15.76 7.41
N LEU B 730 -4.41 -16.77 6.89
CA LEU B 730 -4.31 -16.97 5.45
C LEU B 730 -4.83 -18.32 4.99
N LEU B 731 -4.73 -19.35 5.82
CA LEU B 731 -5.15 -20.69 5.44
C LEU B 731 -5.95 -21.32 6.58
N ARG B 732 -6.95 -22.12 6.20
CA ARG B 732 -7.69 -22.93 7.15
C ARG B 732 -7.94 -24.30 6.53
N ARG B 733 -7.56 -25.35 7.25
CA ARG B 733 -7.68 -26.73 6.77
C ARG B 733 -6.94 -26.93 5.45
N GLY B 734 -5.84 -26.22 5.26
CA GLY B 734 -5.07 -26.32 4.03
C GLY B 734 -5.66 -25.60 2.84
N GLN B 735 -6.70 -24.80 3.04
CA GLN B 735 -7.40 -24.10 1.99
C GLN B 735 -7.45 -22.62 2.30
N PRO B 736 -7.62 -21.77 1.29
CA PRO B 736 -7.71 -20.33 1.56
C PRO B 736 -8.90 -19.99 2.45
N VAL B 737 -8.74 -18.90 3.22
CA VAL B 737 -9.81 -18.46 4.09
C VAL B 737 -10.98 -17.93 3.27
N ALA B 738 -12.13 -17.82 3.94
CA ALA B 738 -13.35 -17.42 3.24
C ALA B 738 -13.29 -15.96 2.81
N HIS B 739 -12.66 -15.10 3.61
CA HIS B 739 -12.63 -13.69 3.28
C HIS B 739 -11.54 -13.34 2.28
N SER B 740 -10.72 -14.31 1.87
CA SER B 740 -9.84 -14.15 0.74
C SER B 740 -10.54 -14.39 -0.59
N ILE B 741 -11.80 -14.82 -0.55
CA ILE B 741 -12.60 -15.07 -1.73
C ILE B 741 -13.83 -14.16 -1.78
N PHE B 742 -14.59 -14.13 -0.68
CA PHE B 742 -15.86 -13.41 -0.63
C PHE B 742 -15.75 -12.01 -0.05
N GLY B 743 -14.60 -11.62 0.48
CA GLY B 743 -14.49 -10.37 1.20
C GLY B 743 -14.85 -10.51 2.66
N THR B 744 -14.81 -9.38 3.36
CA THR B 744 -15.01 -9.38 4.82
C THR B 744 -16.47 -9.16 5.21
N ALA B 745 -17.15 -8.21 4.54
CA ALA B 745 -18.52 -7.89 4.92
C ALA B 745 -19.45 -9.09 4.73
N GLN B 746 -19.31 -9.80 3.62
CA GLN B 746 -20.16 -10.96 3.37
C GLN B 746 -19.95 -12.04 4.42
N THR B 747 -18.69 -12.29 4.79
CA THR B 747 -18.40 -13.30 5.80
C THR B 747 -18.96 -12.91 7.17
N PHE B 748 -18.82 -11.63 7.55
CA PHE B 748 -19.40 -11.15 8.80
C PHE B 748 -20.91 -11.37 8.81
N ASN B 749 -21.58 -10.95 7.73
CA ASN B 749 -23.02 -11.09 7.66
C ASN B 749 -23.45 -12.55 7.73
N SER B 750 -22.74 -13.42 7.02
CA SER B 750 -23.08 -14.84 7.02
C SER B 750 -22.92 -15.44 8.41
N GLY B 751 -21.85 -15.09 9.12
CA GLY B 751 -21.68 -15.61 10.47
C GLY B 751 -22.79 -15.20 11.41
N ASN B 752 -23.14 -13.91 11.40
CA ASN B 752 -24.22 -13.46 12.28
C ASN B 752 -25.56 -14.08 11.89
N TYR B 753 -25.82 -14.19 10.59
CA TYR B 753 -27.05 -14.80 10.11
C TYR B 753 -27.15 -16.25 10.58
N VAL B 754 -26.03 -16.98 10.56
CA VAL B 754 -26.04 -18.37 11.02
C VAL B 754 -26.27 -18.43 12.53
N TYR B 755 -25.69 -17.48 13.28
CA TYR B 755 -25.99 -17.40 14.72
C TYR B 755 -27.49 -17.34 14.96
N PHE B 756 -28.17 -16.43 14.26
CA PHE B 756 -29.59 -16.25 14.54
C PHE B 756 -30.45 -17.36 13.95
N LEU B 757 -30.01 -17.99 12.87
CA LEU B 757 -30.70 -19.18 12.39
C LEU B 757 -30.61 -20.32 13.41
N ALA B 758 -29.44 -20.48 14.02
CA ALA B 758 -29.29 -21.49 15.08
C ALA B 758 -30.18 -21.17 16.27
N LEU B 759 -30.30 -19.89 16.61
CA LEU B 759 -31.22 -19.51 17.69
C LEU B 759 -32.66 -19.85 17.32
N GLN B 760 -33.02 -19.66 16.05
CA GLN B 760 -34.37 -20.03 15.61
C GLN B 760 -34.59 -21.53 15.71
N GLU B 761 -33.55 -22.33 15.44
CA GLU B 761 -33.72 -23.79 15.48
C GLU B 761 -33.95 -24.30 16.89
N VAL B 762 -33.41 -23.61 17.91
CA VAL B 762 -33.59 -24.04 19.29
C VAL B 762 -35.04 -23.86 19.72
N GLN B 763 -35.70 -22.81 19.25
CA GLN B 763 -37.04 -22.46 19.69
C GLN B 763 -38.06 -23.56 19.45
N LYS B 764 -37.81 -24.46 18.48
CA LYS B 764 -38.76 -25.52 18.20
C LYS B 764 -38.81 -26.59 19.28
N LEU B 765 -37.83 -26.58 20.20
CA LEU B 765 -37.82 -27.58 21.26
C LEU B 765 -38.86 -27.31 22.34
N ASN B 766 -39.40 -26.09 22.38
CA ASN B 766 -40.41 -25.69 23.36
C ASN B 766 -39.89 -25.84 24.80
N SER B 767 -38.86 -25.06 25.10
CA SER B 767 -38.29 -25.04 26.44
C SER B 767 -37.57 -23.72 26.70
N PRO B 768 -38.02 -22.93 27.67
CA PRO B 768 -37.29 -21.68 28.00
C PRO B 768 -35.86 -21.89 28.45
N ARG B 769 -35.59 -23.03 29.10
CA ARG B 769 -34.23 -23.32 29.54
C ARG B 769 -33.26 -23.31 28.37
N ALA B 770 -33.69 -23.79 27.21
CA ALA B 770 -32.82 -23.77 26.03
C ALA B 770 -32.44 -22.35 25.66
N ILE B 771 -33.40 -21.43 25.69
CA ILE B 771 -33.10 -20.03 25.38
C ILE B 771 -32.12 -19.45 26.39
N SER B 772 -32.33 -19.73 27.67
CA SER B 772 -31.42 -19.23 28.69
C SER B 772 -29.99 -19.70 28.46
N ILE B 773 -29.83 -21.01 28.23
CA ILE B 773 -28.49 -21.56 28.02
C ILE B 773 -27.85 -20.98 26.76
N PHE B 774 -28.64 -20.85 25.69
CA PHE B 774 -28.11 -20.29 24.45
C PHE B 774 -27.58 -18.88 24.66
N VAL B 775 -28.36 -18.03 25.33
CA VAL B 775 -27.95 -16.66 25.55
C VAL B 775 -26.68 -16.60 26.39
N ASP B 776 -26.63 -17.39 27.47
CA ASP B 776 -25.45 -17.38 28.32
C ASP B 776 -24.19 -17.82 27.56
N ALA B 777 -24.32 -18.89 26.77
CA ALA B 777 -23.17 -19.39 26.03
C ALA B 777 -22.65 -18.37 25.02
N LEU B 778 -23.56 -17.70 24.30
CA LEU B 778 -23.13 -16.71 23.33
C LEU B 778 -22.46 -15.52 24.00
N THR B 779 -23.01 -15.07 25.13
CA THR B 779 -22.38 -13.99 25.88
C THR B 779 -20.96 -14.36 26.31
N GLN B 780 -20.78 -15.58 26.83
CA GLN B 780 -19.45 -16.01 27.25
C GLN B 780 -18.48 -16.06 26.07
N LEU B 781 -18.93 -16.57 24.93
CA LEU B 781 -18.06 -16.67 23.77
C LEU B 781 -17.58 -15.29 23.33
N HIS B 782 -18.50 -14.32 23.29
CA HIS B 782 -18.11 -12.98 22.88
C HIS B 782 -17.16 -12.34 23.89
N ARG B 783 -17.38 -12.57 25.18
CA ARG B 783 -16.45 -12.06 26.18
C ARG B 783 -15.04 -12.59 25.96
N GLY B 784 -14.92 -13.90 25.74
CA GLY B 784 -13.60 -14.49 25.54
C GLY B 784 -12.91 -13.96 24.30
N GLN B 785 -13.64 -13.88 23.18
CA GLN B 785 -13.05 -13.36 21.96
C GLN B 785 -12.57 -11.93 22.15
N GLY B 786 -13.39 -11.10 22.81
CA GLY B 786 -13.00 -9.72 23.02
C GLY B 786 -11.75 -9.57 23.86
N MET B 787 -11.66 -10.35 24.94
CA MET B 787 -10.45 -10.27 25.77
C MET B 787 -9.21 -10.71 25.01
N ASP B 788 -9.32 -11.78 24.21
CA ASP B 788 -8.19 -12.22 23.42
C ASP B 788 -7.73 -11.12 22.46
N VAL B 789 -8.67 -10.50 21.75
CA VAL B 789 -8.31 -9.47 20.80
C VAL B 789 -7.68 -8.28 21.50
N PHE B 790 -8.24 -7.88 22.66
CA PHE B 790 -7.69 -6.74 23.39
C PHE B 790 -6.26 -7.00 23.82
N TRP B 791 -5.99 -8.17 24.38
CA TRP B 791 -4.62 -8.48 24.80
C TRP B 791 -3.67 -8.51 23.62
N ARG B 792 -4.10 -9.09 22.50
CA ARG B 792 -3.20 -9.16 21.35
C ARG B 792 -2.90 -7.77 20.79
N ASP B 793 -3.92 -6.91 20.69
CA ASP B 793 -3.71 -5.61 20.05
C ASP B 793 -2.94 -4.66 20.94
N SER B 794 -3.19 -4.69 22.25
CA SER B 794 -2.56 -3.72 23.15
C SER B 794 -1.21 -4.18 23.68
N LEU B 795 -0.79 -5.41 23.39
CA LEU B 795 0.54 -5.93 23.75
C LEU B 795 0.75 -5.97 25.27
N ILE B 796 -0.16 -6.66 25.96
CA ILE B 796 -0.01 -6.98 27.37
C ILE B 796 -0.04 -8.49 27.52
N CYS B 797 0.95 -9.04 28.21
CA CYS B 797 1.01 -10.47 28.46
C CYS B 797 0.10 -10.82 29.62
N PRO B 798 -0.93 -11.65 29.43
CA PRO B 798 -1.79 -12.03 30.53
C PRO B 798 -1.11 -13.01 31.48
N THR B 799 -1.63 -13.06 32.71
CA THR B 799 -1.23 -14.06 33.66
C THR B 799 -1.87 -15.41 33.28
N GLU B 800 -1.37 -16.48 33.91
CA GLU B 800 -1.89 -17.81 33.61
C GLU B 800 -3.36 -17.92 33.98
N GLU B 801 -3.76 -17.36 35.13
CA GLU B 801 -5.16 -17.43 35.55
C GLU B 801 -6.07 -16.68 34.58
N GLU B 802 -5.65 -15.50 34.13
CA GLU B 802 -6.44 -14.74 33.16
C GLU B 802 -6.58 -15.50 31.85
N TYR B 803 -5.49 -16.11 31.39
CA TYR B 803 -5.56 -16.90 30.16
C TYR B 803 -6.51 -18.08 30.32
N LEU B 804 -6.47 -18.75 31.48
CA LEU B 804 -7.35 -19.88 31.71
C LEU B 804 -8.82 -19.45 31.76
N ASP B 805 -9.10 -18.30 32.38
CA ASP B 805 -10.47 -17.79 32.39
C ASP B 805 -10.95 -17.45 30.98
N MET B 806 -10.09 -16.82 30.18
CA MET B 806 -10.46 -16.50 28.80
C MET B 806 -10.71 -17.78 28.00
N VAL B 807 -9.88 -18.80 28.20
CA VAL B 807 -10.06 -20.07 27.49
C VAL B 807 -11.38 -20.72 27.89
N ALA B 808 -11.71 -20.69 29.18
CA ALA B 808 -12.98 -21.23 29.64
C ALA B 808 -14.15 -20.49 29.01
N ASN B 809 -14.04 -19.16 28.89
CA ASN B 809 -15.13 -18.39 28.28
C ASN B 809 -15.25 -18.68 26.78
N LYS B 810 -14.14 -18.87 26.09
CA LYS B 810 -14.13 -18.92 24.62
C LYS B 810 -14.36 -20.33 24.08
N THR B 811 -13.81 -21.35 24.73
CA THR B 811 -13.84 -22.72 24.20
C THR B 811 -14.84 -23.62 24.91
N GLY B 812 -14.88 -23.60 26.25
CA GLY B 812 -15.72 -24.53 26.97
C GLY B 812 -17.21 -24.23 26.91
N ALA B 813 -17.59 -23.03 26.47
CA ALA B 813 -18.99 -22.65 26.44
C ALA B 813 -19.78 -23.55 25.49
N LEU B 814 -19.22 -23.85 24.32
CA LEU B 814 -19.92 -24.71 23.36
C LEU B 814 -20.09 -26.12 23.91
N PHE B 815 -19.07 -26.66 24.56
CA PHE B 815 -19.19 -28.00 25.14
C PHE B 815 -20.25 -28.03 26.24
N CYS B 816 -20.26 -27.01 27.10
CA CYS B 816 -21.27 -26.95 28.16
C CYS B 816 -22.67 -26.84 27.58
N LEU B 817 -22.85 -26.02 26.56
CA LEU B 817 -24.16 -25.87 25.93
C LEU B 817 -24.61 -27.17 25.30
N ALA B 818 -23.68 -27.87 24.62
CA ALA B 818 -24.03 -29.15 24.01
C ALA B 818 -24.46 -30.17 25.05
N ILE B 819 -23.73 -30.25 26.16
CA ILE B 819 -24.07 -31.25 27.18
C ILE B 819 -25.40 -30.89 27.86
N GLU B 820 -25.63 -29.61 28.11
CA GLU B 820 -26.85 -29.21 28.81
C GLU B 820 -28.08 -29.30 27.94
N LEU B 821 -27.93 -29.15 26.62
CA LEU B 821 -29.09 -29.31 25.74
C LEU B 821 -29.59 -30.74 25.71
N LEU B 822 -28.70 -31.72 25.91
CA LEU B 822 -29.12 -33.11 25.91
C LEU B 822 -29.85 -33.50 27.18
N GLN B 823 -29.48 -32.89 28.32
CA GLN B 823 -30.03 -33.28 29.61
C GLN B 823 -31.49 -32.86 29.80
N ILE B 824 -32.04 -32.06 28.87
CA ILE B 824 -33.44 -31.68 28.98
C ILE B 824 -34.34 -32.91 28.89
N LYS B 825 -34.03 -33.81 27.97
CA LYS B 825 -34.86 -34.98 27.72
C LYS B 825 -34.32 -36.26 28.36
N SER B 826 -33.39 -36.14 29.31
CA SER B 826 -32.77 -37.29 29.94
C SER B 826 -33.29 -37.47 31.36
N THR B 827 -33.26 -38.71 31.83
CA THR B 827 -33.67 -39.06 33.18
C THR B 827 -32.51 -39.02 34.18
N VAL B 828 -31.29 -38.75 33.71
CA VAL B 828 -30.12 -38.62 34.56
C VAL B 828 -29.89 -37.14 34.81
N GLN B 829 -29.96 -36.73 36.07
CA GLN B 829 -29.87 -35.31 36.40
C GLN B 829 -28.72 -35.02 37.36
N LEU B 830 -27.54 -35.57 37.07
CA LEU B 830 -26.35 -35.29 37.85
C LEU B 830 -25.67 -34.04 37.30
N ASP B 831 -24.47 -33.73 37.78
CA ASP B 831 -23.73 -32.54 37.37
C ASP B 831 -22.48 -32.97 36.62
N PHE B 832 -22.42 -32.61 35.34
CA PHE B 832 -21.28 -32.94 34.48
C PHE B 832 -20.42 -31.74 34.15
N LEU B 833 -20.77 -30.55 34.64
CA LEU B 833 -20.09 -29.32 34.21
C LEU B 833 -18.60 -29.27 34.55
N PRO B 834 -18.16 -29.62 35.77
CA PRO B 834 -16.71 -29.58 36.03
C PRO B 834 -15.89 -30.43 35.08
N LEU B 835 -16.40 -31.61 34.73
CA LEU B 835 -15.67 -32.49 33.82
C LEU B 835 -15.55 -31.86 32.44
N VAL B 836 -16.63 -31.28 31.93
CA VAL B 836 -16.57 -30.69 30.60
C VAL B 836 -15.67 -29.45 30.59
N ARG B 837 -15.67 -28.67 31.67
CA ARG B 837 -14.77 -27.52 31.73
C ARG B 837 -13.30 -27.96 31.72
N LEU B 838 -12.97 -28.98 32.52
CA LEU B 838 -11.61 -29.49 32.52
C LEU B 838 -11.23 -30.04 31.15
N LEU B 839 -12.15 -30.73 30.49
CA LEU B 839 -11.87 -31.27 29.17
C LEU B 839 -11.63 -30.17 28.16
N GLY B 840 -12.40 -29.08 28.23
CA GLY B 840 -12.16 -27.96 27.33
C GLY B 840 -10.80 -27.32 27.55
N ILE B 841 -10.41 -27.15 28.80
CA ILE B 841 -9.08 -26.60 29.09
C ILE B 841 -7.98 -27.50 28.52
N ILE B 842 -8.13 -28.81 28.70
CA ILE B 842 -7.15 -29.75 28.15
C ILE B 842 -7.09 -29.65 26.64
N PHE B 843 -8.26 -29.59 25.99
CA PHE B 843 -8.33 -29.46 24.54
C PHE B 843 -7.53 -28.25 24.06
N GLN B 844 -7.79 -27.09 24.67
CA GLN B 844 -7.14 -25.87 24.21
C GLN B 844 -5.63 -25.91 24.45
N ILE B 845 -5.20 -26.42 25.61
CA ILE B 845 -3.77 -26.47 25.88
C ILE B 845 -3.06 -27.41 24.90
N CYS B 846 -3.68 -28.55 24.61
CA CYS B 846 -3.08 -29.49 23.66
C CYS B 846 -3.00 -28.87 22.27
N ASP B 847 -4.04 -28.15 21.86
CA ASP B 847 -4.00 -27.48 20.55
C ASP B 847 -2.88 -26.44 20.50
N ASP B 848 -2.74 -25.65 21.57
CA ASP B 848 -1.67 -24.64 21.61
C ASP B 848 -0.30 -25.28 21.52
N TYR B 849 -0.10 -26.41 22.21
CA TYR B 849 1.19 -27.09 22.14
C TYR B 849 1.43 -27.64 20.74
N LEU B 850 0.42 -28.27 20.13
CA LEU B 850 0.61 -28.91 18.85
C LEU B 850 0.73 -27.92 17.71
N ASN B 851 0.31 -26.66 17.90
CA ASN B 851 0.50 -25.66 16.86
C ASN B 851 1.98 -25.42 16.58
N LEU B 852 2.81 -25.34 17.62
CA LEU B 852 4.22 -25.03 17.48
C LEU B 852 5.07 -26.30 17.29
N LYS B 853 5.08 -27.16 18.28
CA LYS B 853 5.84 -28.43 18.18
C LYS B 853 4.93 -29.54 17.68
N SER B 854 5.47 -30.73 17.48
CA SER B 854 4.72 -31.88 17.00
C SER B 854 5.40 -33.18 17.44
N CYS B 864 4.14 -22.69 12.62
CA CYS B 864 4.21 -21.74 13.72
C CYS B 864 3.50 -20.44 13.37
N GLU B 865 2.19 -20.54 13.11
CA GLU B 865 1.41 -19.37 12.73
C GLU B 865 1.13 -18.45 13.90
N ASP B 866 1.20 -18.95 15.14
CA ASP B 866 0.99 -18.10 16.30
C ASP B 866 2.06 -17.01 16.39
N ILE B 867 3.30 -17.36 16.07
CA ILE B 867 4.39 -16.37 16.07
C ILE B 867 4.14 -15.31 15.00
N THR B 868 3.65 -15.72 13.83
CA THR B 868 3.36 -14.77 12.77
C THR B 868 2.20 -13.85 13.15
N GLU B 869 1.19 -14.39 13.83
CA GLU B 869 0.02 -13.60 14.19
C GLU B 869 0.16 -12.88 15.52
N GLY B 870 1.25 -13.09 16.26
CA GLY B 870 1.45 -12.41 17.52
C GLY B 870 0.57 -12.89 18.65
N LYS B 871 0.12 -14.13 18.61
CA LYS B 871 -0.76 -14.66 19.63
C LYS B 871 0.00 -14.95 20.93
N PHE B 872 -0.74 -14.93 22.03
CA PHE B 872 -0.22 -15.28 23.35
C PHE B 872 -0.78 -16.64 23.73
N SER B 873 0.06 -17.66 23.68
CA SER B 873 -0.33 -19.03 24.02
C SER B 873 0.27 -19.42 25.37
N PHE B 874 -0.02 -20.65 25.79
CA PHE B 874 0.46 -21.14 27.08
C PHE B 874 1.99 -21.16 27.15
N PRO B 875 2.71 -21.82 26.23
CA PRO B 875 4.17 -21.80 26.32
C PRO B 875 4.76 -20.41 26.15
N ILE B 876 4.14 -19.57 25.33
CA ILE B 876 4.66 -18.22 25.13
C ILE B 876 4.53 -17.40 26.40
N ILE B 877 3.39 -17.52 27.09
CA ILE B 877 3.22 -16.84 28.37
C ILE B 877 4.25 -17.34 29.37
N HIS B 878 4.45 -18.66 29.46
CA HIS B 878 5.43 -19.18 30.40
C HIS B 878 6.83 -18.67 30.10
N SER B 879 7.21 -18.65 28.81
CA SER B 879 8.54 -18.19 28.43
C SER B 879 8.72 -16.70 28.70
N ILE B 880 7.69 -15.89 28.48
CA ILE B 880 7.80 -14.46 28.73
C ILE B 880 7.90 -14.17 30.22
N ARG B 881 7.10 -14.86 31.03
CA ARG B 881 7.08 -14.58 32.47
C ARG B 881 8.20 -15.26 33.24
N THR B 882 8.89 -16.25 32.66
CA THR B 882 9.95 -16.92 33.40
C THR B 882 11.23 -16.09 33.46
N LYS B 883 11.46 -15.21 32.49
CA LYS B 883 12.64 -14.34 32.47
C LYS B 883 12.16 -12.93 32.14
N PRO B 884 11.62 -12.20 33.12
CA PRO B 884 11.04 -10.89 32.83
C PRO B 884 12.05 -9.85 32.37
N GLY B 885 13.34 -10.05 32.64
CA GLY B 885 14.35 -9.11 32.20
C GLY B 885 14.81 -9.27 30.78
N ASN B 886 14.34 -10.30 30.08
CA ASN B 886 14.69 -10.56 28.69
C ASN B 886 13.47 -10.28 27.82
N ARG B 887 13.68 -9.54 26.73
CA ARG B 887 12.58 -9.05 25.90
C ARG B 887 12.82 -9.36 24.43
N GLN B 888 13.15 -10.62 24.14
CA GLN B 888 13.32 -11.05 22.76
C GLN B 888 12.05 -11.65 22.18
N LEU B 889 11.36 -12.51 22.93
CA LEU B 889 10.14 -13.13 22.43
C LEU B 889 9.04 -12.11 22.22
N ILE B 890 8.95 -11.12 23.10
CA ILE B 890 7.91 -10.07 23.04
C ILE B 890 8.13 -9.21 21.81
N ASN B 891 9.37 -8.92 21.46
CA ASN B 891 9.70 -8.17 20.25
C ASN B 891 9.46 -9.01 18.99
N VAL B 892 9.79 -10.29 19.04
CA VAL B 892 9.54 -11.17 17.90
C VAL B 892 8.05 -11.24 17.61
N LEU B 893 7.23 -11.33 18.67
CA LEU B 893 5.79 -11.32 18.49
C LEU B 893 5.32 -10.00 17.88
N ARG B 894 5.89 -8.88 18.35
CA ARG B 894 5.49 -7.57 17.85
C ARG B 894 5.83 -7.39 16.37
N GLN B 895 6.89 -8.00 15.87
CA GLN B 895 7.30 -7.73 14.47
C GLN B 895 6.40 -8.44 13.48
N LYS B 896 5.74 -9.53 13.89
CA LYS B 896 4.86 -10.27 12.99
C LYS B 896 5.58 -10.72 11.73
N SER B 897 6.59 -11.56 11.93
CA SER B 897 7.45 -12.00 10.84
C SER B 897 6.94 -13.27 10.19
N LYS B 898 7.24 -13.42 8.90
CA LYS B 898 6.91 -14.62 8.15
C LYS B 898 8.15 -15.41 7.74
N GLU B 899 9.32 -15.07 8.27
CA GLU B 899 10.56 -15.74 7.91
C GLU B 899 10.77 -16.97 8.79
N ASP B 900 11.46 -17.96 8.22
CA ASP B 900 11.69 -19.21 8.93
C ASP B 900 12.75 -19.09 10.01
N ASP B 901 13.77 -18.26 9.81
CA ASP B 901 14.83 -18.12 10.79
C ASP B 901 14.31 -17.53 12.09
N VAL B 902 13.39 -16.55 12.00
CA VAL B 902 12.81 -15.97 13.21
C VAL B 902 12.02 -17.02 13.98
N LYS B 903 11.24 -17.84 13.27
CA LYS B 903 10.48 -18.89 13.94
C LYS B 903 11.38 -19.92 14.59
N ARG B 904 12.47 -20.30 13.91
CA ARG B 904 13.43 -21.23 14.50
C ARG B 904 14.07 -20.64 15.74
N PHE B 905 14.42 -19.35 15.71
CA PHE B 905 14.98 -18.71 16.88
C PHE B 905 14.00 -18.69 18.04
N ALA B 906 12.72 -18.40 17.73
CA ALA B 906 11.71 -18.39 18.79
C ALA B 906 11.54 -19.77 19.42
N LEU B 907 11.53 -20.81 18.59
CA LEU B 907 11.41 -22.16 19.12
C LEU B 907 12.61 -22.53 19.98
N ALA B 908 13.82 -22.17 19.53
CA ALA B 908 15.02 -22.44 20.33
C ALA B 908 14.99 -21.70 21.66
N TYR B 909 14.55 -20.43 21.65
CA TYR B 909 14.47 -19.68 22.89
C TYR B 909 13.45 -20.31 23.84
N MET B 910 12.31 -20.75 23.31
CA MET B 910 11.31 -21.41 24.16
C MET B 910 11.87 -22.71 24.74
N GLU B 911 12.66 -23.43 23.95
CA GLU B 911 13.29 -24.65 24.47
C GLU B 911 14.36 -24.34 25.51
N SER B 912 14.96 -23.15 25.46
CA SER B 912 15.96 -22.79 26.48
C SER B 912 15.33 -22.59 27.85
N THR B 913 14.10 -22.09 27.90
CA THR B 913 13.41 -21.82 29.16
C THR B 913 12.62 -23.01 29.68
N GLN B 914 12.59 -24.12 28.93
CA GLN B 914 11.90 -25.35 29.34
C GLN B 914 10.41 -25.10 29.55
N SER B 915 9.73 -24.71 28.48
CA SER B 915 8.29 -24.45 28.55
C SER B 915 7.47 -25.66 28.15
N PHE B 916 7.98 -26.44 27.18
CA PHE B 916 7.24 -27.60 26.70
C PHE B 916 7.12 -28.67 27.77
N ASP B 917 8.18 -28.85 28.58
CA ASP B 917 8.10 -29.78 29.70
C ASP B 917 7.06 -29.33 30.72
N TYR B 918 7.01 -28.02 30.98
CA TYR B 918 5.99 -27.48 31.87
C TYR B 918 4.59 -27.77 31.36
N THR B 919 4.37 -27.58 30.06
CA THR B 919 3.06 -27.87 29.47
C THR B 919 2.73 -29.34 29.60
N ARG B 920 3.70 -30.22 29.35
CA ARG B 920 3.45 -31.65 29.44
C ARG B 920 3.06 -32.06 30.85
N ASP B 921 3.78 -31.56 31.86
CA ASP B 921 3.44 -31.89 33.24
C ASP B 921 2.06 -31.36 33.62
N PHE B 922 1.75 -30.13 33.20
CA PHE B 922 0.43 -29.56 33.44
C PHE B 922 -0.67 -30.48 32.89
N VAL B 923 -0.51 -30.90 31.62
CA VAL B 923 -1.52 -31.73 30.99
C VAL B 923 -1.62 -33.08 31.68
N LYS B 924 -0.49 -33.64 32.13
CA LYS B 924 -0.52 -34.93 32.82
C LYS B 924 -1.34 -34.85 34.11
N ILE B 925 -1.09 -33.81 34.91
CA ILE B 925 -1.84 -33.67 36.15
C ILE B 925 -3.32 -33.46 35.87
N LEU B 926 -3.64 -32.65 34.86
CA LEU B 926 -5.04 -32.42 34.52
C LEU B 926 -5.72 -33.71 34.07
N ASN B 927 -5.01 -34.55 33.31
CA ASN B 927 -5.57 -35.82 32.87
C ASN B 927 -5.84 -36.73 34.05
N GLY B 928 -4.93 -36.78 35.02
CA GLY B 928 -5.18 -37.56 36.22
C GLY B 928 -6.43 -37.11 36.95
N GLU B 929 -6.60 -35.79 37.11
CA GLU B 929 -7.80 -35.28 37.77
C GLU B 929 -9.06 -35.62 36.97
N ALA B 930 -8.98 -35.53 35.64
CA ALA B 930 -10.14 -35.87 34.82
C ALA B 930 -10.54 -37.32 34.97
N LEU B 931 -9.56 -38.23 35.01
CA LEU B 931 -9.87 -39.64 35.22
C LEU B 931 -10.48 -39.87 36.58
N ARG B 932 -9.97 -39.19 37.62
CA ARG B 932 -10.58 -39.31 38.94
C ARG B 932 -12.03 -38.83 38.94
N MET B 933 -12.30 -37.71 38.28
CA MET B 933 -13.66 -37.21 38.18
C MET B 933 -14.57 -38.20 37.47
N ILE B 934 -14.07 -38.81 36.38
CA ILE B 934 -14.86 -39.81 35.66
C ILE B 934 -15.18 -40.98 36.57
N GLU B 935 -14.19 -41.46 37.33
CA GLU B 935 -14.41 -42.62 38.19
C GLU B 935 -15.37 -42.30 39.32
N ASP B 936 -15.44 -41.09 39.82
CA ASP B 936 -16.40 -40.87 40.93
C ASP B 936 -17.83 -40.76 40.41
N LEU B 937 -18.02 -40.34 39.15
CA LEU B 937 -19.39 -40.34 38.63
C LEU B 937 -19.94 -41.75 38.50
N GLU B 938 -19.10 -42.68 38.05
CA GLU B 938 -19.56 -44.05 37.84
C GLU B 938 -19.96 -44.75 39.13
N GLN B 939 -19.42 -44.30 40.27
CA GLN B 939 -19.81 -44.88 41.55
C GLN B 939 -21.20 -44.43 41.99
N GLN B 940 -21.80 -43.46 41.29
CA GLN B 940 -23.11 -42.95 41.66
C GLN B 940 -24.25 -43.65 40.95
N GLY B 941 -23.97 -44.63 40.09
CA GLY B 941 -25.03 -45.40 39.48
C GLY B 941 -24.93 -45.58 37.98
N LEU B 942 -23.87 -45.09 37.37
CA LEU B 942 -23.69 -45.13 35.94
C LEU B 942 -22.78 -46.30 35.55
N HIS B 943 -22.74 -46.58 34.24
CA HIS B 943 -21.95 -47.67 33.70
C HIS B 943 -20.56 -47.20 33.29
N ARG B 944 -19.76 -48.15 32.81
CA ARG B 944 -18.42 -47.83 32.35
C ARG B 944 -18.48 -47.21 30.95
N ASN B 945 -17.64 -46.20 30.72
CA ASN B 945 -17.63 -45.44 29.48
C ASN B 945 -16.26 -45.59 28.81
N ILE B 946 -16.20 -46.43 27.78
CA ILE B 946 -14.96 -46.61 27.04
C ILE B 946 -14.67 -45.39 26.17
N GLU B 947 -15.72 -44.79 25.60
CA GLU B 947 -15.53 -43.71 24.63
C GLU B 947 -14.90 -42.47 25.27
N ILE B 948 -15.33 -42.12 26.49
CA ILE B 948 -14.76 -40.96 27.15
C ILE B 948 -13.29 -41.20 27.48
N ARG B 949 -12.94 -42.42 27.85
CA ARG B 949 -11.54 -42.74 28.12
C ARG B 949 -10.71 -42.69 26.84
N ASN B 950 -11.28 -43.14 25.72
CA ASN B 950 -10.57 -43.08 24.45
C ASN B 950 -10.32 -41.64 24.02
N ILE B 951 -11.34 -40.79 24.11
CA ILE B 951 -11.17 -39.40 23.69
C ILE B 951 -10.22 -38.68 24.64
N LEU B 952 -10.21 -39.05 25.93
CA LEU B 952 -9.27 -38.44 26.86
C LEU B 952 -7.84 -38.88 26.57
N ALA B 953 -7.63 -40.16 26.29
CA ALA B 953 -6.29 -40.69 26.08
C ALA B 953 -5.75 -40.41 24.68
N ARG B 954 -6.59 -39.97 23.75
CA ARG B 954 -6.08 -39.62 22.42
C ARG B 954 -5.13 -38.43 22.48
N MET B 955 -5.33 -37.52 23.43
CA MET B 955 -4.51 -36.32 23.55
C MET B 955 -3.58 -36.46 24.76
N SER B 956 -2.44 -37.10 24.50
CA SER B 956 -1.39 -37.25 25.51
C SER B 956 -0.08 -36.77 24.91
N LEU B 957 0.45 -35.69 25.46
CA LEU B 957 1.71 -35.11 24.97
C LEU B 957 2.88 -35.88 25.59
N GLU B 958 3.05 -37.11 25.12
CA GLU B 958 4.08 -38.02 25.60
C GLU B 958 5.11 -38.21 24.50
N ALA C 645 -2.44 19.35 44.89
CA ALA C 645 -1.95 18.24 44.09
C ALA C 645 -0.79 18.66 43.21
N ILE C 646 -0.93 19.83 42.56
CA ILE C 646 0.13 20.33 41.70
C ILE C 646 1.35 20.74 42.52
N SER C 647 1.13 21.16 43.77
CA SER C 647 2.24 21.58 44.61
C SER C 647 3.19 20.43 44.89
N ASP C 648 2.65 19.23 45.18
CA ASP C 648 3.50 18.08 45.44
C ASP C 648 4.32 17.70 44.21
N HIS C 649 3.69 17.71 43.03
CA HIS C 649 4.40 17.36 41.81
C HIS C 649 5.51 18.37 41.52
N THR C 650 5.23 19.66 41.65
CA THR C 650 6.26 20.68 41.42
C THR C 650 7.38 20.56 42.43
N SER C 651 7.05 20.28 43.70
CA SER C 651 8.08 20.11 44.71
C SER C 651 8.97 18.93 44.40
N ARG C 652 8.38 17.81 43.97
CA ARG C 652 9.19 16.65 43.58
C ARG C 652 10.09 16.97 42.40
N ALA C 653 9.57 17.69 41.41
CA ALA C 653 10.39 18.05 40.26
C ALA C 653 11.57 18.92 40.66
N ILE C 654 11.32 19.92 41.50
CA ILE C 654 12.40 20.80 41.94
C ILE C 654 13.42 20.04 42.78
N ASP C 655 12.94 19.15 43.66
CA ASP C 655 13.86 18.36 44.47
C ASP C 655 14.75 17.48 43.62
N LEU C 656 14.18 16.82 42.60
CA LEU C 656 14.99 16.03 41.69
C LEU C 656 15.95 16.90 40.91
N CYS C 657 15.58 18.15 40.63
CA CYS C 657 16.52 19.08 40.01
C CYS C 657 17.70 19.37 40.92
N ARG C 658 17.45 19.57 42.22
CA ARG C 658 18.55 19.80 43.15
C ARG C 658 19.44 18.57 43.29
N ASN C 659 18.82 17.42 43.55
CA ASN C 659 19.55 16.16 43.75
C ASN C 659 19.20 15.19 42.63
N PRO C 660 20.08 15.00 41.65
CA PRO C 660 19.75 14.10 40.55
C PRO C 660 19.66 12.66 41.03
N PRO C 661 18.82 11.85 40.40
CA PRO C 661 18.68 10.45 40.83
C PRO C 661 19.86 9.58 40.43
N LEU C 662 19.77 8.28 40.71
CA LEU C 662 20.84 7.35 40.42
C LEU C 662 20.38 6.34 39.37
N TRP C 663 21.29 5.99 38.46
CA TRP C 663 20.98 5.05 37.40
C TRP C 663 20.75 3.65 37.97
N GLY C 664 19.74 2.96 37.43
CA GLY C 664 19.36 1.65 37.91
C GLY C 664 19.82 0.51 37.00
N THR C 665 19.74 -0.70 37.54
CA THR C 665 20.15 -1.89 36.80
C THR C 665 19.11 -2.32 35.77
N ASP C 666 17.82 -2.14 36.07
CA ASP C 666 16.78 -2.53 35.12
C ASP C 666 16.86 -1.71 33.84
N GLN C 667 17.08 -0.41 33.96
CA GLN C 667 17.19 0.43 32.77
C GLN C 667 18.43 0.10 31.95
N GLU C 668 19.54 -0.21 32.63
CA GLU C 668 20.74 -0.64 31.92
C GLU C 668 20.51 -1.96 31.20
N GLN C 669 19.72 -2.84 31.78
CA GLN C 669 19.38 -4.14 31.14
C GLN C 669 18.47 -3.90 29.95
N THR C 670 17.62 -2.89 30.03
CA THR C 670 16.78 -2.54 28.89
C THR C 670 17.61 -1.97 27.74
N LEU C 671 18.56 -1.09 28.05
CA LEU C 671 19.34 -0.43 27.00
C LEU C 671 20.36 -1.36 26.36
N LEU C 672 20.76 -2.43 27.02
CA LEU C 672 21.80 -3.33 26.52
C LEU C 672 21.23 -4.64 25.99
N GLY C 673 20.07 -4.58 25.33
CA GLY C 673 19.43 -5.77 24.81
C GLY C 673 20.12 -6.36 23.60
N PRO C 674 20.15 -5.61 22.49
CA PRO C 674 20.80 -6.13 21.28
C PRO C 674 22.27 -6.49 21.48
N PHE C 675 22.97 -5.73 22.32
CA PHE C 675 24.37 -6.02 22.59
C PHE C 675 24.53 -7.41 23.20
N GLU C 676 23.74 -7.71 24.23
CA GLU C 676 23.83 -9.01 24.87
C GLU C 676 23.35 -10.12 23.93
N TYR C 677 22.32 -9.84 23.13
CA TYR C 677 21.84 -10.83 22.18
C TYR C 677 22.93 -11.23 21.20
N LEU C 678 23.66 -10.26 20.66
CA LEU C 678 24.72 -10.59 19.71
C LEU C 678 25.96 -11.13 20.41
N GLU C 679 26.17 -10.78 21.68
CA GLU C 679 27.32 -11.30 22.42
C GLU C 679 27.12 -12.76 22.81
N SER C 680 25.87 -13.20 22.97
CA SER C 680 25.63 -14.57 23.42
C SER C 680 25.98 -15.59 22.34
N ILE C 681 25.94 -15.19 21.08
CA ILE C 681 26.22 -16.13 19.98
C ILE C 681 27.72 -16.44 19.95
N PRO C 682 28.12 -17.70 19.92
CA PRO C 682 29.56 -18.01 19.84
C PRO C 682 30.16 -17.53 18.52
N GLY C 683 31.44 -17.19 18.58
CA GLY C 683 32.11 -16.63 17.42
C GLY C 683 33.48 -17.22 17.14
N LYS C 684 34.20 -16.61 16.19
CA LYS C 684 35.52 -17.12 15.81
C LYS C 684 36.57 -16.81 16.86
N ASN C 685 36.54 -15.59 17.42
CA ASN C 685 37.48 -15.14 18.44
C ASN C 685 38.92 -15.17 17.93
N ILE C 686 39.15 -14.37 16.89
CA ILE C 686 40.49 -14.23 16.31
C ILE C 686 41.30 -13.18 17.06
N ARG C 687 40.64 -12.13 17.55
CA ARG C 687 41.34 -11.03 18.20
C ARG C 687 41.98 -11.46 19.52
N SER C 688 41.35 -12.39 20.24
CA SER C 688 41.96 -12.88 21.47
C SER C 688 43.26 -13.62 21.18
N GLN C 689 43.27 -14.46 20.13
CA GLN C 689 44.51 -15.12 19.73
C GLN C 689 45.55 -14.12 19.28
N PHE C 690 45.12 -13.08 18.55
CA PHE C 690 46.05 -12.05 18.09
C PHE C 690 46.68 -11.32 19.28
N ILE C 691 45.89 -11.05 20.31
CA ILE C 691 46.41 -10.38 21.50
C ILE C 691 47.38 -11.29 22.25
N GLU C 692 47.03 -12.56 22.47
CA GLU C 692 47.94 -13.42 23.26
C GLU C 692 49.17 -13.79 22.45
N ALA C 693 49.12 -13.67 21.12
CA ALA C 693 50.33 -13.89 20.34
C ALA C 693 51.39 -12.84 20.62
N PHE C 694 50.99 -11.59 20.79
CA PHE C 694 51.95 -10.50 21.01
C PHE C 694 52.39 -10.37 22.46
N ASN C 695 51.75 -11.08 23.39
CA ASN C 695 52.13 -10.97 24.79
C ASN C 695 53.41 -11.71 25.12
N THR C 696 53.81 -12.68 24.30
CA THR C 696 55.09 -13.35 24.52
C THR C 696 56.25 -12.38 24.35
N TRP C 697 56.11 -11.43 23.42
CA TRP C 697 57.12 -10.40 23.23
C TRP C 697 57.05 -9.32 24.31
N LEU C 698 55.85 -8.98 24.78
CA LEU C 698 55.68 -7.84 25.68
C LEU C 698 55.68 -8.24 27.15
N GLN C 699 54.96 -9.29 27.53
CA GLN C 699 54.97 -9.85 28.88
C GLN C 699 54.52 -8.81 29.92
N ILE C 700 53.26 -8.43 29.80
CA ILE C 700 52.63 -7.48 30.72
C ILE C 700 51.81 -8.27 31.75
N PRO C 701 51.36 -7.64 32.84
CA PRO C 701 50.50 -8.36 33.80
C PRO C 701 49.17 -8.80 33.22
N GLN C 702 48.35 -9.47 34.04
CA GLN C 702 47.13 -10.11 33.57
C GLN C 702 45.92 -9.17 33.56
N ASP C 703 45.76 -8.34 34.59
CA ASP C 703 44.59 -7.48 34.67
C ASP C 703 44.52 -6.50 33.51
N HIS C 704 45.70 -6.01 33.11
CA HIS C 704 45.75 -5.07 31.97
C HIS C 704 45.29 -5.81 30.71
N LEU C 705 45.67 -7.08 30.55
CA LEU C 705 45.24 -7.88 29.41
C LEU C 705 43.73 -8.10 29.42
N GLN C 706 43.17 -8.36 30.60
CA GLN C 706 41.71 -8.51 30.71
C GLN C 706 40.99 -7.24 30.29
N ILE C 707 41.48 -6.09 30.76
CA ILE C 707 40.84 -4.81 30.43
C ILE C 707 40.88 -4.58 28.92
N VAL C 708 42.04 -4.80 28.30
CA VAL C 708 42.16 -4.56 26.87
C VAL C 708 41.27 -5.49 26.08
N GLY C 709 41.21 -6.77 26.47
CA GLY C 709 40.34 -7.71 25.79
C GLY C 709 38.88 -7.30 25.88
N LYS C 710 38.45 -6.87 27.07
CA LYS C 710 37.07 -6.42 27.24
C LYS C 710 36.76 -5.24 26.33
N VAL C 711 37.67 -4.26 26.28
CA VAL C 711 37.44 -3.07 25.46
C VAL C 711 37.32 -3.47 23.99
N ILE C 712 38.23 -4.33 23.52
CA ILE C 712 38.22 -4.72 22.11
C ILE C 712 36.94 -5.47 21.77
N SER C 713 36.51 -6.37 22.65
CA SER C 713 35.28 -7.11 22.39
C SER C 713 34.07 -6.18 22.31
N MET C 714 33.97 -5.22 23.24
CA MET C 714 32.86 -4.27 23.20
C MET C 714 32.84 -3.51 21.88
N LEU C 715 34.00 -2.97 21.48
CA LEU C 715 34.05 -2.17 20.26
C LEU C 715 33.69 -3.01 19.05
N HIS C 716 34.20 -4.24 18.98
CA HIS C 716 33.91 -5.09 17.82
C HIS C 716 32.43 -5.42 17.73
N THR C 717 31.79 -5.74 18.86
CA THR C 717 30.37 -6.07 18.81
C THR C 717 29.53 -4.87 18.39
N ALA C 718 29.85 -3.67 18.93
CA ALA C 718 29.10 -2.49 18.53
C ALA C 718 29.27 -2.21 17.04
N SER C 719 30.50 -2.35 16.54
CA SER C 719 30.74 -2.13 15.12
C SER C 719 29.95 -3.13 14.27
N LEU C 720 29.87 -4.38 14.71
CA LEU C 720 29.09 -5.38 13.98
C LEU C 720 27.62 -4.98 13.93
N LEU C 721 27.06 -4.53 15.04
CA LEU C 721 25.67 -4.10 15.06
C LEU C 721 25.43 -3.00 14.04
N VAL C 722 26.24 -1.93 14.09
CA VAL C 722 26.03 -0.79 13.21
C VAL C 722 26.24 -1.18 11.75
N ASP C 723 27.26 -2.00 11.48
CA ASP C 723 27.55 -2.40 10.11
C ASP C 723 26.42 -3.23 9.52
N ASP C 724 25.86 -4.14 10.33
CA ASP C 724 24.72 -4.92 9.87
C ASP C 724 23.51 -4.05 9.60
N ILE C 725 23.29 -3.02 10.42
CA ILE C 725 22.21 -2.08 10.13
C ILE C 725 22.46 -1.40 8.78
N GLU C 726 23.70 -0.99 8.53
CA GLU C 726 23.99 -0.21 7.34
C GLU C 726 23.90 -1.04 6.05
N ASP C 727 24.46 -2.24 6.06
CA ASP C 727 24.52 -3.04 4.84
C ASP C 727 23.21 -3.75 4.50
N ASN C 728 22.21 -3.68 5.37
CA ASN C 728 20.93 -4.35 5.16
C ASN C 728 21.16 -5.86 4.96
N SER C 729 21.64 -6.49 6.02
CA SER C 729 21.90 -7.92 6.01
C SER C 729 20.67 -8.68 6.51
N LEU C 730 20.77 -10.00 6.54
CA LEU C 730 19.69 -10.84 7.05
C LEU C 730 20.13 -11.91 8.04
N LEU C 731 21.39 -12.33 8.03
CA LEU C 731 21.88 -13.33 8.96
C LEU C 731 23.26 -12.97 9.45
N ARG C 732 23.61 -13.43 10.65
CA ARG C 732 24.93 -13.22 11.27
C ARG C 732 25.25 -14.39 12.18
N ARG C 733 26.30 -15.15 11.88
CA ARG C 733 26.69 -16.34 12.63
C ARG C 733 25.60 -17.40 12.62
N GLY C 734 24.85 -17.49 11.53
CA GLY C 734 23.79 -18.47 11.40
C GLY C 734 22.51 -18.13 12.12
N GLN C 735 22.36 -16.92 12.62
CA GLN C 735 21.22 -16.49 13.42
C GLN C 735 20.69 -15.18 12.88
N PRO C 736 19.44 -14.84 13.17
CA PRO C 736 18.87 -13.59 12.66
C PRO C 736 19.63 -12.38 13.19
N VAL C 737 19.64 -11.31 12.39
CA VAL C 737 20.29 -10.08 12.79
C VAL C 737 19.55 -9.47 13.98
N ALA C 738 20.25 -8.57 14.67
CA ALA C 738 19.70 -7.99 15.89
C ALA C 738 18.52 -7.07 15.59
N HIS C 739 18.58 -6.35 14.47
CA HIS C 739 17.51 -5.40 14.16
C HIS C 739 16.30 -6.07 13.52
N SER C 740 16.37 -7.37 13.23
CA SER C 740 15.18 -8.13 12.84
C SER C 740 14.32 -8.50 14.04
N ILE C 741 14.80 -8.26 15.26
CA ILE C 741 14.05 -8.51 16.48
C ILE C 741 13.70 -7.21 17.20
N PHE C 742 14.68 -6.33 17.38
CA PHE C 742 14.50 -5.14 18.19
C PHE C 742 14.15 -3.90 17.38
N GLY C 743 14.60 -3.81 16.13
CA GLY C 743 14.42 -2.62 15.32
C GLY C 743 15.72 -1.88 15.10
N THR C 744 15.66 -0.87 14.25
CA THR C 744 16.85 -0.11 13.88
C THR C 744 17.27 0.86 14.98
N ALA C 745 16.29 1.59 15.55
CA ALA C 745 16.61 2.64 16.51
C ALA C 745 17.29 2.06 17.75
N GLN C 746 16.74 0.98 18.29
CA GLN C 746 17.29 0.39 19.51
C GLN C 746 18.71 -0.12 19.27
N THR C 747 18.94 -0.78 18.13
CA THR C 747 20.26 -1.32 17.84
C THR C 747 21.29 -0.21 17.68
N PHE C 748 20.93 0.86 16.96
CA PHE C 748 21.84 1.98 16.79
C PHE C 748 22.19 2.62 18.12
N ASN C 749 21.16 2.85 18.96
CA ASN C 749 21.40 3.46 20.26
C ASN C 749 22.29 2.57 21.12
N SER C 750 22.06 1.26 21.10
CA SER C 750 22.87 0.35 21.88
C SER C 750 24.32 0.36 21.44
N GLY C 751 24.56 0.39 20.12
CA GLY C 751 25.93 0.44 19.64
C GLY C 751 26.66 1.69 20.08
N ASN C 752 26.02 2.85 19.94
CA ASN C 752 26.66 4.10 20.36
C ASN C 752 26.90 4.11 21.87
N TYR C 753 25.93 3.63 22.63
CA TYR C 753 26.08 3.58 24.08
C TYR C 753 27.25 2.69 24.48
N VAL C 754 27.45 1.58 23.77
CA VAL C 754 28.58 0.70 24.05
C VAL C 754 29.89 1.40 23.69
N TYR C 755 29.90 2.16 22.59
CA TYR C 755 31.09 2.95 22.27
C TYR C 755 31.50 3.84 23.45
N PHE C 756 30.53 4.57 24.00
CA PHE C 756 30.90 5.51 25.07
C PHE C 756 31.17 4.81 26.40
N LEU C 757 30.54 3.66 26.66
CA LEU C 757 30.92 2.87 27.83
C LEU C 757 32.35 2.38 27.72
N ALA C 758 32.75 1.94 26.52
CA ALA C 758 34.13 1.52 26.30
C ALA C 758 35.09 2.69 26.50
N LEU C 759 34.70 3.88 26.07
CA LEU C 759 35.54 5.06 26.33
C LEU C 759 35.65 5.32 27.83
N GLN C 760 34.56 5.12 28.57
CA GLN C 760 34.61 5.28 30.03
C GLN C 760 35.55 4.26 30.66
N GLU C 761 35.64 3.05 30.10
CA GLU C 761 36.52 2.04 30.67
C GLU C 761 37.99 2.40 30.55
N VAL C 762 38.38 3.10 29.47
CA VAL C 762 39.78 3.42 29.25
C VAL C 762 40.28 4.45 30.25
N GLN C 763 39.42 5.35 30.70
CA GLN C 763 39.84 6.42 31.60
C GLN C 763 40.37 5.90 32.93
N LYS C 764 40.05 4.66 33.30
CA LYS C 764 40.53 4.11 34.56
C LYS C 764 41.98 3.66 34.49
N LEU C 765 42.60 3.65 33.31
CA LEU C 765 44.01 3.32 33.19
C LEU C 765 44.93 4.47 33.57
N ASN C 766 44.40 5.70 33.64
CA ASN C 766 45.16 6.89 34.02
C ASN C 766 46.34 7.12 33.07
N SER C 767 46.00 7.36 31.81
CA SER C 767 46.99 7.69 30.78
C SER C 767 46.35 8.51 29.68
N PRO C 768 46.79 9.75 29.48
CA PRO C 768 46.24 10.55 28.36
C PRO C 768 46.50 9.94 27.00
N ARG C 769 47.63 9.26 26.85
CA ARG C 769 47.95 8.65 25.56
C ARG C 769 46.88 7.63 25.17
N ALA C 770 46.32 6.93 26.16
CA ALA C 770 45.25 5.97 25.88
C ALA C 770 44.05 6.67 25.26
N ILE C 771 43.67 7.83 25.81
CA ILE C 771 42.56 8.60 25.25
C ILE C 771 42.88 9.03 23.83
N SER C 772 44.12 9.47 23.60
CA SER C 772 44.51 9.90 22.25
C SER C 772 44.34 8.76 21.24
N ILE C 773 44.90 7.59 21.55
CA ILE C 773 44.79 6.45 20.63
C ILE C 773 43.34 6.06 20.42
N PHE C 774 42.54 6.07 21.50
CA PHE C 774 41.13 5.71 21.37
C PHE C 774 40.42 6.61 20.38
N VAL C 775 40.61 7.93 20.52
CA VAL C 775 39.91 8.86 19.66
C VAL C 775 40.36 8.71 18.21
N ASP C 776 41.67 8.59 17.98
CA ASP C 776 42.16 8.43 16.61
C ASP C 776 41.63 7.14 15.97
N ALA C 777 41.62 6.04 16.73
CA ALA C 777 41.12 4.79 16.17
C ALA C 777 39.64 4.90 15.81
N LEU C 778 38.83 5.52 16.67
CA LEU C 778 37.41 5.65 16.38
C LEU C 778 37.19 6.52 15.14
N THR C 779 37.95 7.61 15.02
CA THR C 779 37.84 8.46 13.83
C THR C 779 38.18 7.68 12.57
N GLN C 780 39.25 6.89 12.61
CA GLN C 780 39.64 6.09 11.44
C GLN C 780 38.55 5.11 11.06
N LEU C 781 37.96 4.44 12.06
CA LEU C 781 36.93 3.45 11.77
C LEU C 781 35.72 4.10 11.11
N HIS C 782 35.30 5.27 11.61
CA HIS C 782 34.15 5.92 11.00
C HIS C 782 34.46 6.39 9.59
N ARG C 783 35.69 6.86 9.35
CA ARG C 783 36.09 7.22 7.99
C ARG C 783 35.97 6.03 7.04
N GLY C 784 36.48 4.88 7.46
CA GLY C 784 36.43 3.70 6.60
C GLY C 784 35.01 3.26 6.31
N GLN C 785 34.17 3.22 7.35
CA GLN C 785 32.78 2.83 7.13
C GLN C 785 32.07 3.79 6.18
N GLY C 786 32.31 5.10 6.35
CA GLY C 786 31.69 6.07 5.48
C GLY C 786 32.09 5.91 4.02
N MET C 787 33.37 5.69 3.77
CA MET C 787 33.80 5.50 2.38
C MET C 787 33.21 4.22 1.80
N ASP C 788 33.17 3.14 2.58
CA ASP C 788 32.60 1.90 2.07
C ASP C 788 31.15 2.11 1.65
N VAL C 789 30.35 2.73 2.52
CA VAL C 789 28.94 2.90 2.20
C VAL C 789 28.76 3.87 1.04
N PHE C 790 29.61 4.91 0.96
CA PHE C 790 29.49 5.86 -0.15
C PHE C 790 29.74 5.17 -1.48
N TRP C 791 30.80 4.35 -1.56
CA TRP C 791 31.07 3.64 -2.80
C TRP C 791 29.96 2.67 -3.15
N ARG C 792 29.43 1.96 -2.15
CA ARG C 792 28.35 1.02 -2.43
C ARG C 792 27.10 1.74 -2.94
N ASP C 793 26.77 2.89 -2.36
CA ASP C 793 25.54 3.58 -2.73
C ASP C 793 25.67 4.27 -4.09
N SER C 794 26.81 4.90 -4.36
CA SER C 794 26.96 5.67 -5.58
C SER C 794 27.34 4.82 -6.79
N LEU C 795 27.62 3.53 -6.60
CA LEU C 795 28.00 2.62 -7.69
C LEU C 795 29.19 3.14 -8.47
N ILE C 796 30.20 3.63 -7.76
CA ILE C 796 31.45 4.07 -8.35
C ILE C 796 32.53 3.08 -7.92
N CYS C 797 33.12 2.39 -8.88
CA CYS C 797 34.10 1.36 -8.56
C CYS C 797 35.43 1.99 -8.17
N PRO C 798 36.00 1.65 -7.01
CA PRO C 798 37.28 2.21 -6.63
C PRO C 798 38.45 1.44 -7.24
N THR C 799 39.62 2.07 -7.21
CA THR C 799 40.85 1.41 -7.61
C THR C 799 41.38 0.57 -6.47
N GLU C 800 42.54 -0.07 -6.69
CA GLU C 800 43.10 -0.94 -5.67
C GLU C 800 43.64 -0.15 -4.49
N GLU C 801 44.31 0.98 -4.77
CA GLU C 801 44.89 1.78 -3.69
C GLU C 801 43.80 2.34 -2.78
N GLU C 802 42.72 2.84 -3.36
CA GLU C 802 41.61 3.36 -2.56
C GLU C 802 41.00 2.27 -1.68
N TYR C 803 40.80 1.08 -2.25
CA TYR C 803 40.23 -0.01 -1.49
C TYR C 803 41.15 -0.42 -0.34
N LEU C 804 42.45 -0.47 -0.59
CA LEU C 804 43.37 -0.85 0.47
C LEU C 804 43.41 0.19 1.58
N ASP C 805 43.35 1.48 1.21
CA ASP C 805 43.27 2.53 2.23
C ASP C 805 42.00 2.41 3.05
N MET C 806 40.87 2.15 2.39
CA MET C 806 39.61 1.98 3.12
C MET C 806 39.68 0.79 4.07
N VAL C 807 40.30 -0.31 3.63
CA VAL C 807 40.41 -1.49 4.50
C VAL C 807 41.31 -1.19 5.68
N ALA C 808 42.41 -0.49 5.46
CA ALA C 808 43.29 -0.12 6.57
C ALA C 808 42.60 0.81 7.54
N ASN C 809 41.67 1.63 7.05
CA ASN C 809 40.88 2.48 7.95
C ASN C 809 39.82 1.69 8.71
N LYS C 810 39.23 0.68 8.08
CA LYS C 810 38.06 0.01 8.64
C LYS C 810 38.40 -1.18 9.53
N THR C 811 39.42 -1.97 9.18
CA THR C 811 39.71 -3.22 9.88
C THR C 811 40.96 -3.16 10.75
N GLY C 812 42.05 -2.56 10.26
CA GLY C 812 43.29 -2.59 11.01
C GLY C 812 43.32 -1.67 12.21
N ALA C 813 42.35 -0.76 12.34
CA ALA C 813 42.36 0.19 13.43
C ALA C 813 42.24 -0.51 14.78
N LEU C 814 41.36 -1.51 14.88
CA LEU C 814 41.18 -2.22 16.14
C LEU C 814 42.44 -2.98 16.53
N PHE C 815 43.08 -3.65 15.56
CA PHE C 815 44.31 -4.36 15.86
C PHE C 815 45.41 -3.41 16.33
N CYS C 816 45.58 -2.29 15.63
CA CYS C 816 46.60 -1.33 16.02
C CYS C 816 46.33 -0.76 17.40
N LEU C 817 45.06 -0.44 17.68
CA LEU C 817 44.71 0.10 18.99
C LEU C 817 44.96 -0.92 20.10
N ALA C 818 44.62 -2.18 19.85
CA ALA C 818 44.85 -3.22 20.84
C ALA C 818 46.33 -3.39 21.13
N ILE C 819 47.17 -3.37 20.09
CA ILE C 819 48.59 -3.52 20.32
C ILE C 819 49.16 -2.30 21.03
N GLU C 820 48.71 -1.10 20.68
CA GLU C 820 49.24 0.11 21.29
C GLU C 820 48.80 0.26 22.74
N LEU C 821 47.64 -0.29 23.10
CA LEU C 821 47.19 -0.19 24.49
C LEU C 821 47.97 -1.13 25.40
N LEU C 822 48.53 -2.21 24.86
CA LEU C 822 49.34 -3.11 25.67
C LEU C 822 50.73 -2.54 25.95
N GLN C 823 51.29 -1.78 25.02
CA GLN C 823 52.67 -1.32 25.14
C GLN C 823 52.84 -0.27 26.24
N ILE C 824 51.76 0.25 26.81
CA ILE C 824 51.87 1.27 27.84
C ILE C 824 52.61 0.72 29.05
N LYS C 825 52.26 -0.48 29.47
CA LYS C 825 52.84 -1.03 30.71
C LYS C 825 53.97 -2.02 30.43
N SER C 826 54.47 -2.08 29.19
CA SER C 826 55.57 -2.97 28.84
C SER C 826 56.89 -2.22 28.84
N THR C 827 57.98 -2.98 28.98
CA THR C 827 59.33 -2.45 28.93
C THR C 827 59.93 -2.51 27.53
N VAL C 828 59.22 -3.09 26.57
CA VAL C 828 59.68 -3.22 25.20
C VAL C 828 59.05 -2.08 24.41
N GLN C 829 59.89 -1.31 23.70
CA GLN C 829 59.41 -0.12 23.02
C GLN C 829 59.88 -0.06 21.57
N LEU C 830 59.74 -1.16 20.83
CA LEU C 830 60.03 -1.15 19.41
C LEU C 830 58.79 -0.67 18.64
N ASP C 831 58.81 -0.81 17.33
CA ASP C 831 57.71 -0.39 16.47
C ASP C 831 57.12 -1.62 15.80
N PHE C 832 55.90 -2.00 16.20
CA PHE C 832 55.22 -3.17 15.67
C PHE C 832 54.15 -2.82 14.65
N LEU C 833 53.87 -1.54 14.43
CA LEU C 833 52.71 -1.15 13.63
C LEU C 833 52.70 -1.68 12.20
N PRO C 834 53.80 -1.64 11.43
CA PRO C 834 53.71 -2.13 10.04
C PRO C 834 53.31 -3.59 9.95
N LEU C 835 53.80 -4.42 10.88
CA LEU C 835 53.40 -5.82 10.91
C LEU C 835 51.91 -5.96 11.13
N VAL C 836 51.35 -5.17 12.06
CA VAL C 836 49.92 -5.24 12.34
C VAL C 836 49.11 -4.79 11.13
N ARG C 837 49.54 -3.73 10.46
CA ARG C 837 48.81 -3.25 9.28
C ARG C 837 48.83 -4.28 8.16
N LEU C 838 49.99 -4.89 7.92
CA LEU C 838 50.10 -5.94 6.90
C LEU C 838 49.22 -7.13 7.26
N LEU C 839 49.21 -7.52 8.54
CA LEU C 839 48.37 -8.63 8.98
C LEU C 839 46.90 -8.31 8.77
N GLY C 840 46.48 -7.08 9.06
CA GLY C 840 45.10 -6.70 8.81
C GLY C 840 44.72 -6.77 7.34
N ILE C 841 45.62 -6.31 6.47
CA ILE C 841 45.37 -6.39 5.03
C ILE C 841 45.21 -7.85 4.60
N ILE C 842 46.11 -8.72 5.09
CA ILE C 842 46.05 -10.13 4.75
C ILE C 842 44.74 -10.74 5.23
N PHE C 843 44.33 -10.44 6.46
CA PHE C 843 43.10 -11.00 7.01
C PHE C 843 41.90 -10.59 6.17
N GLN C 844 41.81 -9.31 5.82
CA GLN C 844 40.66 -8.84 5.05
C GLN C 844 40.63 -9.46 3.66
N ILE C 845 41.79 -9.55 3.00
CA ILE C 845 41.83 -10.14 1.67
C ILE C 845 41.44 -11.61 1.71
N CYS C 846 41.95 -12.34 2.71
CA CYS C 846 41.60 -13.75 2.85
C CYS C 846 40.10 -13.93 3.09
N ASP C 847 39.44 -13.02 3.78
CA ASP C 847 38.01 -13.29 4.04
C ASP C 847 37.13 -12.70 2.94
N ASP C 848 37.69 -12.44 1.76
CA ASP C 848 36.86 -11.97 0.62
C ASP C 848 36.84 -13.08 -0.43
N TYR C 849 37.80 -14.00 -0.36
CA TYR C 849 37.83 -15.16 -1.28
C TYR C 849 37.06 -16.28 -0.60
N LEU C 850 37.39 -16.58 0.65
CA LEU C 850 36.76 -17.73 1.34
C LEU C 850 35.30 -17.39 1.60
N ASN C 851 34.77 -16.35 0.98
CA ASN C 851 33.32 -16.06 1.11
C ASN C 851 32.66 -16.37 -0.23
N LEU C 852 33.45 -16.69 -1.25
CA LEU C 852 32.88 -16.94 -2.59
C LEU C 852 33.29 -18.33 -3.06
N LYS C 853 34.58 -18.67 -2.94
CA LYS C 853 35.07 -19.96 -3.47
C LYS C 853 35.83 -20.71 -2.39
N SER C 854 35.11 -21.36 -1.49
CA SER C 854 35.75 -22.16 -0.42
C SER C 854 36.93 -22.94 -1.01
N CYS C 864 27.40 -16.84 -1.28
CA CYS C 864 27.81 -15.63 -2.01
C CYS C 864 26.90 -14.46 -1.67
N GLU C 865 26.94 -14.03 -0.41
CA GLU C 865 26.11 -12.92 0.04
C GLU C 865 26.61 -11.56 -0.44
N ASP C 866 27.88 -11.47 -0.85
CA ASP C 866 28.42 -10.21 -1.34
C ASP C 866 27.70 -9.76 -2.60
N ILE C 867 27.41 -10.69 -3.50
CA ILE C 867 26.67 -10.35 -4.73
C ILE C 867 25.28 -9.86 -4.38
N THR C 868 24.60 -10.54 -3.45
CA THR C 868 23.25 -10.14 -3.07
C THR C 868 23.24 -8.77 -2.40
N GLU C 869 24.28 -8.46 -1.62
CA GLU C 869 24.34 -7.19 -0.92
C GLU C 869 25.03 -6.09 -1.72
N GLY C 870 25.55 -6.40 -2.91
CA GLY C 870 26.22 -5.39 -3.71
C GLY C 870 27.60 -5.01 -3.24
N LYS C 871 28.34 -5.93 -2.63
CA LYS C 871 29.66 -5.63 -2.11
C LYS C 871 30.66 -5.41 -3.25
N PHE C 872 31.66 -4.57 -2.98
CA PHE C 872 32.78 -4.36 -3.90
C PHE C 872 34.01 -4.99 -3.27
N SER C 873 34.20 -6.27 -3.50
CA SER C 873 35.32 -6.99 -2.91
C SER C 873 36.54 -6.95 -3.85
N PHE C 874 37.64 -7.53 -3.38
CA PHE C 874 38.90 -7.44 -4.13
C PHE C 874 38.83 -8.15 -5.48
N PRO C 875 38.44 -9.42 -5.58
CA PRO C 875 38.31 -10.02 -6.92
C PRO C 875 37.30 -9.32 -7.81
N ILE C 876 36.21 -8.82 -7.23
CA ILE C 876 35.22 -8.09 -8.02
C ILE C 876 35.84 -6.82 -8.58
N ILE C 877 36.60 -6.10 -7.77
CA ILE C 877 37.25 -4.88 -8.22
C ILE C 877 38.23 -5.18 -9.34
N HIS C 878 39.04 -6.24 -9.17
CA HIS C 878 40.01 -6.60 -10.21
C HIS C 878 39.31 -6.96 -11.51
N SER C 879 38.23 -7.75 -11.42
CA SER C 879 37.51 -8.14 -12.62
C SER C 879 36.90 -6.94 -13.32
N ILE C 880 36.36 -5.99 -12.55
CA ILE C 880 35.78 -4.80 -13.15
C ILE C 880 36.85 -3.98 -13.85
N ARG C 881 37.99 -3.79 -13.20
CA ARG C 881 39.00 -2.89 -13.74
C ARG C 881 39.76 -3.48 -14.92
N THR C 882 40.11 -4.77 -14.87
CA THR C 882 40.99 -5.34 -15.89
C THR C 882 40.31 -5.54 -17.24
N LYS C 883 38.99 -5.64 -17.28
CA LYS C 883 38.26 -5.84 -18.54
C LYS C 883 37.08 -4.88 -18.59
N PRO C 884 37.34 -3.62 -18.94
CA PRO C 884 36.24 -2.64 -18.98
C PRO C 884 35.36 -2.80 -20.22
N GLY C 885 35.59 -3.86 -20.99
CA GLY C 885 34.83 -4.09 -22.20
C GLY C 885 33.43 -4.62 -22.02
N ASN C 886 33.08 -5.04 -20.80
CA ASN C 886 31.75 -5.56 -20.51
C ASN C 886 31.19 -4.89 -19.26
N ARG C 887 29.87 -4.78 -19.23
CA ARG C 887 29.16 -4.13 -18.14
C ARG C 887 28.10 -5.07 -17.58
N GLN C 888 28.49 -6.33 -17.36
CA GLN C 888 27.60 -7.33 -16.79
C GLN C 888 27.74 -7.46 -15.28
N LEU C 889 28.95 -7.31 -14.76
CA LEU C 889 29.15 -7.36 -13.32
C LEU C 889 28.46 -6.20 -12.61
N ILE C 890 28.51 -5.01 -13.22
CA ILE C 890 27.83 -3.85 -12.62
C ILE C 890 26.33 -4.11 -12.53
N ASN C 891 25.74 -4.63 -13.61
CA ASN C 891 24.31 -4.91 -13.61
C ASN C 891 23.96 -6.01 -12.63
N VAL C 892 24.81 -7.04 -12.53
CA VAL C 892 24.57 -8.12 -11.58
C VAL C 892 24.58 -7.58 -10.16
N LEU C 893 25.54 -6.71 -9.84
CA LEU C 893 25.60 -6.12 -8.50
C LEU C 893 24.39 -5.23 -8.25
N ARG C 894 23.96 -4.50 -9.25
CA ARG C 894 22.84 -3.54 -9.04
C ARG C 894 21.51 -4.30 -8.94
N GLN C 895 21.41 -5.49 -9.52
CA GLN C 895 20.16 -6.23 -9.49
C GLN C 895 19.80 -6.67 -8.08
N LYS C 896 20.81 -7.00 -7.26
CA LYS C 896 20.61 -7.44 -5.89
C LYS C 896 19.70 -8.68 -5.84
N SER C 897 19.88 -9.58 -6.79
CA SER C 897 19.03 -10.76 -6.88
C SER C 897 19.55 -11.86 -5.96
N LYS C 898 18.67 -12.81 -5.64
CA LYS C 898 19.08 -13.93 -4.74
C LYS C 898 19.08 -15.25 -5.51
N GLU C 899 18.51 -15.29 -6.71
CA GLU C 899 18.42 -16.55 -7.44
C GLU C 899 19.80 -17.14 -7.70
N ASP C 900 19.85 -18.47 -7.80
CA ASP C 900 21.11 -19.17 -8.01
C ASP C 900 21.68 -18.93 -9.40
N ASP C 901 20.84 -18.57 -10.38
CA ASP C 901 21.33 -18.33 -11.73
C ASP C 901 22.30 -17.15 -11.77
N VAL C 902 21.96 -16.06 -11.08
CA VAL C 902 22.83 -14.89 -11.06
C VAL C 902 24.16 -15.22 -10.38
N LYS C 903 24.10 -15.95 -9.27
CA LYS C 903 25.32 -16.32 -8.57
C LYS C 903 26.21 -17.21 -9.43
N ARG C 904 25.61 -18.18 -10.12
CA ARG C 904 26.39 -19.05 -11.00
C ARG C 904 27.01 -18.26 -12.15
N PHE C 905 26.26 -17.33 -12.73
CA PHE C 905 26.79 -16.50 -13.81
C PHE C 905 27.97 -15.66 -13.31
N ALA C 906 27.82 -15.06 -12.12
CA ALA C 906 28.90 -14.24 -11.57
C ALA C 906 30.14 -15.09 -11.29
N LEU C 907 29.95 -16.29 -10.76
CA LEU C 907 31.08 -17.17 -10.49
C LEU C 907 31.78 -17.58 -11.78
N ALA C 908 31.00 -17.89 -12.83
CA ALA C 908 31.60 -18.25 -14.11
C ALA C 908 32.39 -17.09 -14.69
N TYR C 909 31.87 -15.87 -14.62
CA TYR C 909 32.57 -14.70 -15.18
C TYR C 909 33.84 -14.45 -14.35
N MET C 910 33.77 -14.60 -13.03
CA MET C 910 34.96 -14.41 -12.20
C MET C 910 36.03 -15.45 -12.54
N GLU C 911 35.61 -16.69 -12.78
CA GLU C 911 36.56 -17.73 -13.15
C GLU C 911 37.15 -17.48 -14.54
N SER C 912 36.39 -16.84 -15.43
CA SER C 912 36.87 -16.64 -16.79
C SER C 912 38.07 -15.70 -16.82
N THR C 913 38.07 -14.65 -16.01
CA THR C 913 39.08 -13.60 -16.05
C THR C 913 40.32 -13.94 -15.24
N GLN C 914 40.35 -15.10 -14.58
CA GLN C 914 41.51 -15.56 -13.82
C GLN C 914 41.86 -14.59 -12.68
N SER C 915 40.84 -14.14 -11.96
CA SER C 915 41.07 -13.26 -10.82
C SER C 915 41.57 -14.01 -9.59
N PHE C 916 41.10 -15.24 -9.40
CA PHE C 916 41.42 -15.99 -8.18
C PHE C 916 42.92 -16.27 -8.08
N ASP C 917 43.56 -16.61 -9.19
CA ASP C 917 45.00 -16.82 -9.17
C ASP C 917 45.74 -15.52 -8.85
N TYR C 918 45.22 -14.39 -9.33
CA TYR C 918 45.82 -13.11 -9.01
C TYR C 918 45.76 -12.83 -7.51
N THR C 919 44.60 -13.10 -6.90
CA THR C 919 44.47 -12.94 -5.45
C THR C 919 45.41 -13.88 -4.72
N ARG C 920 45.55 -15.12 -5.20
CA ARG C 920 46.46 -16.07 -4.57
C ARG C 920 47.89 -15.58 -4.60
N ASP C 921 48.33 -15.07 -5.76
CA ASP C 921 49.70 -14.56 -5.88
C ASP C 921 49.92 -13.36 -4.97
N PHE C 922 48.96 -12.42 -4.91
CA PHE C 922 49.09 -11.25 -4.00
C PHE C 922 49.24 -11.76 -2.58
N VAL C 923 48.38 -12.67 -2.15
CA VAL C 923 48.43 -13.13 -0.77
C VAL C 923 49.76 -13.82 -0.49
N LYS C 924 50.31 -14.50 -1.47
CA LYS C 924 51.54 -15.29 -1.20
C LYS C 924 52.72 -14.35 -1.12
N ILE C 925 52.75 -13.31 -1.94
CA ILE C 925 53.81 -12.33 -1.83
C ILE C 925 53.71 -11.57 -0.51
N LEU C 926 52.50 -11.15 -0.13
CA LEU C 926 52.33 -10.43 1.12
C LEU C 926 52.70 -11.28 2.32
N ASN C 927 52.35 -12.57 2.28
CA ASN C 927 52.69 -13.48 3.37
C ASN C 927 54.20 -13.64 3.50
N GLY C 928 54.90 -13.75 2.36
CA GLY C 928 56.35 -13.81 2.41
C GLY C 928 56.95 -12.56 3.03
N GLU C 929 56.42 -11.39 2.66
CA GLU C 929 56.92 -10.15 3.25
C GLU C 929 56.64 -10.11 4.75
N ALA C 930 55.47 -10.58 5.17
CA ALA C 930 55.16 -10.57 6.60
C ALA C 930 56.10 -11.49 7.37
N LEU C 931 56.41 -12.65 6.80
CA LEU C 931 57.35 -13.55 7.46
C LEU C 931 58.74 -12.91 7.54
N ARG C 932 59.15 -12.21 6.49
CA ARG C 932 60.42 -11.49 6.54
C ARG C 932 60.41 -10.42 7.63
N MET C 933 59.29 -9.69 7.75
CA MET C 933 59.17 -8.68 8.80
C MET C 933 59.29 -9.31 10.18
N ILE C 934 58.63 -10.44 10.39
CA ILE C 934 58.69 -11.12 11.68
C ILE C 934 60.12 -11.55 11.98
N GLU C 935 60.81 -12.10 10.98
CA GLU C 935 62.19 -12.53 11.18
C GLU C 935 63.10 -11.36 11.50
N ASP C 936 62.91 -10.21 10.86
CA ASP C 936 63.78 -9.06 11.10
C ASP C 936 63.65 -8.55 12.52
N LEU C 937 62.45 -8.60 13.10
CA LEU C 937 62.25 -8.13 14.47
C LEU C 937 62.90 -9.03 15.51
N GLU C 938 63.15 -10.30 15.18
CA GLU C 938 63.65 -11.23 16.18
C GLU C 938 65.12 -11.01 16.51
N GLN C 939 65.88 -10.39 15.62
CA GLN C 939 67.28 -10.13 15.87
C GLN C 939 67.53 -8.84 16.65
N GLN C 940 66.46 -8.13 17.00
CA GLN C 940 66.58 -6.93 17.83
C GLN C 940 66.57 -7.24 19.32
N GLY C 941 66.47 -8.51 19.69
CA GLY C 941 66.52 -8.88 21.10
C GLY C 941 65.25 -9.54 21.60
N LEU C 942 64.51 -10.19 20.70
CA LEU C 942 63.26 -10.83 21.06
C LEU C 942 63.32 -12.31 20.71
N HIS C 943 62.67 -13.12 21.54
CA HIS C 943 62.67 -14.56 21.39
C HIS C 943 61.81 -14.98 20.19
N ARG C 944 61.92 -16.26 19.84
CA ARG C 944 61.09 -16.81 18.77
C ARG C 944 59.63 -16.83 19.18
N ASN C 945 58.75 -16.71 18.20
CA ASN C 945 57.31 -16.64 18.42
C ASN C 945 56.63 -17.72 17.59
N ILE C 946 56.31 -18.85 18.22
CA ILE C 946 55.63 -19.93 17.52
C ILE C 946 54.19 -19.54 17.20
N GLU C 947 53.52 -18.84 18.13
CA GLU C 947 52.11 -18.54 17.97
C GLU C 947 51.86 -17.62 16.78
N ILE C 948 52.71 -16.64 16.55
CA ILE C 948 52.51 -15.73 15.44
C ILE C 948 52.67 -16.46 14.11
N ARG C 949 53.61 -17.40 14.04
CA ARG C 949 53.75 -18.21 12.83
C ARG C 949 52.55 -19.13 12.65
N ASN C 950 52.02 -19.67 13.73
CA ASN C 950 50.82 -20.49 13.64
C ASN C 950 49.65 -19.67 13.09
N ILE C 951 49.49 -18.44 13.58
CA ILE C 951 48.42 -17.58 13.10
C ILE C 951 48.61 -17.25 11.62
N LEU C 952 49.84 -16.92 11.23
CA LEU C 952 50.11 -16.59 9.83
C LEU C 952 49.85 -17.76 8.91
N ALA C 953 50.32 -18.95 9.27
CA ALA C 953 50.19 -20.11 8.40
C ALA C 953 48.79 -20.70 8.42
N ARG C 954 48.06 -20.51 9.51
CA ARG C 954 46.74 -21.15 9.65
C ARG C 954 45.78 -20.67 8.58
N MET C 955 45.95 -19.44 8.11
CA MET C 955 45.15 -18.91 7.02
C MET C 955 46.05 -18.73 5.80
N SER C 956 45.60 -19.25 4.66
CA SER C 956 46.31 -19.13 3.39
C SER C 956 45.35 -19.53 2.30
N LEU C 957 45.71 -19.18 1.06
CA LEU C 957 44.86 -19.47 -0.08
C LEU C 957 45.30 -20.72 -0.83
N ALA D 645 51.67 -7.00 -13.50
CA ALA D 645 52.75 -6.45 -12.70
C ALA D 645 52.42 -6.53 -11.22
N ILE D 646 52.49 -7.75 -10.68
CA ILE D 646 52.16 -7.95 -9.27
C ILE D 646 53.17 -7.27 -8.37
N SER D 647 54.43 -7.30 -8.80
CA SER D 647 55.46 -6.77 -7.86
C SER D 647 55.48 -5.25 -7.89
N ASP D 648 54.82 -4.63 -8.86
CA ASP D 648 54.73 -3.16 -8.88
C ASP D 648 53.66 -2.77 -7.89
N HIS D 649 52.61 -3.56 -7.80
CA HIS D 649 51.51 -3.31 -6.84
C HIS D 649 51.98 -3.63 -5.43
N THR D 650 52.29 -4.88 -5.13
CA THR D 650 52.68 -5.31 -3.80
C THR D 650 53.61 -4.30 -3.14
N SER D 651 54.55 -3.74 -3.90
CA SER D 651 55.47 -2.76 -3.35
C SER D 651 54.72 -1.51 -2.89
N ARG D 652 53.76 -1.05 -3.70
CA ARG D 652 52.98 0.12 -3.29
C ARG D 652 52.17 -0.16 -2.02
N ALA D 653 51.56 -1.35 -1.94
CA ALA D 653 50.78 -1.69 -0.76
C ALA D 653 51.66 -1.74 0.48
N ILE D 654 52.83 -2.37 0.38
CA ILE D 654 53.72 -2.47 1.54
C ILE D 654 54.26 -1.10 1.92
N ASP D 655 54.52 -0.24 0.93
CA ASP D 655 54.98 1.11 1.24
C ASP D 655 53.90 1.88 1.99
N LEU D 656 52.64 1.75 1.58
CA LEU D 656 51.57 2.40 2.32
C LEU D 656 51.42 1.82 3.72
N CYS D 657 51.66 0.52 3.87
CA CYS D 657 51.64 -0.08 5.21
C CYS D 657 52.71 0.51 6.10
N ARG D 658 53.92 0.69 5.56
CA ARG D 658 55.01 1.22 6.38
C ARG D 658 54.88 2.73 6.57
N ASN D 659 54.37 3.43 5.57
CA ASN D 659 54.13 4.88 5.66
C ASN D 659 52.66 5.16 5.31
N PRO D 660 51.82 5.49 6.29
CA PRO D 660 50.39 5.62 6.00
C PRO D 660 50.11 6.87 5.19
N PRO D 661 49.01 6.90 4.44
CA PRO D 661 48.67 8.10 3.68
C PRO D 661 48.11 9.20 4.56
N LEU D 662 47.75 10.33 3.94
CA LEU D 662 47.20 11.48 4.63
C LEU D 662 45.77 11.70 4.18
N TRP D 663 44.92 12.10 5.14
CA TRP D 663 43.52 12.35 4.84
C TRP D 663 43.37 13.57 3.95
N GLY D 664 42.44 13.50 3.01
CA GLY D 664 42.24 14.58 2.05
C GLY D 664 40.97 15.38 2.26
N THR D 665 40.92 16.58 1.67
CA THR D 665 39.75 17.43 1.81
C THR D 665 38.57 16.95 0.95
N ASP D 666 38.85 16.42 -0.23
CA ASP D 666 37.77 15.98 -1.11
C ASP D 666 37.03 14.79 -0.56
N GLN D 667 37.56 14.14 0.48
CA GLN D 667 36.90 13.03 1.17
C GLN D 667 36.18 13.47 2.43
N GLU D 668 36.78 14.38 3.20
CA GLU D 668 36.06 14.96 4.32
C GLU D 668 34.83 15.74 3.85
N GLN D 669 34.89 16.31 2.65
CA GLN D 669 33.73 17.02 2.12
C GLN D 669 32.55 16.08 1.89
N THR D 670 32.81 14.88 1.35
CA THR D 670 31.72 13.94 1.15
C THR D 670 31.33 13.19 2.41
N LEU D 671 32.20 13.14 3.41
CA LEU D 671 31.79 12.55 4.69
C LEU D 671 30.95 13.52 5.52
N LEU D 672 30.91 14.80 5.16
CA LEU D 672 30.18 15.82 5.91
C LEU D 672 29.07 16.45 5.06
N GLY D 673 28.34 15.63 4.31
CA GLY D 673 27.29 16.12 3.47
C GLY D 673 26.04 16.53 4.23
N PRO D 674 25.36 15.57 4.86
CA PRO D 674 24.15 15.89 5.61
C PRO D 674 24.37 16.89 6.73
N PHE D 675 25.54 16.88 7.37
CA PHE D 675 25.81 17.83 8.43
C PHE D 675 25.75 19.27 7.90
N GLU D 676 26.43 19.53 6.79
CA GLU D 676 26.40 20.87 6.21
C GLU D 676 25.03 21.18 5.63
N TYR D 677 24.33 20.19 5.09
CA TYR D 677 22.97 20.43 4.58
C TYR D 677 22.05 20.92 5.69
N LEU D 678 22.12 20.31 6.86
CA LEU D 678 21.27 20.73 7.97
C LEU D 678 21.77 22.03 8.60
N GLU D 679 23.09 22.24 8.62
CA GLU D 679 23.63 23.48 9.17
C GLU D 679 23.32 24.69 8.29
N SER D 680 23.10 24.48 6.99
CA SER D 680 22.80 25.61 6.11
C SER D 680 21.48 26.27 6.48
N ILE D 681 20.46 25.47 6.80
CA ILE D 681 19.16 26.02 7.17
C ILE D 681 19.27 26.72 8.52
N PRO D 682 18.86 27.98 8.64
CA PRO D 682 18.96 28.67 9.93
C PRO D 682 17.84 28.26 10.88
N GLY D 683 18.13 28.39 12.17
CA GLY D 683 17.18 28.01 13.20
C GLY D 683 16.99 29.05 14.28
N LYS D 684 16.34 28.66 15.38
CA LYS D 684 16.09 29.58 16.47
C LYS D 684 17.38 30.03 17.13
N ASN D 685 18.34 29.12 17.28
CA ASN D 685 19.66 29.41 17.86
C ASN D 685 19.51 29.92 19.30
N ILE D 686 18.85 29.11 20.12
CA ILE D 686 18.64 29.45 21.52
C ILE D 686 19.87 29.19 22.37
N ARG D 687 20.68 28.18 22.03
CA ARG D 687 21.85 27.85 22.84
C ARG D 687 22.88 28.96 22.84
N SER D 688 23.00 29.71 21.75
CA SER D 688 23.92 30.85 21.74
C SER D 688 23.46 31.93 22.70
N GLN D 689 22.15 32.19 22.75
CA GLN D 689 21.62 33.13 23.74
C GLN D 689 21.85 32.62 25.15
N PHE D 690 21.68 31.32 25.36
CA PHE D 690 21.92 30.73 26.68
C PHE D 690 23.37 30.89 27.11
N ILE D 691 24.30 30.69 26.18
CA ILE D 691 25.72 30.83 26.50
C ILE D 691 26.07 32.29 26.77
N GLU D 692 25.59 33.21 25.93
CA GLU D 692 25.92 34.61 26.11
C GLU D 692 25.30 35.20 27.38
N ALA D 693 24.10 34.74 27.75
CA ALA D 693 23.45 35.24 28.95
C ALA D 693 24.24 34.89 30.20
N PHE D 694 24.78 33.66 30.26
CA PHE D 694 25.55 33.23 31.42
C PHE D 694 26.96 33.82 31.43
N ASN D 695 27.43 34.36 30.31
CA ASN D 695 28.79 34.88 30.24
C ASN D 695 28.96 36.15 31.07
N THR D 696 27.86 36.83 31.39
CA THR D 696 27.95 38.04 32.20
C THR D 696 28.51 37.74 33.57
N TRP D 697 28.09 36.63 34.18
CA TRP D 697 28.59 36.26 35.50
C TRP D 697 30.02 35.71 35.44
N LEU D 698 30.37 35.02 34.35
CA LEU D 698 31.65 34.32 34.24
C LEU D 698 32.77 35.20 33.68
N GLN D 699 32.51 35.93 32.61
CA GLN D 699 33.46 36.89 32.04
C GLN D 699 34.76 36.21 31.59
N ILE D 700 34.62 35.36 30.59
CA ILE D 700 35.75 34.63 30.01
C ILE D 700 36.12 35.24 28.66
N PRO D 701 37.32 34.98 28.14
CA PRO D 701 37.71 35.54 26.84
C PRO D 701 36.86 34.98 25.70
N GLN D 702 37.17 35.46 24.49
CA GLN D 702 36.31 35.22 23.33
C GLN D 702 36.63 33.91 22.63
N ASP D 703 37.91 33.54 22.55
CA ASP D 703 38.28 32.31 21.85
C ASP D 703 37.65 31.09 22.51
N HIS D 704 37.67 31.03 23.84
CA HIS D 704 37.01 29.95 24.55
C HIS D 704 35.53 29.91 24.23
N LEU D 705 34.89 31.07 24.18
CA LEU D 705 33.46 31.14 23.86
C LEU D 705 33.19 30.59 22.47
N GLN D 706 34.02 30.94 21.50
CA GLN D 706 33.83 30.45 20.14
C GLN D 706 33.99 28.94 20.07
N ILE D 707 35.02 28.41 20.75
CA ILE D 707 35.23 26.96 20.74
C ILE D 707 34.02 26.24 21.34
N VAL D 708 33.54 26.73 22.48
CA VAL D 708 32.43 26.07 23.15
C VAL D 708 31.17 26.13 22.31
N GLY D 709 30.90 27.29 21.70
CA GLY D 709 29.74 27.40 20.82
C GLY D 709 29.82 26.44 19.65
N LYS D 710 31.00 26.30 19.06
CA LYS D 710 31.17 25.38 17.94
C LYS D 710 30.88 23.95 18.36
N VAL D 711 31.41 23.55 19.52
CA VAL D 711 31.21 22.19 20.01
C VAL D 711 29.72 21.93 20.22
N ILE D 712 29.03 22.87 20.87
CA ILE D 712 27.62 22.69 21.16
C ILE D 712 26.80 22.62 19.88
N SER D 713 27.13 23.45 18.89
CA SER D 713 26.41 23.42 17.63
C SER D 713 26.57 22.08 16.92
N MET D 714 27.81 21.56 16.88
CA MET D 714 28.02 20.26 16.25
C MET D 714 27.22 19.16 16.95
N LEU D 715 27.27 19.15 18.29
CA LEU D 715 26.55 18.11 19.03
C LEU D 715 25.05 18.19 18.76
N HIS D 716 24.48 19.39 18.80
CA HIS D 716 23.05 19.55 18.58
C HIS D 716 22.65 19.11 17.18
N THR D 717 23.44 19.48 16.16
CA THR D 717 23.07 19.12 14.79
C THR D 717 23.16 17.61 14.58
N ALA D 718 24.19 16.95 15.11
CA ALA D 718 24.28 15.51 14.99
C ALA D 718 23.10 14.83 15.69
N SER D 719 22.75 15.31 16.88
CA SER D 719 21.60 14.75 17.58
C SER D 719 20.33 14.94 16.78
N LEU D 720 20.17 16.09 16.12
CA LEU D 720 18.98 16.32 15.31
C LEU D 720 18.91 15.34 14.15
N LEU D 721 20.04 15.09 13.48
CA LEU D 721 20.04 14.12 12.39
C LEU D 721 19.61 12.74 12.88
N VAL D 722 20.24 12.27 13.96
CA VAL D 722 19.95 10.92 14.45
C VAL D 722 18.51 10.82 14.92
N ASP D 723 18.02 11.83 15.65
CA ASP D 723 16.65 11.79 16.15
C ASP D 723 15.65 11.81 15.01
N ASP D 724 15.90 12.64 13.99
CA ASP D 724 14.98 12.71 12.86
C ASP D 724 14.91 11.39 12.13
N ILE D 725 16.05 10.70 11.96
CA ILE D 725 15.98 9.45 11.23
C ILE D 725 15.40 8.34 12.10
N GLU D 726 15.54 8.45 13.43
CA GLU D 726 14.95 7.44 14.31
C GLU D 726 13.44 7.57 14.42
N ASP D 727 12.93 8.81 14.49
CA ASP D 727 11.50 9.03 14.72
C ASP D 727 10.66 8.96 13.47
N ASN D 728 11.26 8.71 12.30
CA ASN D 728 10.55 8.60 11.03
C ASN D 728 9.80 9.89 10.72
N SER D 729 10.53 11.00 10.69
CA SER D 729 9.96 12.29 10.38
C SER D 729 10.00 12.56 8.87
N LEU D 730 9.35 13.64 8.46
CA LEU D 730 9.32 14.04 7.06
C LEU D 730 9.81 15.45 6.81
N LEU D 731 9.67 16.36 7.76
CA LEU D 731 10.09 17.75 7.61
C LEU D 731 10.96 18.15 8.79
N ARG D 732 11.89 19.07 8.53
CA ARG D 732 12.74 19.63 9.58
C ARG D 732 13.08 21.06 9.19
N ARG D 733 12.73 22.00 10.06
CA ARG D 733 12.90 23.44 9.79
C ARG D 733 12.21 23.85 8.50
N GLY D 734 11.08 23.20 8.18
CA GLY D 734 10.32 23.53 6.99
C GLY D 734 10.87 22.98 5.70
N GLN D 735 11.85 22.10 5.75
CA GLN D 735 12.50 21.52 4.58
C GLN D 735 12.55 20.01 4.72
N PRO D 736 12.70 19.29 3.61
CA PRO D 736 12.76 17.82 3.70
C PRO D 736 13.95 17.35 4.52
N VAL D 737 13.77 16.20 5.18
CA VAL D 737 14.81 15.64 6.02
C VAL D 737 16.02 15.25 5.18
N ALA D 738 17.19 15.25 5.81
CA ALA D 738 18.42 14.97 5.09
C ALA D 738 18.53 13.53 4.64
N HIS D 739 17.88 12.61 5.34
CA HIS D 739 18.00 11.19 5.02
C HIS D 739 17.07 10.76 3.90
N SER D 740 16.26 11.66 3.37
CA SER D 740 15.49 11.39 2.16
C SER D 740 16.26 11.74 0.89
N ILE D 741 17.40 12.40 1.02
CA ILE D 741 18.25 12.76 -0.10
C ILE D 741 19.51 11.90 -0.15
N PHE D 742 20.24 11.83 0.96
CA PHE D 742 21.47 11.08 1.03
C PHE D 742 21.27 9.62 1.42
N GLY D 743 20.30 9.32 2.26
CA GLY D 743 20.05 7.98 2.72
C GLY D 743 20.19 7.86 4.23
N THR D 744 20.04 6.61 4.69
CA THR D 744 20.09 6.31 6.11
C THR D 744 21.52 6.16 6.62
N ALA D 745 22.31 5.32 5.94
CA ALA D 745 23.66 5.01 6.42
C ALA D 745 24.54 6.24 6.42
N GLN D 746 24.42 7.08 5.39
CA GLN D 746 25.22 8.28 5.32
C GLN D 746 24.93 9.22 6.50
N THR D 747 23.65 9.40 6.84
CA THR D 747 23.30 10.24 7.97
C THR D 747 23.81 9.66 9.27
N PHE D 748 23.66 8.35 9.47
CA PHE D 748 24.22 7.69 10.64
C PHE D 748 25.71 7.98 10.79
N ASN D 749 26.46 7.74 9.71
CA ASN D 749 27.91 7.91 9.77
C ASN D 749 28.28 9.37 10.00
N SER D 750 27.56 10.29 9.37
CA SER D 750 27.86 11.70 9.56
C SER D 750 27.64 12.12 11.00
N GLY D 751 26.55 11.66 11.62
CA GLY D 751 26.32 11.99 13.02
C GLY D 751 27.41 11.49 13.94
N ASN D 752 27.77 10.21 13.79
CA ASN D 752 28.81 9.67 14.66
C ASN D 752 30.17 10.34 14.42
N TYR D 753 30.48 10.61 13.15
CA TYR D 753 31.73 11.28 12.82
C TYR D 753 31.77 12.68 13.42
N VAL D 754 30.63 13.38 13.43
CA VAL D 754 30.57 14.70 14.05
C VAL D 754 30.79 14.59 15.55
N TYR D 755 30.20 13.57 16.19
CA TYR D 755 30.46 13.34 17.61
C TYR D 755 31.96 13.25 17.88
N PHE D 756 32.67 12.43 17.10
CA PHE D 756 34.08 12.21 17.41
C PHE D 756 34.97 13.37 16.98
N LEU D 757 34.58 14.12 15.94
CA LEU D 757 35.28 15.36 15.64
C LEU D 757 35.14 16.37 16.77
N ALA D 758 33.94 16.47 17.35
CA ALA D 758 33.75 17.33 18.51
C ALA D 758 34.61 16.88 19.68
N LEU D 759 34.69 15.56 19.89
CA LEU D 759 35.58 15.06 20.94
C LEU D 759 37.03 15.44 20.67
N GLN D 760 37.45 15.40 19.39
CA GLN D 760 38.80 15.82 19.05
C GLN D 760 39.02 17.29 19.37
N GLU D 761 38.01 18.13 19.11
CA GLU D 761 38.15 19.56 19.35
C GLU D 761 38.34 19.88 20.83
N VAL D 762 37.65 19.15 21.71
CA VAL D 762 37.76 19.40 23.14
C VAL D 762 39.16 19.06 23.66
N GLN D 763 39.85 18.13 22.99
CA GLN D 763 41.17 17.71 23.45
C GLN D 763 42.19 18.85 23.38
N LYS D 764 41.93 19.88 22.58
CA LYS D 764 42.88 20.96 22.40
C LYS D 764 42.93 21.90 23.60
N LEU D 765 41.92 21.87 24.47
CA LEU D 765 41.92 22.76 25.62
C LEU D 765 42.92 22.34 26.69
N ASN D 766 43.47 21.14 26.59
CA ASN D 766 44.47 20.62 27.53
C ASN D 766 43.91 20.58 28.96
N SER D 767 42.87 19.77 29.15
CA SER D 767 42.30 19.58 30.47
C SER D 767 41.55 18.25 30.55
N PRO D 768 41.95 17.35 31.46
CA PRO D 768 41.20 16.10 31.64
C PRO D 768 39.76 16.29 32.07
N ARG D 769 39.48 17.34 32.84
CA ARG D 769 38.11 17.60 33.29
C ARG D 769 37.17 17.77 32.10
N ALA D 770 37.65 18.39 31.03
CA ALA D 770 36.83 18.55 29.84
C ALA D 770 36.44 17.19 29.25
N ILE D 771 37.40 16.26 29.19
CA ILE D 771 37.11 14.92 28.68
C ILE D 771 36.09 14.24 29.56
N SER D 772 36.24 14.34 30.89
CA SER D 772 35.30 13.72 31.80
C SER D 772 33.89 14.24 31.58
N ILE D 773 33.73 15.56 31.52
CA ILE D 773 32.40 16.15 31.34
C ILE D 773 31.81 15.71 30.00
N PHE D 774 32.63 15.71 28.95
CA PHE D 774 32.14 15.33 27.63
C PHE D 774 31.61 13.90 27.64
N VAL D 775 32.37 12.98 28.22
CA VAL D 775 31.95 11.58 28.23
C VAL D 775 30.66 11.40 29.02
N ASP D 776 30.58 12.03 30.20
CA ASP D 776 29.37 11.91 31.00
C ASP D 776 28.14 12.45 30.26
N ALA D 777 28.29 13.61 29.62
CA ALA D 777 27.16 14.19 28.89
C ALA D 777 26.70 13.29 27.76
N LEU D 778 27.64 12.72 27.00
CA LEU D 778 27.25 11.85 25.89
C LEU D 778 26.56 10.58 26.40
N THR D 779 27.05 10.01 27.49
CA THR D 779 26.39 8.85 28.08
C THR D 779 24.95 9.18 28.48
N GLN D 780 24.75 10.33 29.13
CA GLN D 780 23.42 10.72 29.55
C GLN D 780 22.48 10.89 28.36
N LEU D 781 22.97 11.53 27.29
CA LEU D 781 22.15 11.75 26.12
C LEU D 781 21.70 10.42 25.51
N HIS D 782 22.61 9.47 25.40
CA HIS D 782 22.25 8.18 24.81
C HIS D 782 21.27 7.42 25.70
N ARG D 783 21.43 7.51 27.03
CA ARG D 783 20.47 6.90 27.93
C ARG D 783 19.06 7.43 27.69
N GLY D 784 18.93 8.76 27.63
CA GLY D 784 17.62 9.36 27.43
C GLY D 784 16.99 8.97 26.10
N GLN D 785 17.77 9.01 25.03
CA GLN D 785 17.23 8.64 23.72
C GLN D 785 16.76 7.19 23.71
N GLY D 786 17.55 6.29 24.33
CA GLY D 786 17.14 4.90 24.38
C GLY D 786 15.85 4.68 25.14
N MET D 787 15.69 5.38 26.27
CA MET D 787 14.44 5.23 27.02
C MET D 787 13.25 5.73 26.21
N ASP D 788 13.42 6.85 25.50
CA ASP D 788 12.33 7.33 24.64
C ASP D 788 11.94 6.29 23.61
N VAL D 789 12.93 5.74 22.91
CA VAL D 789 12.63 4.78 21.85
C VAL D 789 11.95 3.54 22.42
N PHE D 790 12.41 3.06 23.57
CA PHE D 790 11.83 1.88 24.19
C PHE D 790 10.36 2.11 24.53
N TRP D 791 10.07 3.21 25.23
CA TRP D 791 8.69 3.48 25.62
C TRP D 791 7.79 3.64 24.40
N ARG D 792 8.28 4.34 23.38
CA ARG D 792 7.45 4.52 22.18
C ARG D 792 7.18 3.20 21.48
N ASP D 793 8.20 2.36 21.32
CA ASP D 793 8.05 1.15 20.53
C ASP D 793 7.18 0.12 21.25
N SER D 794 7.36 -0.04 22.56
CA SER D 794 6.68 -1.10 23.28
C SER D 794 5.36 -0.67 23.92
N LEU D 795 4.97 0.60 23.78
CA LEU D 795 3.65 1.10 24.19
C LEU D 795 3.40 0.95 25.69
N ILE D 796 4.21 1.64 26.49
CA ILE D 796 3.92 1.87 27.90
C ILE D 796 3.94 3.37 28.15
N CYS D 797 2.92 3.88 28.83
CA CYS D 797 2.87 5.28 29.19
C CYS D 797 3.72 5.51 30.44
N PRO D 798 4.78 6.30 30.37
CA PRO D 798 5.59 6.56 31.57
C PRO D 798 4.86 7.45 32.55
N THR D 799 5.27 7.36 33.81
CA THR D 799 4.79 8.27 34.83
C THR D 799 5.43 9.64 34.63
N GLU D 800 4.93 10.62 35.38
CA GLU D 800 5.48 11.98 35.29
C GLU D 800 6.94 12.01 35.71
N GLU D 801 7.28 11.31 36.81
CA GLU D 801 8.65 11.33 37.31
C GLU D 801 9.61 10.70 36.31
N GLU D 802 9.23 9.56 35.74
CA GLU D 802 10.10 8.91 34.76
C GLU D 802 10.31 9.78 33.54
N TYR D 803 9.25 10.43 33.07
CA TYR D 803 9.37 11.33 31.93
C TYR D 803 10.28 12.51 32.26
N LEU D 804 10.19 13.02 33.48
CA LEU D 804 11.04 14.16 33.85
C LEU D 804 12.51 13.77 33.94
N ASP D 805 12.81 12.60 34.52
CA ASP D 805 14.19 12.14 34.56
C ASP D 805 14.72 11.88 33.14
N MET D 806 13.90 11.28 32.28
CA MET D 806 14.23 11.14 30.87
C MET D 806 14.56 12.48 30.22
N VAL D 807 13.72 13.49 30.44
CA VAL D 807 13.92 14.79 29.81
C VAL D 807 15.21 15.42 30.32
N ALA D 808 15.49 15.25 31.61
CA ALA D 808 16.75 15.76 32.16
C ALA D 808 17.94 15.08 31.51
N ASN D 809 17.84 13.78 31.25
CA ASN D 809 18.94 13.07 30.60
C ASN D 809 19.13 13.54 29.16
N LYS D 810 18.04 13.70 28.40
CA LYS D 810 18.19 13.99 26.97
C LYS D 810 18.52 15.45 26.71
N THR D 811 17.87 16.38 27.42
CA THR D 811 17.90 17.79 27.07
C THR D 811 18.84 18.61 27.94
N GLY D 812 18.78 18.44 29.27
CA GLY D 812 19.59 19.25 30.15
C GLY D 812 21.08 18.95 30.09
N ALA D 813 21.45 17.80 29.52
CA ALA D 813 22.85 17.42 29.48
C ALA D 813 23.69 18.40 28.66
N LEU D 814 23.17 18.82 27.50
CA LEU D 814 23.91 19.75 26.65
C LEU D 814 24.08 21.10 27.33
N PHE D 815 23.03 21.60 27.97
CA PHE D 815 23.12 22.87 28.67
C PHE D 815 24.13 22.79 29.82
N CYS D 816 24.08 21.70 30.60
CA CYS D 816 25.02 21.55 31.70
C CYS D 816 26.46 21.45 31.20
N LEU D 817 26.68 20.71 30.11
CA LEU D 817 28.02 20.60 29.54
C LEU D 817 28.53 21.96 29.06
N ALA D 818 27.67 22.72 28.39
CA ALA D 818 28.08 24.04 27.90
C ALA D 818 28.44 24.97 29.04
N ILE D 819 27.67 24.93 30.13
CA ILE D 819 27.97 25.81 31.26
C ILE D 819 29.24 25.36 31.95
N GLU D 820 29.44 24.05 32.12
CA GLU D 820 30.62 23.56 32.82
C GLU D 820 31.89 23.80 32.03
N LEU D 821 31.82 23.74 30.69
CA LEU D 821 33.00 23.98 29.88
C LEU D 821 33.52 25.41 30.03
N LEU D 822 32.62 26.39 30.13
CA LEU D 822 33.04 27.78 30.27
C LEU D 822 33.71 28.04 31.62
N GLN D 823 33.26 27.35 32.67
CA GLN D 823 33.74 27.63 34.02
C GLN D 823 35.19 27.23 34.25
N ILE D 824 35.81 26.49 33.32
CA ILE D 824 37.20 26.09 33.50
C ILE D 824 38.11 27.30 33.57
N LYS D 825 37.91 28.26 32.68
CA LYS D 825 38.73 29.46 32.60
C LYS D 825 38.09 30.66 33.30
N SER D 826 37.06 30.44 34.11
CA SER D 826 36.38 31.51 34.81
C SER D 826 36.83 31.54 36.28
N THR D 827 36.72 32.72 36.88
CA THR D 827 37.17 32.93 38.25
C THR D 827 36.08 32.81 39.29
N VAL D 828 34.81 32.63 38.87
CA VAL D 828 33.72 32.41 39.80
C VAL D 828 33.39 30.92 39.83
N GLN D 829 33.34 30.35 41.02
CA GLN D 829 33.23 28.90 41.20
C GLN D 829 32.05 28.56 42.08
N LEU D 830 30.88 29.11 41.78
CA LEU D 830 29.66 28.76 42.46
C LEU D 830 29.03 27.57 41.75
N ASP D 831 27.82 27.17 42.16
CA ASP D 831 27.10 26.04 41.58
C ASP D 831 25.90 26.58 40.83
N PHE D 832 25.92 26.47 39.50
CA PHE D 832 24.83 26.90 38.64
C PHE D 832 23.97 25.75 38.15
N LEU D 833 24.35 24.50 38.45
CA LEU D 833 23.71 23.34 37.82
C LEU D 833 22.22 23.21 38.08
N PRO D 834 21.70 23.38 39.32
CA PRO D 834 20.24 23.27 39.49
C PRO D 834 19.45 24.24 38.63
N LEU D 835 19.94 25.47 38.47
CA LEU D 835 19.27 26.43 37.62
C LEU D 835 19.23 25.96 36.17
N VAL D 836 20.34 25.41 35.69
CA VAL D 836 20.41 24.94 34.31
C VAL D 836 19.47 23.75 34.09
N ARG D 837 19.41 22.82 35.06
CA ARG D 837 18.50 21.69 34.93
C ARG D 837 17.04 22.15 34.90
N LEU D 838 16.69 23.10 35.77
CA LEU D 838 15.33 23.63 35.79
C LEU D 838 14.99 24.31 34.47
N LEU D 839 15.94 25.08 33.93
CA LEU D 839 15.72 25.76 32.67
C LEU D 839 15.51 24.76 31.54
N GLY D 840 16.29 23.67 31.53
CA GLY D 840 16.10 22.65 30.51
C GLY D 840 14.73 21.99 30.60
N ILE D 841 14.28 21.69 31.81
CA ILE D 841 12.95 21.11 31.99
C ILE D 841 11.88 22.06 31.48
N ILE D 842 12.00 23.35 31.82
CA ILE D 842 11.03 24.34 31.34
C ILE D 842 11.01 24.39 29.82
N PHE D 843 12.20 24.39 29.21
CA PHE D 843 12.30 24.46 27.76
C PHE D 843 11.58 23.29 27.11
N GLN D 844 11.82 22.07 27.61
CA GLN D 844 11.20 20.90 27.02
C GLN D 844 9.68 20.92 27.20
N ILE D 845 9.20 21.30 28.38
CA ILE D 845 7.75 21.32 28.60
C ILE D 845 7.10 22.34 27.67
N CYS D 846 7.71 23.52 27.53
CA CYS D 846 7.15 24.54 26.66
C CYS D 846 7.14 24.08 25.20
N ASP D 847 8.19 23.39 24.76
CA ASP D 847 8.22 22.87 23.40
C ASP D 847 7.10 21.84 23.20
N ASP D 848 6.92 20.96 24.18
CA ASP D 848 5.87 19.94 24.08
C ASP D 848 4.49 20.59 23.98
N TYR D 849 4.25 21.65 24.76
CA TYR D 849 2.98 22.34 24.68
C TYR D 849 2.80 23.04 23.34
N LEU D 850 3.84 23.72 22.87
CA LEU D 850 3.72 24.52 21.66
C LEU D 850 3.61 23.67 20.40
N ASN D 851 4.08 22.43 20.43
CA ASN D 851 3.95 21.58 19.25
C ASN D 851 2.48 21.29 18.94
N LEU D 852 1.68 21.04 19.97
CA LEU D 852 0.26 20.75 19.77
C LEU D 852 -0.56 22.03 19.63
N LYS D 853 -0.56 22.85 20.66
CA LYS D 853 -1.34 24.08 20.69
C LYS D 853 -0.43 25.28 20.48
N SER D 854 -0.78 26.12 19.52
CA SER D 854 0.01 27.31 19.23
C SER D 854 -0.72 28.56 19.67
N CYS D 864 0.54 18.88 14.56
CA CYS D 864 0.43 17.83 15.56
C CYS D 864 1.20 16.58 15.13
N GLU D 865 2.52 16.70 15.03
CA GLU D 865 3.33 15.59 14.59
C GLU D 865 3.56 14.55 15.68
N ASP D 866 3.41 14.93 16.96
CA ASP D 866 3.53 13.95 18.03
C ASP D 866 2.43 12.91 17.96
N ILE D 867 1.21 13.33 17.62
CA ILE D 867 0.11 12.38 17.47
C ILE D 867 0.39 11.43 16.31
N THR D 868 0.95 11.95 15.21
CA THR D 868 1.24 11.11 14.05
C THR D 868 2.38 10.14 14.33
N GLU D 869 3.36 10.56 15.12
CA GLU D 869 4.53 9.72 15.39
C GLU D 869 4.40 8.88 16.66
N GLY D 870 3.31 9.02 17.41
CA GLY D 870 3.14 8.22 18.61
C GLY D 870 3.97 8.66 19.80
N LYS D 871 4.41 9.92 19.83
CA LYS D 871 5.17 10.42 20.96
C LYS D 871 4.34 10.44 22.23
N PHE D 872 5.03 10.34 23.37
CA PHE D 872 4.44 10.58 24.68
C PHE D 872 4.98 11.92 25.18
N SER D 873 4.08 12.85 25.45
CA SER D 873 4.44 14.17 25.94
C SER D 873 3.76 14.43 27.27
N PHE D 874 4.01 15.63 27.82
CA PHE D 874 3.41 16.00 29.10
C PHE D 874 1.89 16.01 29.05
N PRO D 875 1.23 16.75 28.14
CA PRO D 875 -0.23 16.70 28.11
C PRO D 875 -0.81 15.34 27.80
N ILE D 876 -0.14 14.57 26.93
CA ILE D 876 -0.64 13.25 26.58
C ILE D 876 -0.57 12.33 27.80
N ILE D 877 0.53 12.38 28.55
CA ILE D 877 0.66 11.59 29.77
C ILE D 877 -0.42 11.97 30.76
N HIS D 878 -0.65 13.27 30.95
CA HIS D 878 -1.67 13.70 31.91
C HIS D 878 -3.05 13.21 31.48
N SER D 879 -3.38 13.34 30.20
CA SER D 879 -4.69 12.94 29.71
C SER D 879 -4.89 11.43 29.81
N ILE D 880 -3.84 10.65 29.57
CA ILE D 880 -3.97 9.21 29.67
C ILE D 880 -4.13 8.79 31.13
N ARG D 881 -3.35 9.37 32.02
CA ARG D 881 -3.36 8.93 33.41
C ARG D 881 -4.50 9.52 34.24
N THR D 882 -5.17 10.56 33.76
CA THR D 882 -6.26 11.15 34.53
C THR D 882 -7.52 10.31 34.48
N LYS D 883 -7.74 9.58 33.39
CA LYS D 883 -8.91 8.69 33.24
C LYS D 883 -8.43 7.34 32.74
N PRO D 884 -7.94 6.48 33.64
CA PRO D 884 -7.36 5.20 33.21
C PRO D 884 -8.38 4.23 32.63
N GLY D 885 -9.67 4.45 32.84
CA GLY D 885 -10.67 3.56 32.27
C GLY D 885 -11.05 3.85 30.84
N ASN D 886 -10.52 4.93 30.27
CA ASN D 886 -10.80 5.33 28.89
C ASN D 886 -9.55 5.06 28.06
N ARG D 887 -9.73 4.43 26.90
CA ARG D 887 -8.62 3.99 26.06
C ARG D 887 -8.78 4.51 24.64
N GLN D 888 -9.07 5.80 24.50
CA GLN D 888 -9.20 6.41 23.19
C GLN D 888 -7.90 7.06 22.71
N LEU D 889 -7.26 7.84 23.59
CA LEU D 889 -6.04 8.52 23.20
C LEU D 889 -4.90 7.55 22.90
N ILE D 890 -4.77 6.49 23.71
CA ILE D 890 -3.69 5.54 23.49
C ILE D 890 -3.93 4.76 22.20
N ASN D 891 -5.19 4.46 21.88
CA ASN D 891 -5.48 3.80 20.62
C ASN D 891 -5.19 4.73 19.43
N VAL D 892 -5.50 6.01 19.58
CA VAL D 892 -5.18 6.98 18.52
C VAL D 892 -3.67 7.03 18.31
N LEU D 893 -2.90 7.02 19.40
CA LEU D 893 -1.45 7.00 19.28
C LEU D 893 -0.97 5.73 18.59
N ARG D 894 -1.57 4.59 18.91
CA ARG D 894 -1.18 3.32 18.29
C ARG D 894 -1.47 3.29 16.80
N GLN D 895 -2.55 3.90 16.32
CA GLN D 895 -2.88 3.78 14.88
C GLN D 895 -1.92 4.59 14.03
N LYS D 896 -1.35 5.67 14.56
CA LYS D 896 -0.37 6.46 13.81
C LYS D 896 -0.96 6.99 12.51
N SER D 897 -1.96 7.86 12.65
CA SER D 897 -2.73 8.36 11.52
C SER D 897 -2.25 9.73 11.09
N LYS D 898 -2.43 10.03 9.80
CA LYS D 898 -2.10 11.31 9.22
C LYS D 898 -3.33 12.17 8.94
N GLU D 899 -4.52 11.65 9.18
CA GLU D 899 -5.75 12.38 8.89
C GLU D 899 -5.94 13.53 9.89
N ASP D 900 -6.55 14.62 9.40
CA ASP D 900 -6.75 15.79 10.24
C ASP D 900 -7.89 15.60 11.23
N ASP D 901 -8.88 14.78 10.88
CA ASP D 901 -10.02 14.56 11.77
C ASP D 901 -9.57 13.90 13.07
N VAL D 902 -8.65 12.93 12.98
CA VAL D 902 -8.16 12.25 14.19
C VAL D 902 -7.39 13.22 15.07
N LYS D 903 -6.60 14.11 14.45
CA LYS D 903 -5.86 15.10 15.23
C LYS D 903 -6.82 16.08 15.92
N ARG D 904 -7.86 16.51 15.22
CA ARG D 904 -8.85 17.39 15.84
C ARG D 904 -9.55 16.70 17.01
N PHE D 905 -9.89 15.42 16.82
CA PHE D 905 -10.53 14.68 17.91
C PHE D 905 -9.60 14.54 19.10
N ALA D 906 -8.31 14.28 18.85
CA ALA D 906 -7.36 14.16 19.95
C ALA D 906 -7.22 15.47 20.71
N LEU D 907 -7.16 16.59 19.98
CA LEU D 907 -7.07 17.89 20.65
C LEU D 907 -8.33 18.17 21.46
N ALA D 908 -9.50 17.84 20.93
CA ALA D 908 -10.74 18.02 21.68
C ALA D 908 -10.77 17.17 22.94
N TYR D 909 -10.32 15.91 22.84
CA TYR D 909 -10.28 15.05 24.01
C TYR D 909 -9.33 15.58 25.06
N MET D 910 -8.15 16.07 24.63
CA MET D 910 -7.21 16.64 25.60
C MET D 910 -7.78 17.89 26.26
N GLU D 911 -8.52 18.69 25.50
CA GLU D 911 -9.18 19.85 26.10
C GLU D 911 -10.28 19.42 27.08
N SER D 912 -10.88 18.26 26.86
CA SER D 912 -11.93 17.80 27.77
C SER D 912 -11.39 17.50 29.16
N THR D 913 -10.19 16.92 29.24
CA THR D 913 -9.60 16.52 30.52
C THR D 913 -8.84 17.64 31.21
N GLN D 914 -8.76 18.82 30.60
CA GLN D 914 -8.09 19.99 31.17
C GLN D 914 -6.60 19.70 31.43
N SER D 915 -5.89 19.41 30.36
CA SER D 915 -4.46 19.15 30.41
C SER D 915 -3.61 20.39 30.15
N PHE D 916 -4.07 21.25 29.24
CA PHE D 916 -3.30 22.45 28.90
C PHE D 916 -3.24 23.43 30.07
N ASP D 917 -4.32 23.53 30.84
CA ASP D 917 -4.30 24.34 32.06
C ASP D 917 -3.29 23.79 33.06
N TYR D 918 -3.24 22.46 33.20
CA TYR D 918 -2.27 21.82 34.07
C TYR D 918 -0.84 22.17 33.64
N THR D 919 -0.57 22.10 32.34
CA THR D 919 0.76 22.44 31.84
C THR D 919 1.10 23.90 32.12
N ARG D 920 0.14 24.80 31.92
CA ARG D 920 0.39 26.22 32.14
C ARG D 920 0.71 26.50 33.61
N ASP D 921 -0.06 25.90 34.53
CA ASP D 921 0.22 26.11 35.96
C ASP D 921 1.57 25.52 36.35
N PHE D 922 1.89 24.34 35.83
CA PHE D 922 3.21 23.74 36.06
C PHE D 922 4.32 24.70 35.66
N VAL D 923 4.24 25.25 34.45
CA VAL D 923 5.29 26.12 33.95
C VAL D 923 5.35 27.42 34.77
N LYS D 924 4.19 27.93 35.21
CA LYS D 924 4.19 29.14 36.02
C LYS D 924 4.93 28.94 37.34
N ILE D 925 4.64 27.83 38.03
CA ILE D 925 5.32 27.56 39.29
C ILE D 925 6.82 27.37 39.06
N LEU D 926 7.19 26.66 37.99
CA LEU D 926 8.60 26.45 37.69
C LEU D 926 9.31 27.77 37.41
N ASN D 927 8.65 28.68 36.69
CA ASN D 927 9.25 29.98 36.40
C ASN D 927 9.45 30.80 37.67
N GLY D 928 8.47 30.76 38.58
CA GLY D 928 8.66 31.43 39.86
C GLY D 928 9.85 30.89 40.63
N GLU D 929 9.99 29.56 40.65
CA GLU D 929 11.15 28.96 41.33
C GLU D 929 12.44 29.38 40.66
N ALA D 930 12.47 29.45 39.33
CA ALA D 930 13.68 29.85 38.63
C ALA D 930 14.06 31.28 38.95
N LEU D 931 13.08 32.18 39.02
CA LEU D 931 13.39 33.57 39.39
C LEU D 931 13.91 33.66 40.81
N ARG D 932 13.33 32.89 41.73
CA ARG D 932 13.85 32.88 43.10
C ARG D 932 15.28 32.35 43.14
N MET D 933 15.57 31.30 42.36
CA MET D 933 16.92 30.76 42.29
C MET D 933 17.90 31.80 41.76
N ILE D 934 17.51 32.53 40.72
CA ILE D 934 18.37 33.57 40.18
C ILE D 934 18.64 34.64 41.23
N GLU D 935 17.59 35.10 41.91
CA GLU D 935 17.77 36.14 42.92
C GLU D 935 18.63 35.67 44.08
N ASP D 936 18.62 34.37 44.39
CA ASP D 936 19.48 33.87 45.45
C ASP D 936 20.96 33.99 45.09
N LEU D 937 21.31 33.70 43.84
CA LEU D 937 22.72 33.74 43.43
C LEU D 937 23.27 35.16 43.47
N GLU D 938 22.45 36.14 43.08
CA GLU D 938 22.92 37.52 42.99
C GLU D 938 23.25 38.13 44.35
N GLN D 939 22.78 37.53 45.43
CA GLN D 939 23.12 38.01 46.77
C GLN D 939 24.47 37.50 47.25
N GLN D 940 25.13 36.62 46.48
CA GLN D 940 26.44 36.09 46.84
C GLN D 940 27.59 36.86 46.24
N GLY D 941 27.32 37.91 45.47
CA GLY D 941 28.38 38.76 44.96
C GLY D 941 28.46 38.91 43.46
N LEU D 942 27.34 38.75 42.76
CA LEU D 942 27.29 38.92 41.32
C LEU D 942 26.43 40.14 40.97
N HIS D 943 26.38 40.45 39.68
CA HIS D 943 25.65 41.61 39.19
C HIS D 943 24.31 41.18 38.57
N ARG D 944 23.43 42.16 38.39
CA ARG D 944 22.09 41.89 37.82
C ARG D 944 22.21 41.49 36.36
N ASN D 945 21.47 40.47 35.95
CA ASN D 945 21.53 39.88 34.62
C ASN D 945 20.19 40.07 33.93
N ILE D 946 20.12 41.04 33.01
CA ILE D 946 18.89 41.27 32.26
C ILE D 946 18.66 40.15 31.25
N GLU D 947 19.73 39.61 30.66
CA GLU D 947 19.57 38.65 29.59
C GLU D 947 18.90 37.37 30.06
N ILE D 948 19.26 36.89 31.25
CA ILE D 948 18.68 35.64 31.74
C ILE D 948 17.19 35.84 32.05
N ARG D 949 16.82 37.00 32.59
CA ARG D 949 15.42 37.29 32.83
C ARG D 949 14.66 37.38 31.51
N ASN D 950 15.29 37.97 30.49
CA ASN D 950 14.64 38.06 29.18
C ASN D 950 14.38 36.69 28.59
N ILE D 951 15.39 35.82 28.62
CA ILE D 951 15.20 34.49 28.02
C ILE D 951 14.22 33.66 28.83
N LEU D 952 14.18 33.87 30.15
CA LEU D 952 13.21 33.14 30.97
C LEU D 952 11.78 33.61 30.70
N ALA D 953 11.58 34.94 30.61
CA ALA D 953 10.23 35.46 30.42
C ALA D 953 9.79 35.39 28.97
N ARG D 954 10.70 35.11 28.04
CA ARG D 954 10.31 35.02 26.63
C ARG D 954 9.35 33.88 26.39
N MET D 955 9.59 32.74 27.02
CA MET D 955 8.71 31.57 26.86
C MET D 955 7.90 31.34 28.14
N SER D 956 6.76 32.01 28.17
CA SER D 956 5.72 31.80 29.16
C SER D 956 4.42 31.49 28.44
N LEU D 957 3.75 30.43 28.89
CA LEU D 957 2.58 29.90 28.20
C LEU D 957 1.33 30.72 28.44
N ALA E 645 -25.91 -31.60 -26.72
CA ALA E 645 -25.01 -30.94 -25.78
C ALA E 645 -23.85 -30.27 -26.50
N ILE E 646 -22.72 -30.99 -26.56
CA ILE E 646 -21.54 -30.46 -27.25
C ILE E 646 -21.81 -30.35 -28.75
N SER E 647 -22.57 -31.27 -29.32
CA SER E 647 -22.79 -31.28 -30.77
C SER E 647 -23.49 -30.00 -31.22
N ASP E 648 -24.51 -29.56 -30.48
CA ASP E 648 -25.23 -28.35 -30.85
C ASP E 648 -24.32 -27.13 -30.82
N HIS E 649 -23.49 -27.01 -29.78
CA HIS E 649 -22.58 -25.88 -29.68
C HIS E 649 -21.55 -25.88 -30.81
N THR E 650 -21.00 -27.06 -31.11
CA THR E 650 -20.03 -27.14 -32.20
C THR E 650 -20.68 -26.80 -33.54
N SER E 651 -21.91 -27.27 -33.76
CA SER E 651 -22.62 -26.95 -34.99
C SER E 651 -22.86 -25.45 -35.10
N ARG E 652 -23.25 -24.81 -34.01
CA ARG E 652 -23.45 -23.36 -34.03
C ARG E 652 -22.15 -22.63 -34.34
N ALA E 653 -21.04 -23.08 -33.75
CA ALA E 653 -19.75 -22.44 -34.00
C ALA E 653 -19.35 -22.57 -35.47
N ILE E 654 -19.52 -23.78 -36.04
CA ILE E 654 -19.15 -23.99 -37.44
C ILE E 654 -20.06 -23.18 -38.36
N ASP E 655 -21.35 -23.10 -38.04
CA ASP E 655 -22.27 -22.30 -38.84
C ASP E 655 -21.89 -20.83 -38.79
N LEU E 656 -21.52 -20.32 -37.62
CA LEU E 656 -21.08 -18.93 -37.51
C LEU E 656 -19.81 -18.70 -38.30
N CYS E 657 -18.91 -19.68 -38.32
CA CYS E 657 -17.72 -19.57 -39.15
C CYS E 657 -18.07 -19.53 -40.62
N ARG E 658 -19.08 -20.31 -41.04
CA ARG E 658 -19.49 -20.32 -42.44
C ARG E 658 -20.14 -19.00 -42.82
N ASN E 659 -21.09 -18.52 -42.01
CA ASN E 659 -21.77 -17.26 -42.25
C ASN E 659 -21.54 -16.32 -41.08
N PRO E 660 -20.69 -15.30 -41.23
CA PRO E 660 -20.39 -14.44 -40.09
C PRO E 660 -21.60 -13.63 -39.68
N PRO E 661 -21.70 -13.25 -38.40
CA PRO E 661 -22.84 -12.47 -37.93
C PRO E 661 -22.74 -11.02 -38.39
N LEU E 662 -23.70 -10.21 -37.93
CA LEU E 662 -23.79 -8.81 -38.28
C LEU E 662 -23.64 -7.95 -37.04
N TRP E 663 -22.98 -6.81 -37.20
CA TRP E 663 -22.78 -5.88 -36.10
C TRP E 663 -24.10 -5.24 -35.68
N GLY E 664 -24.19 -4.90 -34.40
CA GLY E 664 -25.42 -4.34 -33.86
C GLY E 664 -25.26 -2.95 -33.29
N THR E 665 -26.38 -2.26 -33.06
CA THR E 665 -26.34 -0.91 -32.52
C THR E 665 -26.02 -0.91 -31.03
N ASP E 666 -26.47 -1.93 -30.30
CA ASP E 666 -26.23 -2.01 -28.87
C ASP E 666 -24.74 -2.17 -28.54
N GLN E 667 -23.93 -2.62 -29.51
CA GLN E 667 -22.49 -2.74 -29.31
C GLN E 667 -21.75 -1.48 -29.75
N GLU E 668 -22.23 -0.83 -30.82
CA GLU E 668 -21.67 0.46 -31.20
C GLU E 668 -21.91 1.49 -30.10
N GLN E 669 -22.98 1.38 -29.35
CA GLN E 669 -23.29 2.34 -28.28
C GLN E 669 -22.42 2.08 -27.05
N THR E 670 -21.62 1.02 -27.05
CA THR E 670 -20.76 0.66 -25.88
C THR E 670 -19.32 1.02 -26.20
N LEU E 671 -18.95 0.98 -27.47
CA LEU E 671 -17.55 1.23 -27.86
C LEU E 671 -17.41 2.70 -28.22
N LEU E 672 -18.48 3.33 -28.70
CA LEU E 672 -18.48 4.78 -29.02
C LEU E 672 -19.15 5.48 -27.86
N GLY E 673 -18.75 5.19 -26.62
CA GLY E 673 -19.32 5.78 -25.42
C GLY E 673 -18.40 6.80 -24.82
N PRO E 674 -17.13 6.48 -24.53
CA PRO E 674 -16.18 7.49 -24.09
C PRO E 674 -16.05 8.70 -25.06
N PHE E 675 -16.58 8.61 -26.27
CA PHE E 675 -16.51 9.66 -27.32
C PHE E 675 -17.76 10.52 -27.26
N GLU E 676 -18.94 9.92 -27.32
CA GLU E 676 -20.21 10.66 -27.27
C GLU E 676 -20.27 11.46 -25.99
N TYR E 677 -19.56 11.02 -24.96
CA TYR E 677 -19.50 11.85 -23.76
C TYR E 677 -18.79 13.17 -24.03
N LEU E 678 -17.63 13.10 -24.70
CA LEU E 678 -16.87 14.32 -24.96
C LEU E 678 -17.51 15.17 -26.05
N GLU E 679 -18.23 14.55 -26.98
CA GLU E 679 -18.86 15.32 -28.05
C GLU E 679 -20.04 16.15 -27.55
N SER E 680 -20.57 15.85 -26.37
CA SER E 680 -21.73 16.58 -25.87
C SER E 680 -21.36 17.94 -25.30
N ILE E 681 -20.17 18.08 -24.74
CA ILE E 681 -19.76 19.36 -24.14
C ILE E 681 -19.62 20.41 -25.23
N PRO E 682 -20.20 21.60 -25.07
CA PRO E 682 -20.06 22.63 -26.10
C PRO E 682 -18.63 23.14 -26.19
N GLY E 683 -18.26 23.58 -27.40
CA GLY E 683 -16.92 24.05 -27.68
C GLY E 683 -16.93 25.28 -28.55
N LYS E 684 -15.73 25.72 -28.92
CA LYS E 684 -15.57 26.93 -29.72
C LYS E 684 -15.87 26.73 -31.20
N ASN E 685 -15.82 25.49 -31.69
CA ASN E 685 -15.99 25.14 -33.10
C ASN E 685 -15.30 26.15 -34.02
N ILE E 686 -14.00 26.35 -33.76
CA ILE E 686 -13.21 27.25 -34.59
C ILE E 686 -13.01 26.67 -35.99
N ARG E 687 -12.84 25.34 -36.07
CA ARG E 687 -12.55 24.72 -37.36
C ARG E 687 -13.72 24.85 -38.32
N SER E 688 -14.95 24.88 -37.81
CA SER E 688 -16.10 25.09 -38.67
C SER E 688 -16.04 26.47 -39.32
N GLN E 689 -15.70 27.50 -38.55
CA GLN E 689 -15.55 28.83 -39.10
C GLN E 689 -14.38 28.89 -40.08
N PHE E 690 -13.30 28.18 -39.78
CA PHE E 690 -12.15 28.14 -40.67
C PHE E 690 -12.52 27.53 -42.01
N ILE E 691 -13.31 26.46 -41.99
CA ILE E 691 -13.78 25.83 -43.23
C ILE E 691 -14.71 26.77 -43.98
N GLU E 692 -15.65 27.40 -43.27
CA GLU E 692 -16.61 28.28 -43.93
C GLU E 692 -15.94 29.52 -44.51
N ALA E 693 -14.80 29.93 -43.95
CA ALA E 693 -14.09 31.09 -44.49
C ALA E 693 -13.51 30.79 -45.86
N PHE E 694 -12.96 29.59 -46.05
CA PHE E 694 -12.30 29.24 -47.30
C PHE E 694 -13.27 28.83 -48.39
N ASN E 695 -14.53 28.55 -48.06
CA ASN E 695 -15.51 28.16 -49.07
C ASN E 695 -15.98 29.33 -49.92
N THR E 696 -15.74 30.58 -49.49
CA THR E 696 -16.08 31.73 -50.31
C THR E 696 -15.23 31.81 -51.56
N TRP E 697 -14.09 31.12 -51.60
CA TRP E 697 -13.23 31.01 -52.77
C TRP E 697 -13.50 29.75 -53.59
N LEU E 698 -13.81 28.64 -52.93
CA LEU E 698 -13.87 27.36 -53.63
C LEU E 698 -15.22 27.11 -54.28
N GLN E 699 -16.30 27.50 -53.61
CA GLN E 699 -17.67 27.37 -54.15
C GLN E 699 -18.01 25.92 -54.49
N ILE E 700 -18.06 25.08 -53.45
CA ILE E 700 -18.33 23.66 -53.62
C ILE E 700 -19.74 23.35 -53.13
N PRO E 701 -20.33 22.22 -53.54
CA PRO E 701 -21.67 21.87 -53.05
C PRO E 701 -21.70 21.63 -51.55
N GLN E 702 -22.91 21.44 -51.03
CA GLN E 702 -23.12 21.32 -49.59
C GLN E 702 -22.73 19.95 -49.04
N ASP E 703 -23.01 18.87 -49.79
CA ASP E 703 -22.78 17.53 -49.28
C ASP E 703 -21.31 17.30 -48.95
N HIS E 704 -20.42 17.74 -49.85
CA HIS E 704 -18.99 17.61 -49.61
C HIS E 704 -18.59 18.38 -48.35
N LEU E 705 -19.18 19.56 -48.14
CA LEU E 705 -18.87 20.35 -46.96
C LEU E 705 -19.28 19.62 -45.69
N GLN E 706 -20.48 19.02 -45.69
CA GLN E 706 -20.92 18.26 -44.52
C GLN E 706 -20.00 17.08 -44.24
N ILE E 707 -19.60 16.35 -45.29
CA ILE E 707 -18.72 15.20 -45.10
C ILE E 707 -17.39 15.63 -44.49
N VAL E 708 -16.79 16.69 -45.04
CA VAL E 708 -15.50 17.14 -44.54
C VAL E 708 -15.62 17.61 -43.10
N GLY E 709 -16.67 18.37 -42.78
CA GLY E 709 -16.85 18.80 -41.40
C GLY E 709 -16.99 17.66 -40.43
N LYS E 710 -17.76 16.63 -40.81
CA LYS E 710 -17.92 15.46 -39.96
C LYS E 710 -16.58 14.78 -39.71
N VAL E 711 -15.80 14.59 -40.78
CA VAL E 711 -14.51 13.91 -40.65
C VAL E 711 -13.59 14.69 -39.72
N ILE E 712 -13.53 16.01 -39.89
CA ILE E 712 -12.63 16.82 -39.07
C ILE E 712 -13.06 16.79 -37.61
N SER E 713 -14.38 16.84 -37.36
CA SER E 713 -14.86 16.77 -35.98
C SER E 713 -14.48 15.46 -35.32
N MET E 714 -14.69 14.34 -36.01
CA MET E 714 -14.32 13.05 -35.44
C MET E 714 -12.83 12.98 -35.12
N LEU E 715 -11.99 13.41 -36.07
CA LEU E 715 -10.55 13.32 -35.85
C LEU E 715 -10.12 14.19 -34.68
N HIS E 716 -10.67 15.41 -34.58
CA HIS E 716 -10.28 16.30 -33.50
C HIS E 716 -10.68 15.75 -32.14
N THR E 717 -11.90 15.21 -32.03
CA THR E 717 -12.33 14.67 -30.74
C THR E 717 -11.49 13.45 -30.33
N ALA E 718 -11.18 12.56 -31.28
CA ALA E 718 -10.34 11.41 -30.95
C ALA E 718 -8.95 11.85 -30.50
N SER E 719 -8.39 12.84 -31.21
CA SER E 719 -7.09 13.37 -30.81
C SER E 719 -7.14 13.96 -29.42
N LEU E 720 -8.23 14.65 -29.08
CA LEU E 720 -8.36 15.22 -27.74
C LEU E 720 -8.39 14.13 -26.68
N LEU E 721 -9.12 13.05 -26.94
CA LEU E 721 -9.15 11.93 -25.98
C LEU E 721 -7.75 11.38 -25.73
N VAL E 722 -7.04 11.06 -26.81
CA VAL E 722 -5.72 10.44 -26.66
C VAL E 722 -4.74 11.41 -26.01
N ASP E 723 -4.80 12.68 -26.40
CA ASP E 723 -3.93 13.71 -25.84
C ASP E 723 -4.16 13.89 -24.34
N ASP E 724 -5.42 13.91 -23.92
CA ASP E 724 -5.72 14.05 -22.50
C ASP E 724 -5.24 12.83 -21.72
N ILE E 725 -5.36 11.65 -22.31
CA ILE E 725 -4.82 10.46 -21.63
C ILE E 725 -3.30 10.57 -21.49
N GLU E 726 -2.62 11.00 -22.55
CA GLU E 726 -1.16 11.01 -22.56
C GLU E 726 -0.61 12.04 -21.58
N ASP E 727 -1.19 13.24 -21.54
CA ASP E 727 -0.59 14.32 -20.76
C ASP E 727 -1.03 14.32 -19.30
N ASN E 728 -1.86 13.36 -18.88
CA ASN E 728 -2.30 13.25 -17.49
C ASN E 728 -2.99 14.54 -17.04
N SER E 729 -4.11 14.83 -17.68
CA SER E 729 -4.89 16.01 -17.34
C SER E 729 -6.01 15.64 -16.37
N LEU E 730 -6.64 16.67 -15.82
CA LEU E 730 -7.75 16.48 -14.88
C LEU E 730 -9.07 17.09 -15.34
N LEU E 731 -9.05 18.11 -16.19
CA LEU E 731 -10.27 18.76 -16.61
C LEU E 731 -10.20 19.07 -18.10
N ARG E 732 -11.37 19.21 -18.72
CA ARG E 732 -11.46 19.62 -20.12
C ARG E 732 -12.78 20.33 -20.33
N ARG E 733 -12.73 21.57 -20.77
CA ARG E 733 -13.91 22.41 -20.99
C ARG E 733 -14.74 22.55 -19.71
N GLY E 734 -14.07 22.59 -18.57
CA GLY E 734 -14.75 22.76 -17.30
C GLY E 734 -15.40 21.51 -16.75
N GLN E 735 -15.13 20.35 -17.32
CA GLN E 735 -15.75 19.10 -16.93
C GLN E 735 -14.68 18.02 -16.76
N PRO E 736 -14.97 16.97 -16.01
CA PRO E 736 -13.98 15.89 -15.82
C PRO E 736 -13.59 15.25 -17.14
N VAL E 737 -12.34 14.78 -17.19
CA VAL E 737 -11.85 14.10 -18.38
C VAL E 737 -12.58 12.77 -18.55
N ALA E 738 -12.52 12.24 -19.77
CA ALA E 738 -13.25 11.02 -20.09
C ALA E 738 -12.67 9.81 -19.38
N HIS E 739 -11.35 9.76 -19.22
CA HIS E 739 -10.73 8.60 -18.60
C HIS E 739 -10.79 8.63 -17.08
N SER E 740 -11.36 9.67 -16.50
CA SER E 740 -11.70 9.69 -15.08
C SER E 740 -13.02 9.02 -14.80
N ILE E 741 -13.73 8.58 -15.83
CA ILE E 741 -15.00 7.88 -15.71
C ILE E 741 -14.93 6.47 -16.29
N PHE E 742 -14.48 6.35 -17.54
CA PHE E 742 -14.46 5.08 -18.24
C PHE E 742 -13.14 4.33 -18.11
N GLY E 743 -12.11 4.95 -17.54
CA GLY E 743 -10.80 4.33 -17.52
C GLY E 743 -10.00 4.65 -18.77
N THR E 744 -8.76 4.15 -18.78
CA THR E 744 -7.83 4.42 -19.86
C THR E 744 -8.03 3.53 -21.07
N ALA E 745 -8.24 2.22 -20.84
CA ALA E 745 -8.33 1.27 -21.94
C ALA E 745 -9.51 1.59 -22.86
N GLN E 746 -10.67 1.86 -22.27
CA GLN E 746 -11.86 2.15 -23.07
C GLN E 746 -11.67 3.42 -23.89
N THR E 747 -11.09 4.46 -23.29
CA THR E 747 -10.90 5.71 -24.01
C THR E 747 -9.91 5.55 -25.16
N PHE E 748 -8.80 4.84 -24.93
CA PHE E 748 -7.84 4.60 -26.01
C PHE E 748 -8.48 3.81 -27.16
N ASN E 749 -9.24 2.77 -26.81
CA ASN E 749 -9.91 1.98 -27.84
C ASN E 749 -10.91 2.83 -28.63
N SER E 750 -11.65 3.69 -27.93
CA SER E 750 -12.62 4.55 -28.61
C SER E 750 -11.92 5.52 -29.57
N GLY E 751 -10.80 6.10 -29.15
CA GLY E 751 -10.07 7.00 -30.03
C GLY E 751 -9.61 6.32 -31.30
N ASN E 752 -8.99 5.14 -31.16
CA ASN E 752 -8.52 4.44 -32.36
C ASN E 752 -9.67 4.00 -33.25
N TYR E 753 -10.75 3.51 -32.65
CA TYR E 753 -11.92 3.10 -33.42
C TYR E 753 -12.50 4.26 -34.20
N VAL E 754 -12.50 5.46 -33.60
CA VAL E 754 -13.00 6.64 -34.30
C VAL E 754 -12.06 7.02 -35.45
N TYR E 755 -10.75 6.90 -35.24
CA TYR E 755 -9.81 7.11 -36.34
C TYR E 755 -10.17 6.25 -37.54
N PHE E 756 -10.39 4.96 -37.31
CA PHE E 756 -10.63 4.07 -38.45
C PHE E 756 -12.03 4.22 -39.03
N LEU E 757 -13.02 4.61 -38.22
CA LEU E 757 -14.32 4.95 -38.77
C LEU E 757 -14.24 6.17 -39.67
N ALA E 758 -13.47 7.18 -39.26
CA ALA E 758 -13.27 8.36 -40.10
C ALA E 758 -12.58 7.98 -41.41
N LEU E 759 -11.61 7.07 -41.33
CA LEU E 759 -10.98 6.59 -42.57
C LEU E 759 -11.99 5.89 -43.46
N GLN E 760 -12.90 5.11 -42.86
CA GLN E 760 -13.93 4.44 -43.65
C GLN E 760 -14.85 5.45 -44.32
N GLU E 761 -15.09 6.59 -43.67
CA GLU E 761 -15.99 7.60 -44.25
C GLU E 761 -15.39 8.24 -45.50
N VAL E 762 -14.08 8.45 -45.54
CA VAL E 762 -13.45 9.10 -46.68
C VAL E 762 -13.52 8.24 -47.94
N GLN E 763 -13.55 6.92 -47.80
CA GLN E 763 -13.56 6.04 -48.96
C GLN E 763 -14.78 6.27 -49.85
N LYS E 764 -15.88 6.77 -49.28
CA LYS E 764 -17.09 6.99 -50.05
C LYS E 764 -16.96 8.13 -51.04
N LEU E 765 -15.92 8.96 -50.93
CA LEU E 765 -15.74 10.06 -51.87
C LEU E 765 -15.21 9.58 -53.22
N ASN E 766 -14.66 8.36 -53.27
CA ASN E 766 -14.16 7.75 -54.51
C ASN E 766 -13.03 8.57 -55.12
N SER E 767 -11.95 8.72 -54.36
CA SER E 767 -10.75 9.42 -54.82
C SER E 767 -9.51 8.88 -54.11
N PRO E 768 -8.55 8.32 -54.84
CA PRO E 768 -7.32 7.86 -54.19
C PRO E 768 -6.54 8.98 -53.53
N ARG E 769 -6.59 10.19 -54.08
CA ARG E 769 -5.91 11.32 -53.47
C ARG E 769 -6.38 11.53 -52.04
N ALA E 770 -7.67 11.33 -51.80
CA ALA E 770 -8.20 11.51 -50.44
C ALA E 770 -7.53 10.55 -49.48
N ILE E 771 -7.38 9.28 -49.87
CA ILE E 771 -6.69 8.31 -49.02
C ILE E 771 -5.24 8.74 -48.78
N SER E 772 -4.57 9.21 -49.83
CA SER E 772 -3.18 9.63 -49.69
C SER E 772 -3.03 10.74 -48.65
N ILE E 773 -3.82 11.81 -48.79
CA ILE E 773 -3.72 12.92 -47.85
C ILE E 773 -4.12 12.48 -46.44
N PHE E 774 -5.13 11.62 -46.33
CA PHE E 774 -5.53 11.15 -45.01
C PHE E 774 -4.38 10.44 -44.31
N VAL E 775 -3.72 9.52 -45.00
CA VAL E 775 -2.64 8.75 -44.39
C VAL E 775 -1.48 9.67 -44.02
N ASP E 776 -1.12 10.60 -44.91
CA ASP E 776 -0.02 11.50 -44.62
C ASP E 776 -0.31 12.38 -43.41
N ALA E 777 -1.53 12.92 -43.33
CA ALA E 777 -1.89 13.77 -42.20
C ALA E 777 -1.85 12.99 -40.89
N LEU E 778 -2.38 11.76 -40.89
CA LEU E 778 -2.36 10.98 -39.66
C LEU E 778 -0.93 10.66 -39.23
N THR E 779 -0.06 10.32 -40.19
CA THR E 779 1.33 10.06 -39.87
C THR E 779 1.99 11.30 -39.26
N GLN E 780 1.75 12.47 -39.85
CA GLN E 780 2.33 13.70 -39.32
C GLN E 780 1.85 13.96 -37.89
N LEU E 781 0.56 13.76 -37.64
CA LEU E 781 0.02 14.00 -36.30
C LEU E 781 0.68 13.09 -35.29
N HIS E 782 0.85 11.82 -35.63
CA HIS E 782 1.47 10.89 -34.69
C HIS E 782 2.93 11.23 -34.44
N ARG E 783 3.65 11.67 -35.47
CA ARG E 783 5.03 12.10 -35.27
C ARG E 783 5.10 13.28 -34.31
N GLY E 784 4.23 14.27 -34.52
CA GLY E 784 4.25 15.44 -33.65
C GLY E 784 3.94 15.10 -32.20
N GLN E 785 2.91 14.29 -31.99
CA GLN E 785 2.55 13.90 -30.63
C GLN E 785 3.68 13.12 -29.96
N GLY E 786 4.31 12.21 -30.70
CA GLY E 786 5.40 11.45 -30.12
C GLY E 786 6.58 12.31 -29.73
N MET E 787 6.96 13.26 -30.60
CA MET E 787 8.08 14.15 -30.27
C MET E 787 7.75 15.01 -29.06
N ASP E 788 6.56 15.58 -28.97
CA ASP E 788 6.21 16.34 -27.76
C ASP E 788 6.37 15.46 -26.54
N VAL E 789 5.71 14.31 -26.55
CA VAL E 789 5.77 13.48 -25.34
C VAL E 789 7.22 13.19 -24.96
N PHE E 790 8.06 12.88 -25.96
CA PHE E 790 9.45 12.56 -25.67
C PHE E 790 10.17 13.73 -25.03
N TRP E 791 9.99 14.94 -25.57
CA TRP E 791 10.62 16.11 -24.97
C TRP E 791 10.09 16.35 -23.56
N ARG E 792 8.78 16.21 -23.36
CA ARG E 792 8.21 16.49 -22.04
C ARG E 792 8.72 15.52 -20.99
N ASP E 793 8.81 14.23 -21.32
CA ASP E 793 9.17 13.25 -20.31
C ASP E 793 10.67 13.07 -20.12
N SER E 794 11.47 13.34 -21.15
CA SER E 794 12.92 13.23 -21.00
C SER E 794 13.55 14.50 -20.43
N LEU E 795 12.79 15.59 -20.34
CA LEU E 795 13.25 16.85 -19.73
C LEU E 795 14.48 17.40 -20.44
N ILE E 796 14.45 17.42 -21.77
CA ILE E 796 15.45 18.10 -22.58
C ILE E 796 14.77 19.26 -23.29
N CYS E 797 15.28 20.46 -23.06
CA CYS E 797 14.67 21.65 -23.62
C CYS E 797 14.98 21.76 -25.11
N PRO E 798 13.98 21.86 -25.97
CA PRO E 798 14.24 22.04 -27.40
C PRO E 798 14.56 23.48 -27.77
N THR E 799 14.90 23.72 -29.02
CA THR E 799 15.11 25.05 -29.55
C THR E 799 13.83 25.56 -30.19
N GLU E 800 13.91 26.71 -30.84
CA GLU E 800 12.72 27.31 -31.42
C GLU E 800 12.30 26.59 -32.70
N GLU E 801 13.26 26.23 -33.56
CA GLU E 801 12.92 25.66 -34.85
C GLU E 801 12.30 24.28 -34.72
N GLU E 802 12.87 23.43 -33.86
CA GLU E 802 12.31 22.10 -33.69
C GLU E 802 10.94 22.17 -33.02
N TYR E 803 10.75 23.08 -32.07
CA TYR E 803 9.43 23.28 -31.50
C TYR E 803 8.43 23.71 -32.56
N LEU E 804 8.83 24.62 -33.44
CA LEU E 804 7.92 25.10 -34.47
C LEU E 804 7.54 24.00 -35.44
N ASP E 805 8.49 23.18 -35.86
CA ASP E 805 8.14 22.08 -36.77
C ASP E 805 7.30 21.02 -36.07
N MET E 806 7.55 20.78 -34.78
CA MET E 806 6.67 19.89 -34.01
C MET E 806 5.25 20.41 -33.98
N VAL E 807 5.09 21.72 -33.78
CA VAL E 807 3.74 22.32 -33.76
C VAL E 807 3.10 22.19 -35.14
N ALA E 808 3.88 22.37 -36.20
CA ALA E 808 3.35 22.20 -37.55
C ALA E 808 2.89 20.77 -37.78
N ASN E 809 3.63 19.80 -37.25
CA ASN E 809 3.21 18.40 -37.36
C ASN E 809 1.95 18.13 -36.56
N LYS E 810 1.83 18.72 -35.37
CA LYS E 810 0.79 18.36 -34.41
C LYS E 810 -0.52 19.10 -34.64
N THR E 811 -0.48 20.37 -35.02
CA THR E 811 -1.68 21.20 -35.08
C THR E 811 -2.10 21.52 -36.51
N GLY E 812 -1.18 21.93 -37.37
CA GLY E 812 -1.55 22.36 -38.71
C GLY E 812 -1.97 21.25 -39.64
N ALA E 813 -1.73 19.99 -39.26
CA ALA E 813 -2.05 18.87 -40.14
C ALA E 813 -3.55 18.81 -40.41
N LEU E 814 -4.37 19.00 -39.38
CA LEU E 814 -5.82 18.95 -39.58
C LEU E 814 -6.31 20.06 -40.50
N PHE E 815 -5.77 21.27 -40.32
CA PHE E 815 -6.17 22.37 -41.20
C PHE E 815 -5.77 22.10 -42.64
N CYS E 816 -4.55 21.62 -42.86
CA CYS E 816 -4.11 21.31 -44.22
C CYS E 816 -4.97 20.21 -44.84
N LEU E 817 -5.28 19.16 -44.05
CA LEU E 817 -6.13 18.09 -44.55
C LEU E 817 -7.51 18.59 -44.92
N ALA E 818 -8.09 19.44 -44.06
CA ALA E 818 -9.43 19.96 -44.34
C ALA E 818 -9.43 20.80 -45.62
N ILE E 819 -8.40 21.62 -45.82
CA ILE E 819 -8.38 22.45 -47.02
C ILE E 819 -8.15 21.60 -48.26
N GLU E 820 -7.25 20.62 -48.17
CA GLU E 820 -6.96 19.78 -49.34
C GLU E 820 -8.15 18.91 -49.72
N LEU E 821 -8.91 18.42 -48.73
CA LEU E 821 -10.09 17.63 -49.03
C LEU E 821 -11.23 18.44 -49.61
N LEU E 822 -11.14 19.78 -49.58
CA LEU E 822 -12.17 20.63 -50.17
C LEU E 822 -11.89 20.92 -51.63
N GLN E 823 -10.63 20.98 -52.03
CA GLN E 823 -10.24 21.35 -53.38
C GLN E 823 -10.54 20.27 -54.41
N ILE E 824 -10.92 19.06 -53.98
CA ILE E 824 -11.15 17.98 -54.93
C ILE E 824 -12.27 18.34 -55.89
N LYS E 825 -13.35 18.93 -55.39
CA LYS E 825 -14.51 19.26 -56.19
C LYS E 825 -14.55 20.74 -56.57
N SER E 826 -13.48 21.48 -56.37
CA SER E 826 -13.44 22.92 -56.61
C SER E 826 -12.70 23.21 -57.91
N THR E 827 -13.24 24.15 -58.69
CA THR E 827 -12.57 24.55 -59.94
C THR E 827 -11.32 25.37 -59.66
N VAL E 828 -11.34 26.19 -58.61
CA VAL E 828 -10.17 26.97 -58.23
C VAL E 828 -9.09 26.02 -57.76
N GLN E 829 -7.88 26.21 -58.27
CA GLN E 829 -6.78 25.28 -57.92
C GLN E 829 -5.45 26.03 -57.84
N LEU E 830 -5.25 26.84 -56.81
CA LEU E 830 -3.95 27.52 -56.61
C LEU E 830 -3.29 26.80 -55.43
N ASP E 831 -2.33 27.42 -54.77
CA ASP E 831 -1.70 26.81 -53.58
C ASP E 831 -2.04 27.61 -52.33
N PHE E 832 -3.00 27.14 -51.53
CA PHE E 832 -3.31 27.83 -50.28
C PHE E 832 -2.47 27.35 -49.10
N LEU E 833 -1.60 26.37 -49.29
CA LEU E 833 -1.00 25.67 -48.16
C LEU E 833 -0.15 26.55 -47.24
N PRO E 834 0.76 27.42 -47.74
CA PRO E 834 1.56 28.21 -46.80
C PRO E 834 0.73 29.12 -45.92
N LEU E 835 -0.37 29.66 -46.46
CA LEU E 835 -1.28 30.46 -45.65
C LEU E 835 -1.87 29.64 -44.52
N VAL E 836 -2.25 28.39 -44.81
CA VAL E 836 -2.80 27.52 -43.78
C VAL E 836 -1.76 27.21 -42.72
N ARG E 837 -0.52 26.94 -43.13
CA ARG E 837 0.52 26.65 -42.15
C ARG E 837 0.79 27.84 -41.25
N LEU E 838 0.89 29.04 -41.83
CA LEU E 838 1.11 30.25 -41.04
C LEU E 838 -0.06 30.50 -40.10
N LEU E 839 -1.29 30.32 -40.58
CA LEU E 839 -2.44 30.52 -39.72
C LEU E 839 -2.45 29.54 -38.56
N GLY E 840 -2.05 28.29 -38.81
CA GLY E 840 -1.98 27.31 -37.73
C GLY E 840 -0.94 27.69 -36.69
N ILE E 841 0.23 28.15 -37.14
CA ILE E 841 1.26 28.54 -36.17
C ILE E 841 0.82 29.76 -35.37
N ILE E 842 0.12 30.69 -36.02
CA ILE E 842 -0.39 31.87 -35.32
C ILE E 842 -1.44 31.45 -34.29
N PHE E 843 -2.34 30.54 -34.66
CA PHE E 843 -3.37 30.08 -33.75
C PHE E 843 -2.75 29.43 -32.52
N GLN E 844 -1.77 28.55 -32.73
CA GLN E 844 -1.14 27.88 -31.60
C GLN E 844 -0.41 28.86 -30.69
N ILE E 845 0.32 29.81 -31.28
CA ILE E 845 1.06 30.77 -30.47
C ILE E 845 0.10 31.63 -29.66
N CYS E 846 -0.98 32.09 -30.30
CA CYS E 846 -1.95 32.94 -29.60
C CYS E 846 -2.63 32.18 -28.47
N ASP E 847 -3.01 30.92 -28.72
CA ASP E 847 -3.64 30.13 -27.66
C ASP E 847 -2.68 29.90 -26.51
N ASP E 848 -1.41 29.62 -26.82
CA ASP E 848 -0.42 29.39 -25.78
C ASP E 848 -0.20 30.65 -24.95
N TYR E 849 -0.17 31.81 -25.61
CA TYR E 849 -0.07 33.07 -24.89
C TYR E 849 -1.28 33.30 -23.99
N LEU E 850 -2.49 33.15 -24.54
CA LEU E 850 -3.70 33.40 -23.77
C LEU E 850 -3.88 32.42 -22.63
N ASN E 851 -3.23 31.25 -22.68
CA ASN E 851 -3.37 30.28 -21.61
C ASN E 851 -2.93 30.86 -20.26
N LEU E 852 -1.88 31.67 -20.26
CA LEU E 852 -1.37 32.29 -19.05
C LEU E 852 -2.00 33.64 -18.77
N LYS E 853 -2.99 34.05 -19.54
CA LYS E 853 -3.71 35.31 -19.33
C LYS E 853 -5.21 35.08 -19.46
N SER E 854 -5.71 34.00 -18.88
CA SER E 854 -7.14 33.68 -18.92
C SER E 854 -7.53 32.75 -17.78
N CYS E 864 -3.02 27.91 -17.22
CA CYS E 864 -2.34 27.95 -15.93
C CYS E 864 -1.86 26.57 -15.53
N GLU E 865 -2.44 25.54 -16.16
CA GLU E 865 -2.09 24.16 -15.85
C GLU E 865 -0.86 23.67 -16.60
N ASP E 866 -0.33 24.46 -17.54
CA ASP E 866 0.88 24.07 -18.25
C ASP E 866 2.07 23.99 -17.30
N ILE E 867 2.17 24.94 -16.36
CA ILE E 867 3.23 24.90 -15.36
C ILE E 867 3.07 23.67 -14.48
N THR E 868 1.82 23.35 -14.12
CA THR E 868 1.56 22.19 -13.24
C THR E 868 1.96 20.90 -13.95
N GLU E 869 1.64 20.80 -15.24
CA GLU E 869 1.95 19.58 -15.98
C GLU E 869 3.42 19.55 -16.40
N GLY E 870 3.92 20.63 -16.98
CA GLY E 870 5.28 20.67 -17.46
C GLY E 870 5.37 20.95 -18.94
N LYS E 871 4.36 21.62 -19.47
CA LYS E 871 4.36 21.98 -20.88
C LYS E 871 5.48 22.98 -21.20
N PHE E 872 6.07 22.83 -22.37
CA PHE E 872 7.12 23.73 -22.83
C PHE E 872 6.49 24.79 -23.72
N SER E 873 6.03 25.87 -23.10
CA SER E 873 5.42 26.98 -23.81
C SER E 873 6.46 27.75 -24.63
N PHE E 874 5.98 28.60 -25.54
CA PHE E 874 6.88 29.51 -26.23
C PHE E 874 7.58 30.45 -25.26
N PRO E 875 6.89 31.16 -24.35
CA PRO E 875 7.64 31.95 -23.36
C PRO E 875 8.57 31.13 -22.49
N ILE E 876 8.19 29.90 -22.13
CA ILE E 876 9.07 29.07 -21.31
C ILE E 876 10.32 28.70 -22.09
N ILE E 877 10.16 28.33 -23.35
CA ILE E 877 11.30 28.00 -24.20
C ILE E 877 12.23 29.20 -24.32
N HIS E 878 11.66 30.39 -24.56
CA HIS E 878 12.50 31.58 -24.69
C HIS E 878 13.21 31.90 -23.38
N SER E 879 12.51 31.76 -22.25
CA SER E 879 13.12 32.05 -20.96
C SER E 879 14.29 31.13 -20.67
N ILE E 880 14.14 29.84 -20.99
CA ILE E 880 15.26 28.91 -20.78
C ILE E 880 16.39 29.21 -21.76
N ARG E 881 16.05 29.53 -23.01
CA ARG E 881 17.11 29.83 -24.02
C ARG E 881 17.93 30.99 -23.48
N THR E 882 17.35 32.19 -23.42
CA THR E 882 18.08 33.31 -22.78
C THR E 882 18.35 32.91 -21.34
N LYS E 883 19.13 33.70 -20.60
CA LYS E 883 19.48 33.29 -19.24
C LYS E 883 19.76 31.80 -19.25
N PRO E 884 20.89 31.34 -19.81
CA PRO E 884 21.17 29.94 -19.92
C PRO E 884 21.62 29.57 -18.50
N GLY E 885 21.25 30.41 -17.55
CA GLY E 885 21.64 30.15 -16.15
C GLY E 885 20.42 30.22 -15.26
N ASN E 886 20.56 29.82 -14.00
CA ASN E 886 19.41 29.75 -13.06
C ASN E 886 18.49 28.62 -13.53
N ARG E 887 18.68 27.44 -12.95
CA ARG E 887 17.85 26.27 -13.29
C ARG E 887 16.65 26.23 -12.33
N GLN E 888 15.77 27.24 -12.44
CA GLN E 888 14.58 27.27 -11.57
C GLN E 888 13.32 27.03 -12.40
N LEU E 889 13.20 27.63 -13.59
CA LEU E 889 12.02 27.31 -14.42
C LEU E 889 12.12 25.84 -14.82
N ILE E 890 13.31 25.36 -15.14
CA ILE E 890 13.41 23.88 -15.41
C ILE E 890 12.90 23.14 -14.17
N ASN E 891 13.51 23.36 -13.02
CA ASN E 891 13.12 22.60 -11.79
C ASN E 891 11.66 22.86 -11.43
N VAL E 892 11.19 24.10 -11.48
CA VAL E 892 9.74 24.36 -11.23
C VAL E 892 8.92 23.43 -12.14
N LEU E 893 9.38 23.18 -13.37
CA LEU E 893 8.60 22.36 -14.33
C LEU E 893 8.89 20.88 -14.09
N ARG E 894 9.50 20.54 -12.96
CA ARG E 894 9.80 19.12 -12.66
C ARG E 894 9.25 18.78 -11.28
N GLN E 895 8.48 19.69 -10.68
CA GLN E 895 7.94 19.47 -9.33
C GLN E 895 6.44 19.24 -9.48
N LYS E 896 5.91 19.47 -10.68
CA LYS E 896 4.47 19.28 -10.94
C LYS E 896 3.66 19.70 -9.71
N SER E 897 3.75 20.96 -9.28
CA SER E 897 3.05 21.31 -8.02
C SER E 897 1.87 22.23 -8.32
N LYS E 898 0.80 22.15 -7.52
CA LYS E 898 -0.42 22.94 -7.81
C LYS E 898 -0.54 24.13 -6.86
N GLU E 899 0.35 24.22 -5.87
CA GLU E 899 0.29 25.32 -4.87
C GLU E 899 0.33 26.66 -5.61
N ASP E 900 -0.41 27.66 -5.13
CA ASP E 900 -0.34 29.00 -5.77
C ASP E 900 1.11 29.47 -5.76
N ASP E 901 1.74 29.50 -4.60
CA ASP E 901 3.15 29.94 -4.46
C ASP E 901 4.01 29.42 -5.62
N VAL E 902 4.10 28.10 -5.81
CA VAL E 902 5.03 27.54 -6.86
C VAL E 902 4.72 28.12 -8.24
N LYS E 903 3.58 28.79 -8.38
CA LYS E 903 3.22 29.39 -9.68
C LYS E 903 3.33 30.91 -9.56
N ARG E 904 3.05 31.45 -8.38
CA ARG E 904 3.21 32.90 -8.16
C ARG E 904 4.62 33.31 -8.60
N PHE E 905 5.60 32.43 -8.43
CA PHE E 905 7.00 32.79 -8.76
C PHE E 905 7.24 32.67 -10.25
N ALA E 906 6.68 31.63 -10.86
CA ALA E 906 6.99 31.36 -12.26
C ALA E 906 6.57 32.52 -13.15
N LEU E 907 5.41 33.11 -12.89
CA LEU E 907 4.97 34.26 -13.68
C LEU E 907 5.90 35.44 -13.49
N ALA E 908 6.35 35.69 -12.25
CA ALA E 908 7.28 36.78 -12.00
C ALA E 908 8.60 36.55 -12.72
N TYR E 909 9.12 35.33 -12.66
CA TYR E 909 10.36 35.01 -13.35
C TYR E 909 10.22 35.16 -14.86
N MET E 910 9.07 34.77 -15.40
CA MET E 910 8.82 34.94 -16.83
C MET E 910 8.76 36.41 -17.20
N GLU E 911 8.10 37.23 -16.37
CA GLU E 911 8.00 38.66 -16.63
C GLU E 911 9.33 39.37 -16.47
N SER E 912 10.26 38.80 -15.69
CA SER E 912 11.55 39.42 -15.50
C SER E 912 12.31 39.57 -16.81
N THR E 913 12.27 38.54 -17.66
CA THR E 913 12.97 38.58 -18.93
C THR E 913 12.17 39.29 -20.03
N GLN E 914 10.95 39.71 -19.73
CA GLN E 914 10.09 40.44 -20.68
C GLN E 914 9.83 39.60 -21.94
N SER E 915 9.26 38.42 -21.71
CA SER E 915 8.87 37.56 -22.82
C SER E 915 7.59 38.03 -23.50
N PHE E 916 6.77 38.83 -22.81
CA PHE E 916 5.52 39.31 -23.39
C PHE E 916 5.78 40.13 -24.63
N ASP E 917 6.77 41.03 -24.58
CA ASP E 917 7.12 41.82 -25.75
C ASP E 917 7.61 40.94 -26.89
N TYR E 918 8.39 39.91 -26.57
CA TYR E 918 8.84 38.98 -27.59
C TYR E 918 7.67 38.33 -28.31
N THR E 919 6.73 37.78 -27.53
CA THR E 919 5.59 37.10 -28.15
C THR E 919 4.72 38.08 -28.94
N ARG E 920 4.53 39.28 -28.42
CA ARG E 920 3.72 40.27 -29.13
C ARG E 920 4.35 40.67 -30.45
N ASP E 921 5.66 40.93 -30.45
CA ASP E 921 6.34 41.29 -31.70
C ASP E 921 6.31 40.13 -32.69
N PHE E 922 6.54 38.91 -32.20
CA PHE E 922 6.46 37.73 -33.06
C PHE E 922 5.11 37.63 -33.74
N VAL E 923 4.03 37.70 -32.95
CA VAL E 923 2.70 37.54 -33.51
C VAL E 923 2.33 38.71 -34.42
N LYS E 924 2.83 39.91 -34.12
CA LYS E 924 2.54 41.05 -34.99
C LYS E 924 3.21 40.89 -36.34
N ILE E 925 4.48 40.48 -36.36
CA ILE E 925 5.17 40.26 -37.62
C ILE E 925 4.48 39.15 -38.42
N LEU E 926 4.12 38.05 -37.76
CA LEU E 926 3.45 36.97 -38.45
C LEU E 926 2.10 37.39 -38.99
N ASN E 927 1.36 38.20 -38.22
CA ASN E 927 0.05 38.66 -38.68
C ASN E 927 0.19 39.57 -39.89
N GLY E 928 1.20 40.44 -39.89
CA GLY E 928 1.46 41.25 -41.07
C GLY E 928 1.79 40.42 -42.29
N GLU E 929 2.63 39.40 -42.10
CA GLU E 929 2.97 38.53 -43.22
C GLU E 929 1.74 37.80 -43.74
N ALA E 930 0.87 37.32 -42.84
CA ALA E 930 -0.33 36.62 -43.26
C ALA E 930 -1.26 37.55 -44.02
N LEU E 931 -1.41 38.79 -43.55
CA LEU E 931 -2.25 39.74 -44.27
C LEU E 931 -1.70 40.00 -45.67
N ARG E 932 -0.38 40.18 -45.78
CA ARG E 932 0.20 40.39 -47.10
C ARG E 932 -0.07 39.20 -48.01
N MET E 933 0.09 37.98 -47.47
CA MET E 933 -0.13 36.77 -48.25
C MET E 933 -1.58 36.68 -48.71
N ILE E 934 -2.52 37.10 -47.87
CA ILE E 934 -3.91 37.17 -48.34
C ILE E 934 -4.05 38.17 -49.47
N GLU E 935 -3.38 39.32 -49.37
CA GLU E 935 -3.50 40.32 -50.45
C GLU E 935 -2.95 39.78 -51.78
N ASP E 936 -1.81 39.11 -51.76
CA ASP E 936 -1.23 38.64 -53.03
C ASP E 936 -2.15 37.63 -53.71
N LEU E 937 -2.73 36.71 -52.95
CA LEU E 937 -3.64 35.72 -53.52
C LEU E 937 -4.88 36.35 -54.11
N GLU E 938 -5.23 37.56 -53.66
CA GLU E 938 -6.45 38.20 -54.13
C GLU E 938 -6.34 38.71 -55.56
N GLN E 939 -5.13 38.73 -56.11
CA GLN E 939 -4.90 39.27 -57.45
C GLN E 939 -5.04 38.24 -58.56
N GLN E 940 -5.17 36.96 -58.23
CA GLN E 940 -5.33 35.93 -59.27
C GLN E 940 -6.74 35.81 -59.79
N GLY E 941 -7.70 36.56 -59.24
CA GLY E 941 -9.04 36.56 -59.81
C GLY E 941 -10.11 36.11 -58.84
N LEU E 942 -9.76 36.01 -57.57
CA LEU E 942 -10.72 35.64 -56.55
C LEU E 942 -11.45 36.87 -56.03
N HIS E 943 -12.71 36.67 -55.64
CA HIS E 943 -13.52 37.78 -55.12
C HIS E 943 -12.97 38.24 -53.78
N ARG E 944 -13.40 39.44 -53.37
CA ARG E 944 -13.05 39.95 -52.06
C ARG E 944 -13.65 39.06 -50.97
N ASN E 945 -12.83 38.73 -49.98
CA ASN E 945 -13.26 37.87 -48.88
C ASN E 945 -12.94 38.57 -47.56
N ILE E 946 -13.98 38.88 -46.80
CA ILE E 946 -13.81 39.50 -45.48
C ILE E 946 -14.02 38.53 -44.33
N GLU E 947 -14.50 37.32 -44.60
CA GLU E 947 -14.63 36.32 -43.54
C GLU E 947 -13.27 35.97 -42.96
N ILE E 948 -12.27 35.78 -43.81
CA ILE E 948 -10.95 35.37 -43.33
C ILE E 948 -10.31 36.50 -42.53
N ARG E 949 -10.49 37.75 -42.96
CA ARG E 949 -9.94 38.87 -42.22
C ARG E 949 -10.66 39.04 -40.89
N ASN E 950 -11.98 38.83 -40.87
CA ASN E 950 -12.72 38.86 -39.61
C ASN E 950 -12.21 37.80 -38.65
N ILE E 951 -11.86 36.60 -39.15
CA ILE E 951 -11.43 35.45 -38.28
C ILE E 951 -9.98 35.60 -37.89
N LEU E 952 -9.22 36.36 -38.65
CA LEU E 952 -7.86 36.69 -38.24
C LEU E 952 -7.85 37.80 -37.20
N ALA E 953 -8.72 38.80 -37.36
CA ALA E 953 -8.76 39.90 -36.40
C ALA E 953 -9.45 39.51 -35.09
N ARG E 954 -10.38 38.56 -35.15
CA ARG E 954 -11.10 38.15 -33.94
C ARG E 954 -10.13 37.60 -32.90
N MET E 955 -9.20 36.78 -33.31
CA MET E 955 -8.08 36.38 -32.45
C MET E 955 -6.81 37.07 -32.93
N SER E 956 -6.56 38.22 -32.30
CA SER E 956 -5.43 39.06 -32.64
C SER E 956 -5.03 39.88 -31.42
N LEU E 957 -3.72 40.11 -31.29
CA LEU E 957 -3.19 40.88 -30.19
C LEU E 957 -2.93 42.34 -30.55
N ALA F 645 17.54 39.83 -34.47
CA ALA F 645 17.06 39.06 -33.35
C ALA F 645 15.67 38.51 -33.63
N ILE F 646 14.78 39.42 -34.01
CA ILE F 646 13.38 39.03 -34.24
C ILE F 646 13.04 39.44 -35.66
N SER F 647 14.05 39.55 -36.52
CA SER F 647 13.72 39.77 -37.94
C SER F 647 14.30 38.60 -38.70
N ASP F 648 15.16 37.83 -38.04
CA ASP F 648 15.74 36.62 -38.67
C ASP F 648 14.87 35.43 -38.32
N HIS F 649 14.62 35.25 -37.04
CA HIS F 649 13.77 34.16 -36.58
C HIS F 649 12.47 34.09 -37.37
N THR F 650 11.84 35.24 -37.60
CA THR F 650 10.62 35.26 -38.40
C THR F 650 10.90 34.82 -39.84
N SER F 651 12.04 35.22 -40.40
CA SER F 651 12.38 34.79 -41.75
C SER F 651 12.52 33.28 -41.82
N ARG F 652 13.16 32.68 -40.82
CA ARG F 652 13.27 31.22 -40.78
C ARG F 652 11.90 30.57 -40.65
N ALA F 653 11.02 31.15 -39.83
CA ALA F 653 9.69 30.57 -39.66
C ALA F 653 8.91 30.58 -40.97
N ILE F 654 8.87 31.71 -41.66
CA ILE F 654 8.17 31.76 -42.94
C ILE F 654 8.85 30.87 -43.98
N ASP F 655 10.18 30.77 -43.93
CA ASP F 655 10.87 29.88 -44.87
C ASP F 655 10.45 28.44 -44.67
N LEU F 656 10.35 27.99 -43.41
CA LEU F 656 9.88 26.64 -43.15
C LEU F 656 8.42 26.47 -43.55
N CYS F 657 7.61 27.52 -43.39
CA CYS F 657 6.23 27.44 -43.82
C CYS F 657 6.12 27.26 -45.34
N ARG F 658 6.94 27.98 -46.10
CA ARG F 658 6.90 27.86 -47.56
C ARG F 658 7.47 26.51 -48.01
N ASN F 659 8.59 26.11 -47.44
CA ASN F 659 9.23 24.82 -47.74
C ASN F 659 9.33 23.98 -46.48
N PRO F 660 8.53 22.94 -46.32
CA PRO F 660 8.55 22.18 -45.07
C PRO F 660 9.84 21.40 -44.94
N PRO F 661 10.27 21.11 -43.71
CA PRO F 661 11.49 20.33 -43.52
C PRO F 661 11.29 18.87 -43.90
N LEU F 662 12.39 18.12 -43.83
CA LEU F 662 12.40 16.71 -44.16
C LEU F 662 12.58 15.88 -42.90
N TRP F 663 11.84 14.79 -42.80
CA TRP F 663 11.90 13.92 -41.63
C TRP F 663 13.26 13.25 -41.55
N GLY F 664 13.78 13.10 -40.33
CA GLY F 664 15.11 12.54 -40.15
C GLY F 664 15.14 11.20 -39.46
N THR F 665 16.29 10.51 -39.54
CA THR F 665 16.42 9.20 -38.95
C THR F 665 16.60 9.25 -37.44
N ASP F 666 17.31 10.26 -36.93
CA ASP F 666 17.58 10.32 -35.50
C ASP F 666 16.34 10.56 -34.66
N GLN F 667 15.23 10.98 -35.27
CA GLN F 667 13.94 11.06 -34.59
C GLN F 667 13.08 9.83 -34.82
N GLU F 668 13.15 9.24 -36.01
CA GLU F 668 12.41 8.02 -36.28
C GLU F 668 12.89 6.89 -35.38
N GLN F 669 14.20 6.81 -35.15
CA GLN F 669 14.71 5.79 -34.23
C GLN F 669 14.23 6.05 -32.80
N THR F 670 13.95 7.30 -32.45
CA THR F 670 13.39 7.59 -31.13
C THR F 670 11.93 7.18 -31.06
N LEU F 671 11.17 7.40 -32.13
CA LEU F 671 9.75 7.06 -32.15
C LEU F 671 9.50 5.56 -32.27
N LEU F 672 10.54 4.76 -32.53
CA LEU F 672 10.41 3.32 -32.71
C LEU F 672 11.22 2.57 -31.68
N GLY F 673 11.15 2.99 -30.42
CA GLY F 673 11.88 2.36 -29.35
C GLY F 673 11.23 1.08 -28.87
N PRO F 674 10.03 1.19 -28.30
CA PRO F 674 9.34 -0.01 -27.81
C PRO F 674 9.10 -1.06 -28.89
N PHE F 675 8.86 -0.63 -30.12
CA PHE F 675 8.64 -1.59 -31.20
C PHE F 675 9.89 -2.45 -31.42
N GLU F 676 11.06 -1.82 -31.48
CA GLU F 676 12.29 -2.58 -31.67
C GLU F 676 12.62 -3.41 -30.44
N TYR F 677 12.31 -2.89 -29.25
CA TYR F 677 12.48 -3.67 -28.03
C TYR F 677 11.69 -4.98 -28.11
N LEU F 678 10.41 -4.90 -28.45
CA LEU F 678 9.60 -6.10 -28.49
C LEU F 678 9.95 -7.00 -29.68
N GLU F 679 10.41 -6.41 -30.79
CA GLU F 679 10.74 -7.21 -31.96
C GLU F 679 12.06 -7.95 -31.79
N SER F 680 12.98 -7.41 -30.99
CA SER F 680 14.27 -8.07 -30.79
C SER F 680 14.11 -9.42 -30.09
N ILE F 681 13.14 -9.52 -29.19
CA ILE F 681 12.93 -10.75 -28.43
C ILE F 681 12.40 -11.84 -29.35
N PRO F 682 13.01 -13.03 -29.38
CA PRO F 682 12.50 -14.09 -30.24
C PRO F 682 11.14 -14.58 -29.81
N GLY F 683 10.37 -15.08 -30.78
CA GLY F 683 9.03 -15.57 -30.53
C GLY F 683 8.74 -16.84 -31.30
N LYS F 684 7.51 -17.34 -31.10
CA LYS F 684 7.09 -18.58 -31.76
C LYS F 684 7.01 -18.41 -33.28
N ASN F 685 6.50 -17.27 -33.73
CA ASN F 685 6.36 -16.97 -35.16
C ASN F 685 5.46 -18.00 -35.86
N ILE F 686 4.24 -18.15 -35.34
CA ILE F 686 3.29 -19.08 -35.94
C ILE F 686 2.75 -18.51 -37.25
N ARG F 687 2.60 -17.19 -37.34
CA ARG F 687 2.00 -16.60 -38.54
C ARG F 687 2.87 -16.82 -39.78
N SER F 688 4.20 -16.87 -39.61
CA SER F 688 5.07 -17.19 -40.73
C SER F 688 4.79 -18.59 -41.25
N GLN F 689 4.64 -19.55 -40.35
CA GLN F 689 4.29 -20.92 -40.75
C GLN F 689 2.93 -20.94 -41.44
N PHE F 690 1.98 -20.17 -40.91
CA PHE F 690 0.63 -20.14 -41.49
C PHE F 690 0.66 -19.58 -42.91
N ILE F 691 1.48 -18.55 -43.14
CA ILE F 691 1.60 -17.98 -44.48
C ILE F 691 2.30 -18.96 -45.42
N GLU F 692 3.37 -19.59 -44.96
CA GLU F 692 4.12 -20.51 -45.80
C GLU F 692 3.29 -21.74 -46.16
N ALA F 693 2.43 -22.19 -45.25
CA ALA F 693 1.61 -23.37 -45.51
C ALA F 693 0.60 -23.11 -46.63
N PHE F 694 0.00 -21.91 -46.65
CA PHE F 694 -1.00 -21.61 -47.65
C PHE F 694 -0.38 -21.24 -49.00
N ASN F 695 0.90 -20.88 -49.02
CA ASN F 695 1.56 -20.54 -50.27
C ASN F 695 1.64 -21.72 -51.23
N THR F 696 1.56 -22.95 -50.71
CA THR F 696 1.64 -24.13 -51.57
C THR F 696 0.50 -24.14 -52.58
N TRP F 697 -0.70 -23.78 -52.14
CA TRP F 697 -1.86 -23.75 -53.02
C TRP F 697 -1.85 -22.54 -53.96
N LEU F 698 -1.20 -21.45 -53.59
CA LEU F 698 -1.26 -20.19 -54.34
C LEU F 698 -0.07 -19.99 -55.26
N GLN F 699 1.15 -20.20 -54.77
CA GLN F 699 2.38 -20.10 -55.56
C GLN F 699 2.55 -18.70 -56.15
N ILE F 700 2.77 -17.75 -55.26
CA ILE F 700 3.01 -16.35 -55.64
C ILE F 700 4.50 -16.05 -55.52
N PRO F 701 4.99 -14.97 -56.14
CA PRO F 701 6.43 -14.64 -56.03
C PRO F 701 6.88 -14.30 -54.61
N GLN F 702 8.17 -14.01 -54.46
CA GLN F 702 8.81 -13.89 -53.15
C GLN F 702 8.70 -12.48 -52.56
N ASP F 703 8.83 -11.44 -53.38
CA ASP F 703 8.76 -10.08 -52.85
C ASP F 703 7.41 -9.77 -52.23
N HIS F 704 6.33 -10.23 -52.86
CA HIS F 704 5.00 -10.08 -52.28
C HIS F 704 4.91 -10.78 -50.94
N LEU F 705 5.48 -11.98 -50.84
CA LEU F 705 5.46 -12.71 -49.58
C LEU F 705 6.20 -11.96 -48.49
N GLN F 706 7.37 -11.39 -48.83
CA GLN F 706 8.12 -10.63 -47.83
C GLN F 706 7.34 -9.40 -47.38
N ILE F 707 6.69 -8.70 -48.31
CA ILE F 707 5.91 -7.52 -47.96
C ILE F 707 4.78 -7.90 -47.02
N VAL F 708 4.05 -8.97 -47.35
CA VAL F 708 2.91 -9.38 -46.53
C VAL F 708 3.36 -9.81 -45.14
N GLY F 709 4.44 -10.58 -45.08
CA GLY F 709 4.97 -10.99 -43.78
C GLY F 709 5.38 -9.81 -42.92
N LYS F 710 6.02 -8.81 -43.54
CA LYS F 710 6.40 -7.62 -42.80
C LYS F 710 5.18 -6.90 -42.25
N VAL F 711 4.14 -6.75 -43.06
CA VAL F 711 2.93 -6.06 -42.61
C VAL F 711 2.31 -6.79 -41.42
N ILE F 712 2.20 -8.12 -41.54
CA ILE F 712 1.57 -8.90 -40.48
C ILE F 712 2.39 -8.83 -39.20
N SER F 713 3.71 -8.88 -39.31
CA SER F 713 4.56 -8.80 -38.12
C SER F 713 4.40 -7.46 -37.41
N MET F 714 4.39 -6.36 -38.18
CA MET F 714 4.20 -5.05 -37.56
C MET F 714 2.86 -4.95 -36.85
N LEU F 715 1.79 -5.41 -37.52
CA LEU F 715 0.47 -5.34 -36.90
C LEU F 715 0.41 -6.15 -35.62
N HIS F 716 0.97 -7.37 -35.64
CA HIS F 716 0.93 -8.21 -34.45
C HIS F 716 1.70 -7.60 -33.30
N THR F 717 2.88 -7.04 -33.58
CA THR F 717 3.67 -6.46 -32.49
C THR F 717 3.01 -5.23 -31.90
N ALA F 718 2.42 -4.37 -32.74
CA ALA F 718 1.70 -3.22 -32.22
C ALA F 718 0.52 -3.64 -31.36
N SER F 719 -0.23 -4.64 -31.82
CA SER F 719 -1.34 -5.16 -31.02
C SER F 719 -0.83 -5.72 -29.69
N LEU F 720 0.32 -6.39 -29.70
CA LEU F 720 0.88 -6.91 -28.47
C LEU F 720 1.20 -5.80 -27.48
N LEU F 721 1.81 -4.72 -27.96
CA LEU F 721 2.12 -3.60 -27.09
C LEU F 721 0.85 -3.01 -26.46
N VAL F 722 -0.15 -2.73 -27.29
CA VAL F 722 -1.37 -2.09 -26.79
C VAL F 722 -2.10 -3.01 -25.82
N ASP F 723 -2.22 -4.28 -26.15
CA ASP F 723 -2.93 -5.14 -25.18
C ASP F 723 -2.12 -5.19 -23.90
N ASP F 724 -0.84 -5.43 -24.03
CA ASP F 724 -0.05 -5.60 -22.81
C ASP F 724 -0.21 -4.42 -21.88
N ILE F 725 -0.24 -3.19 -22.41
CA ILE F 725 -0.44 -2.06 -21.53
C ILE F 725 -1.89 -2.00 -21.03
N GLU F 726 -2.85 -2.43 -21.85
CA GLU F 726 -4.25 -2.41 -21.42
C GLU F 726 -4.52 -3.40 -20.30
N ASP F 727 -3.91 -4.59 -20.36
CA ASP F 727 -4.21 -5.65 -19.41
C ASP F 727 -3.40 -5.57 -18.12
N ASN F 728 -2.55 -4.55 -17.96
CA ASN F 728 -1.73 -4.37 -16.77
C ASN F 728 -0.85 -5.59 -16.52
N SER F 729 -0.19 -6.06 -17.57
CA SER F 729 0.69 -7.22 -17.47
C SER F 729 2.04 -6.80 -16.92
N LEU F 730 2.78 -7.78 -16.41
CA LEU F 730 4.11 -7.56 -15.84
C LEU F 730 5.22 -8.21 -16.65
N LEU F 731 4.96 -9.30 -17.34
CA LEU F 731 5.97 -10.02 -18.09
C LEU F 731 5.46 -10.33 -19.50
N ARG F 732 6.40 -10.39 -20.45
CA ARG F 732 6.09 -10.77 -21.82
C ARG F 732 7.28 -11.50 -22.41
N ARG F 733 7.05 -12.73 -22.88
CA ARG F 733 8.10 -13.58 -23.45
C ARG F 733 9.26 -13.78 -22.47
N GLY F 734 8.96 -13.78 -21.18
CA GLY F 734 9.97 -14.00 -20.16
C GLY F 734 10.80 -12.78 -19.81
N GLN F 735 10.45 -11.61 -20.31
CA GLN F 735 11.19 -10.38 -20.09
C GLN F 735 10.25 -9.29 -19.62
N PRO F 736 10.77 -8.25 -18.97
CA PRO F 736 9.90 -7.16 -18.51
C PRO F 736 9.21 -6.47 -19.67
N VAL F 737 8.00 -5.97 -19.39
CA VAL F 737 7.19 -5.32 -20.42
C VAL F 737 7.87 -4.03 -20.89
N ALA F 738 7.51 -3.61 -22.11
CA ALA F 738 8.15 -2.43 -22.69
C ALA F 738 7.73 -1.16 -21.96
N HIS F 739 6.49 -1.09 -21.49
CA HIS F 739 5.98 0.13 -20.88
C HIS F 739 6.46 0.32 -19.45
N SER F 740 7.17 -0.65 -18.88
CA SER F 740 7.80 -0.46 -17.58
C SER F 740 9.15 0.25 -17.67
N ILE F 741 9.67 0.44 -18.88
CA ILE F 741 10.95 1.09 -19.11
C ILE F 741 10.78 2.39 -19.88
N PHE F 742 10.00 2.37 -20.94
CA PHE F 742 9.85 3.51 -21.84
C PHE F 742 8.63 4.36 -21.52
N GLY F 743 7.85 3.99 -20.51
CA GLY F 743 6.64 4.70 -20.19
C GLY F 743 5.43 4.17 -20.94
N THR F 744 4.30 4.82 -20.70
CA THR F 744 3.02 4.46 -21.30
C THR F 744 2.71 5.22 -22.58
N ALA F 745 2.87 6.55 -22.54
CA ALA F 745 2.56 7.35 -23.72
C ALA F 745 3.43 6.99 -24.90
N GLN F 746 4.70 6.67 -24.63
CA GLN F 746 5.61 6.28 -25.71
C GLN F 746 5.14 5.00 -26.39
N THR F 747 4.71 4.01 -25.62
CA THR F 747 4.22 2.78 -26.22
C THR F 747 2.92 3.00 -26.98
N PHE F 748 2.01 3.81 -26.44
CA PHE F 748 0.79 4.16 -27.17
C PHE F 748 1.13 4.74 -28.53
N ASN F 749 1.99 5.76 -28.54
CA ASN F 749 2.34 6.45 -29.78
C ASN F 749 3.03 5.50 -30.74
N SER F 750 3.93 4.66 -30.23
CA SER F 750 4.64 3.72 -31.09
C SER F 750 3.68 2.74 -31.75
N GLY F 751 2.71 2.22 -30.99
CA GLY F 751 1.75 1.30 -31.58
C GLY F 751 0.93 1.94 -32.69
N ASN F 752 0.40 3.13 -32.43
CA ASN F 752 -0.40 3.79 -33.47
C ASN F 752 0.45 4.16 -34.68
N TYR F 753 1.69 4.61 -34.44
CA TYR F 753 2.59 4.96 -35.53
C TYR F 753 2.90 3.74 -36.39
N VAL F 754 3.08 2.58 -35.76
CA VAL F 754 3.32 1.36 -36.52
C VAL F 754 2.09 0.98 -37.32
N TYR F 755 0.89 1.15 -36.76
CA TYR F 755 -0.33 0.92 -37.53
C TYR F 755 -0.31 1.74 -38.82
N PHE F 756 -0.01 3.03 -38.71
CA PHE F 756 -0.10 3.86 -39.91
C PHE F 756 1.08 3.69 -40.85
N LEU F 757 2.25 3.32 -40.34
CA LEU F 757 3.35 2.94 -41.23
C LEU F 757 2.99 1.69 -42.02
N ALA F 758 2.38 0.70 -41.38
CA ALA F 758 1.93 -0.49 -42.08
C ALA F 758 0.89 -0.14 -43.14
N LEU F 759 -0.03 0.78 -42.82
CA LEU F 759 -0.98 1.23 -43.82
C LEU F 759 -0.27 1.88 -45.01
N GLN F 760 0.76 2.67 -44.73
CA GLN F 760 1.52 3.30 -45.81
C GLN F 760 2.21 2.26 -46.68
N GLU F 761 2.64 1.16 -46.09
CA GLU F 761 3.34 0.13 -46.87
C GLU F 761 2.40 -0.64 -47.78
N VAL F 762 1.10 -0.68 -47.45
CA VAL F 762 0.16 -1.41 -48.29
C VAL F 762 -0.18 -0.61 -49.55
N GLN F 763 0.04 0.71 -49.52
CA GLN F 763 -0.23 1.54 -50.70
C GLN F 763 0.73 1.24 -51.85
N LYS F 764 1.88 0.63 -51.57
CA LYS F 764 2.85 0.36 -52.62
C LYS F 764 2.37 -0.68 -53.63
N LEU F 765 1.53 -1.62 -53.21
CA LEU F 765 1.04 -2.65 -54.10
C LEU F 765 0.09 -2.11 -55.18
N ASN F 766 -0.36 -0.87 -55.04
CA ASN F 766 -1.20 -0.21 -56.04
C ASN F 766 -2.49 -0.98 -56.30
N SER F 767 -3.31 -1.09 -55.27
CA SER F 767 -4.59 -1.76 -55.40
C SER F 767 -5.57 -1.26 -54.34
N PRO F 768 -6.73 -0.71 -54.76
CA PRO F 768 -7.73 -0.26 -53.76
C PRO F 768 -8.27 -1.38 -52.89
N ARG F 769 -8.38 -2.60 -53.41
CA ARG F 769 -8.89 -3.70 -52.62
C ARG F 769 -8.04 -3.94 -51.39
N ALA F 770 -6.72 -3.76 -51.51
CA ALA F 770 -5.85 -3.91 -50.35
C ALA F 770 -6.22 -2.92 -49.26
N ILE F 771 -6.50 -1.67 -49.63
CA ILE F 771 -6.91 -0.66 -48.66
C ILE F 771 -8.23 -1.07 -48.01
N SER F 772 -9.16 -1.58 -48.81
CA SER F 772 -10.45 -2.01 -48.25
C SER F 772 -10.26 -3.09 -47.19
N ILE F 773 -9.51 -4.14 -47.52
CA ILE F 773 -9.30 -5.23 -46.56
C ILE F 773 -8.58 -4.72 -45.32
N PHE F 774 -7.60 -3.85 -45.50
CA PHE F 774 -6.86 -3.33 -44.35
C PHE F 774 -7.79 -2.60 -43.39
N VAL F 775 -8.64 -1.72 -43.93
CA VAL F 775 -9.52 -0.93 -43.07
C VAL F 775 -10.52 -1.83 -42.35
N ASP F 776 -11.12 -2.78 -43.08
CA ASP F 776 -12.08 -3.68 -42.44
C ASP F 776 -11.43 -4.51 -41.32
N ALA F 777 -10.23 -5.03 -41.57
CA ALA F 777 -9.56 -5.84 -40.56
C ALA F 777 -9.23 -5.02 -39.32
N LEU F 778 -8.76 -3.78 -39.49
CA LEU F 778 -8.42 -2.96 -38.33
C LEU F 778 -9.67 -2.61 -37.53
N THR F 779 -10.78 -2.30 -38.22
CA THR F 779 -12.04 -2.05 -37.53
C THR F 779 -12.47 -3.26 -36.71
N GLN F 780 -12.37 -4.45 -37.30
CA GLN F 780 -12.75 -5.67 -36.59
C GLN F 780 -11.90 -5.89 -35.35
N LEU F 781 -10.59 -5.67 -35.47
CA LEU F 781 -9.70 -5.86 -34.34
C LEU F 781 -10.06 -4.92 -33.20
N HIS F 782 -10.35 -3.66 -33.53
CA HIS F 782 -10.68 -2.70 -32.47
C HIS F 782 -12.01 -3.03 -31.81
N ARG F 783 -12.99 -3.50 -32.59
CA ARG F 783 -14.25 -3.94 -32.02
C ARG F 783 -14.03 -5.07 -31.00
N GLY F 784 -13.24 -6.07 -31.39
CA GLY F 784 -13.01 -7.19 -30.49
C GLY F 784 -12.31 -6.77 -29.20
N GLN F 785 -11.26 -5.95 -29.32
CA GLN F 785 -10.54 -5.50 -28.14
C GLN F 785 -11.45 -4.70 -27.22
N GLY F 786 -12.30 -3.84 -27.80
CA GLY F 786 -13.20 -3.06 -26.97
C GLY F 786 -14.19 -3.92 -26.21
N MET F 787 -14.76 -4.92 -26.88
CA MET F 787 -15.71 -5.80 -26.18
C MET F 787 -15.02 -6.56 -25.05
N ASP F 788 -13.80 -7.05 -25.29
CA ASP F 788 -13.08 -7.76 -24.24
C ASP F 788 -12.86 -6.87 -23.02
N VAL F 789 -12.38 -5.65 -23.25
CA VAL F 789 -12.10 -4.74 -22.14
C VAL F 789 -13.39 -4.39 -21.40
N PHE F 790 -14.47 -4.17 -22.14
CA PHE F 790 -15.75 -3.83 -21.50
C PHE F 790 -16.22 -4.94 -20.59
N TRP F 791 -16.20 -6.19 -21.08
CA TRP F 791 -16.64 -7.30 -20.25
C TRP F 791 -15.76 -7.46 -19.02
N ARG F 792 -14.44 -7.33 -19.19
CA ARG F 792 -13.56 -7.48 -18.03
C ARG F 792 -13.82 -6.39 -16.99
N ASP F 793 -14.02 -5.15 -17.44
CA ASP F 793 -14.15 -4.05 -16.48
C ASP F 793 -15.51 -4.07 -15.78
N SER F 794 -16.58 -4.39 -16.50
CA SER F 794 -17.92 -4.30 -15.93
C SER F 794 -18.35 -5.55 -15.17
N LEU F 795 -17.54 -6.61 -15.19
CA LEU F 795 -17.82 -7.85 -14.47
C LEU F 795 -19.11 -8.51 -14.95
N ILE F 796 -19.17 -8.75 -16.25
CA ILE F 796 -20.26 -9.48 -16.88
C ILE F 796 -19.67 -10.70 -17.57
N CYS F 797 -20.27 -11.87 -17.33
CA CYS F 797 -19.81 -13.09 -17.95
C CYS F 797 -20.47 -13.27 -19.31
N PRO F 798 -19.73 -13.25 -20.41
CA PRO F 798 -20.34 -13.49 -21.72
C PRO F 798 -20.75 -14.93 -21.90
N THR F 799 -21.73 -15.12 -22.78
CA THR F 799 -22.12 -16.46 -23.18
C THR F 799 -21.07 -17.03 -24.14
N GLU F 800 -21.24 -18.30 -24.50
CA GLU F 800 -20.29 -18.94 -25.40
C GLU F 800 -20.29 -18.27 -26.78
N GLU F 801 -21.49 -17.96 -27.29
CA GLU F 801 -21.58 -17.36 -28.62
C GLU F 801 -20.94 -15.98 -28.66
N GLU F 802 -21.19 -15.16 -27.64
CA GLU F 802 -20.60 -13.83 -27.59
C GLU F 802 -19.08 -13.92 -27.51
N TYR F 803 -18.57 -14.83 -26.69
CA TYR F 803 -17.12 -15.00 -26.59
C TYR F 803 -16.53 -15.44 -27.92
N LEU F 804 -17.21 -16.36 -28.62
CA LEU F 804 -16.69 -16.83 -29.90
C LEU F 804 -16.69 -15.73 -30.95
N ASP F 805 -17.74 -14.89 -30.99
CA ASP F 805 -17.75 -13.77 -31.93
C ASP F 805 -16.65 -12.77 -31.60
N MET F 806 -16.44 -12.48 -30.31
CA MET F 806 -15.37 -11.56 -29.94
C MET F 806 -14.01 -12.12 -30.33
N VAL F 807 -13.81 -13.43 -30.16
CA VAL F 807 -12.55 -14.06 -30.55
C VAL F 807 -12.37 -14.00 -32.06
N ALA F 808 -13.45 -14.21 -32.82
CA ALA F 808 -13.36 -14.11 -34.26
C ALA F 808 -12.96 -12.71 -34.70
N ASN F 809 -13.50 -11.68 -34.05
CA ASN F 809 -13.11 -10.32 -34.38
C ASN F 809 -11.66 -10.03 -33.98
N LYS F 810 -11.26 -10.49 -32.79
CA LYS F 810 -9.97 -10.12 -32.21
C LYS F 810 -8.80 -10.85 -32.87
N THR F 811 -8.96 -12.14 -33.15
CA THR F 811 -7.84 -12.99 -33.55
C THR F 811 -7.89 -13.42 -35.01
N GLY F 812 -9.05 -13.79 -35.53
CA GLY F 812 -9.14 -14.29 -36.89
C GLY F 812 -8.96 -13.23 -37.96
N ALA F 813 -9.11 -11.96 -37.60
CA ALA F 813 -9.03 -10.88 -38.58
C ALA F 813 -7.65 -10.81 -39.23
N LEU F 814 -6.59 -10.97 -38.43
CA LEU F 814 -5.24 -10.90 -38.97
C LEU F 814 -4.98 -12.04 -39.95
N PHE F 815 -5.41 -13.26 -39.60
CA PHE F 815 -5.23 -14.40 -40.49
C PHE F 815 -6.00 -14.19 -41.80
N CYS F 816 -7.24 -13.72 -41.69
CA CYS F 816 -8.04 -13.50 -42.89
C CYS F 816 -7.41 -12.44 -43.79
N LEU F 817 -6.93 -11.34 -43.19
CA LEU F 817 -6.28 -10.29 -43.98
C LEU F 817 -5.01 -10.79 -44.63
N ALA F 818 -4.22 -11.58 -43.91
CA ALA F 818 -2.98 -12.11 -44.47
C ALA F 818 -3.25 -13.01 -45.66
N ILE F 819 -4.26 -13.87 -45.56
CA ILE F 819 -4.55 -14.76 -46.69
C ILE F 819 -5.14 -13.97 -47.85
N GLU F 820 -6.01 -13.00 -47.57
CA GLU F 820 -6.63 -12.25 -48.65
C GLU F 820 -5.66 -11.30 -49.35
N LEU F 821 -4.59 -10.87 -48.67
CA LEU F 821 -3.59 -10.05 -49.33
C LEU F 821 -2.77 -10.86 -50.32
N LEU F 822 -2.43 -12.11 -49.98
CA LEU F 822 -1.65 -12.95 -50.88
C LEU F 822 -2.43 -13.32 -52.14
N GLN F 823 -3.74 -13.48 -52.02
CA GLN F 823 -4.56 -13.94 -53.13
C GLN F 823 -4.73 -12.90 -54.23
N ILE F 824 -4.27 -11.66 -54.01
CA ILE F 824 -4.43 -10.61 -55.01
C ILE F 824 -3.67 -10.99 -56.28
N LYS F 825 -2.42 -11.42 -56.14
CA LYS F 825 -1.60 -11.83 -57.27
C LYS F 825 -1.69 -13.32 -57.56
N SER F 826 -2.39 -14.09 -56.75
CA SER F 826 -2.52 -15.52 -56.98
C SER F 826 -3.54 -15.80 -58.07
N THR F 827 -3.33 -16.90 -58.78
CA THR F 827 -4.23 -17.32 -59.86
C THR F 827 -5.30 -18.29 -59.39
N VAL F 828 -5.27 -18.69 -58.12
CA VAL F 828 -6.28 -19.58 -57.54
C VAL F 828 -7.28 -18.71 -56.79
N GLN F 829 -8.55 -18.81 -57.17
CA GLN F 829 -9.57 -17.87 -56.73
C GLN F 829 -10.75 -18.60 -56.10
N LEU F 830 -10.46 -19.51 -55.17
CA LEU F 830 -11.49 -20.17 -54.39
C LEU F 830 -11.72 -19.39 -53.10
N ASP F 831 -12.57 -19.93 -52.23
CA ASP F 831 -12.89 -19.31 -50.95
C ASP F 831 -12.23 -20.10 -49.83
N PHE F 832 -11.27 -19.49 -49.17
CA PHE F 832 -10.55 -20.11 -48.06
C PHE F 832 -10.95 -19.57 -46.70
N LEU F 833 -11.88 -18.62 -46.66
CA LEU F 833 -12.14 -17.88 -45.41
C LEU F 833 -12.69 -18.75 -44.28
N PRO F 834 -13.69 -19.62 -44.50
CA PRO F 834 -14.20 -20.43 -43.37
C PRO F 834 -13.12 -21.26 -42.69
N LEU F 835 -12.20 -21.84 -43.47
CA LEU F 835 -11.12 -22.61 -42.88
C LEU F 835 -10.23 -21.74 -42.01
N VAL F 836 -9.94 -20.52 -42.47
CA VAL F 836 -9.11 -19.59 -41.70
C VAL F 836 -9.80 -19.21 -40.39
N ARG F 837 -11.10 -18.94 -40.45
CA ARG F 837 -11.83 -18.58 -39.23
C ARG F 837 -11.83 -19.73 -38.23
N LEU F 838 -12.07 -20.96 -38.72
CA LEU F 838 -12.04 -22.12 -37.83
C LEU F 838 -10.67 -22.29 -37.20
N LEU F 839 -9.60 -22.10 -37.99
CA LEU F 839 -8.26 -22.25 -37.45
C LEU F 839 -7.97 -21.20 -36.39
N GLY F 840 -8.42 -19.96 -36.61
CA GLY F 840 -8.23 -18.94 -35.60
C GLY F 840 -8.94 -19.25 -34.30
N ILE F 841 -10.18 -19.74 -34.39
CA ILE F 841 -10.91 -20.13 -33.19
C ILE F 841 -10.19 -21.25 -32.46
N ILE F 842 -9.72 -22.25 -33.20
CA ILE F 842 -9.00 -23.37 -32.59
C ILE F 842 -7.76 -22.85 -31.86
N PHE F 843 -7.01 -21.96 -32.50
CA PHE F 843 -5.79 -21.45 -31.91
C PHE F 843 -6.07 -20.70 -30.62
N GLN F 844 -7.11 -19.86 -30.62
CA GLN F 844 -7.43 -19.11 -29.40
C GLN F 844 -7.87 -20.04 -28.28
N ILE F 845 -8.69 -21.05 -28.58
CA ILE F 845 -9.13 -21.98 -27.53
C ILE F 845 -7.94 -22.73 -26.96
N CYS F 846 -7.03 -23.17 -27.82
CA CYS F 846 -5.86 -23.90 -27.35
C CYS F 846 -4.98 -23.02 -26.48
N ASP F 847 -4.80 -21.75 -26.86
CA ASP F 847 -4.01 -20.84 -26.02
C ASP F 847 -4.66 -20.63 -24.66
N ASP F 848 -5.99 -20.48 -24.63
CA ASP F 848 -6.70 -20.33 -23.37
C ASP F 848 -6.51 -21.55 -22.49
N TYR F 849 -6.56 -22.74 -23.07
CA TYR F 849 -6.33 -23.95 -22.29
C TYR F 849 -4.90 -24.02 -21.76
N LEU F 850 -3.92 -23.77 -22.62
CA LEU F 850 -2.52 -23.93 -22.23
C LEU F 850 -2.05 -22.87 -21.26
N ASN F 851 -2.74 -21.74 -21.18
CA ASN F 851 -2.35 -20.73 -20.20
C ASN F 851 -2.51 -21.23 -18.77
N LEU F 852 -3.50 -22.07 -18.50
CA LEU F 852 -3.78 -22.49 -17.11
C LEU F 852 -3.19 -23.88 -16.89
N LYS F 853 -3.77 -24.89 -17.49
CA LYS F 853 -3.30 -26.29 -17.35
C LYS F 853 -2.35 -26.61 -18.49
N SER F 854 -1.05 -26.60 -18.21
CA SER F 854 -0.06 -26.99 -19.23
C SER F 854 0.11 -28.51 -19.21
N CYS F 864 -0.67 -19.03 -14.13
CA CYS F 864 -2.09 -18.73 -14.26
C CYS F 864 -2.33 -17.23 -14.18
N GLU F 865 -1.86 -16.50 -15.19
CA GLU F 865 -2.00 -15.05 -15.20
C GLU F 865 -3.42 -14.60 -15.53
N ASP F 866 -4.21 -15.45 -16.18
CA ASP F 866 -5.59 -15.09 -16.49
C ASP F 866 -6.40 -14.89 -15.22
N ILE F 867 -6.14 -15.70 -14.20
CA ILE F 867 -6.81 -15.53 -12.91
C ILE F 867 -6.39 -14.22 -12.26
N THR F 868 -5.10 -13.90 -12.31
CA THR F 868 -4.61 -12.66 -11.70
C THR F 868 -5.19 -11.43 -12.38
N GLU F 869 -5.28 -11.45 -13.72
CA GLU F 869 -5.80 -10.30 -14.44
C GLU F 869 -7.32 -10.25 -14.50
N GLY F 870 -8.01 -11.33 -14.10
CA GLY F 870 -9.46 -11.33 -14.14
C GLY F 870 -10.06 -11.58 -15.51
N LYS F 871 -9.34 -12.27 -16.38
CA LYS F 871 -9.82 -12.54 -17.73
C LYS F 871 -10.95 -13.58 -17.71
N PHE F 872 -11.75 -13.55 -18.77
CA PHE F 872 -12.77 -14.55 -19.02
C PHE F 872 -12.34 -15.41 -20.20
N SER F 873 -12.08 -16.68 -19.96
CA SER F 873 -11.67 -17.62 -20.99
C SER F 873 -12.71 -18.71 -21.12
N PHE F 874 -12.45 -19.63 -22.05
CA PHE F 874 -13.41 -20.71 -22.33
C PHE F 874 -13.68 -21.58 -21.10
N PRO F 875 -12.68 -22.17 -20.43
CA PRO F 875 -13.00 -22.98 -19.25
C PRO F 875 -13.62 -22.18 -18.13
N ILE F 876 -13.22 -20.92 -17.97
CA ILE F 876 -13.79 -20.09 -16.91
C ILE F 876 -15.26 -19.82 -17.16
N ILE F 877 -15.62 -19.50 -18.41
CA ILE F 877 -17.03 -19.29 -18.75
C ILE F 877 -17.83 -20.57 -18.51
N HIS F 878 -17.29 -21.71 -18.94
CA HIS F 878 -18.03 -22.96 -18.74
C HIS F 878 -18.25 -23.23 -17.25
N SER F 879 -17.20 -23.08 -16.45
CA SER F 879 -17.31 -23.35 -15.02
C SER F 879 -18.29 -22.41 -14.35
N ILE F 880 -18.28 -21.13 -14.73
CA ILE F 880 -19.21 -20.17 -14.14
C ILE F 880 -20.65 -20.51 -14.52
N ARG F 881 -20.88 -20.85 -15.79
CA ARG F 881 -22.25 -21.00 -16.28
C ARG F 881 -22.89 -22.33 -15.91
N THR F 882 -22.12 -23.41 -15.75
CA THR F 882 -22.75 -24.69 -15.41
C THR F 882 -23.34 -24.73 -14.01
N LYS F 883 -22.76 -24.03 -13.05
CA LYS F 883 -23.37 -23.97 -11.69
C LYS F 883 -23.62 -22.51 -11.33
N PRO F 884 -24.73 -21.89 -11.78
CA PRO F 884 -25.00 -20.46 -11.56
C PRO F 884 -25.30 -20.12 -10.11
N GLY F 885 -25.62 -21.09 -9.27
CA GLY F 885 -25.85 -20.81 -7.86
C GLY F 885 -24.61 -20.67 -7.02
N ASN F 886 -23.45 -20.98 -7.57
CA ASN F 886 -22.16 -20.87 -6.89
C ASN F 886 -21.43 -19.65 -7.40
N ARG F 887 -20.90 -18.85 -6.48
CA ARG F 887 -20.25 -17.58 -6.83
C ARG F 887 -18.85 -17.52 -6.24
N GLN F 888 -18.08 -18.60 -6.41
CA GLN F 888 -16.71 -18.62 -5.93
C GLN F 888 -15.71 -18.18 -6.99
N LEU F 889 -15.84 -18.69 -8.21
CA LEU F 889 -14.91 -18.33 -9.27
C LEU F 889 -15.03 -16.86 -9.65
N ILE F 890 -16.26 -16.34 -9.70
CA ILE F 890 -16.45 -14.93 -10.03
C ILE F 890 -15.81 -14.04 -8.99
N ASN F 891 -15.97 -14.38 -7.71
CA ASN F 891 -15.36 -13.61 -6.65
C ASN F 891 -13.84 -13.71 -6.70
N VAL F 892 -13.30 -14.90 -7.01
CA VAL F 892 -11.86 -15.04 -7.16
C VAL F 892 -11.34 -14.15 -8.28
N LEU F 893 -12.07 -14.09 -9.39
CA LEU F 893 -11.69 -13.19 -10.48
C LEU F 893 -11.74 -11.74 -10.05
N ARG F 894 -12.77 -11.37 -9.28
CA ARG F 894 -12.91 -9.98 -8.84
C ARG F 894 -11.80 -9.57 -7.89
N GLN F 895 -11.31 -10.47 -7.06
CA GLN F 895 -10.28 -10.10 -6.05
C GLN F 895 -8.95 -9.77 -6.73
N LYS F 896 -8.66 -10.38 -7.88
CA LYS F 896 -7.41 -10.11 -8.60
C LYS F 896 -6.20 -10.42 -7.73
N SER F 897 -6.13 -11.67 -7.26
CA SER F 897 -5.11 -12.07 -6.32
C SER F 897 -3.82 -12.48 -7.03
N LYS F 898 -2.73 -12.46 -6.28
CA LYS F 898 -1.42 -12.88 -6.78
C LYS F 898 -0.86 -14.08 -6.04
N GLU F 899 -1.57 -14.60 -5.05
CA GLU F 899 -1.08 -15.73 -4.26
C GLU F 899 -1.28 -17.04 -5.00
N ASP F 900 -0.43 -18.02 -4.66
CA ASP F 900 -0.50 -19.33 -5.30
C ASP F 900 -1.66 -20.17 -4.78
N ASP F 901 -2.05 -19.97 -3.52
CA ASP F 901 -3.14 -20.76 -2.95
C ASP F 901 -4.45 -20.52 -3.68
N VAL F 902 -4.74 -19.26 -4.02
CA VAL F 902 -5.97 -18.94 -4.72
C VAL F 902 -5.97 -19.55 -6.12
N LYS F 903 -4.82 -19.52 -6.79
CA LYS F 903 -4.71 -20.13 -8.12
C LYS F 903 -4.92 -21.64 -8.05
N ARG F 904 -4.32 -22.29 -7.05
CA ARG F 904 -4.51 -23.73 -6.88
C ARG F 904 -5.98 -24.05 -6.61
N PHE F 905 -6.63 -23.25 -5.76
CA PHE F 905 -8.04 -23.48 -5.47
C PHE F 905 -8.89 -23.29 -6.71
N ALA F 906 -8.59 -22.28 -7.53
CA ALA F 906 -9.34 -22.05 -8.76
C ALA F 906 -9.18 -23.22 -9.72
N LEU F 907 -7.96 -23.73 -9.86
CA LEU F 907 -7.73 -24.87 -10.74
C LEU F 907 -8.48 -26.11 -10.24
N ALA F 908 -8.47 -26.33 -8.93
CA ALA F 908 -9.21 -27.46 -8.36
C ALA F 908 -10.70 -27.32 -8.61
N TYR F 909 -11.25 -26.11 -8.43
CA TYR F 909 -12.66 -25.89 -8.67
C TYR F 909 -13.01 -26.13 -10.13
N MET F 910 -12.17 -25.67 -11.05
CA MET F 910 -12.43 -25.89 -12.46
C MET F 910 -12.37 -27.38 -12.81
N GLU F 911 -11.45 -28.11 -12.18
CA GLU F 911 -11.40 -29.55 -12.39
C GLU F 911 -12.64 -30.24 -11.84
N SER F 912 -13.21 -29.72 -10.75
CA SER F 912 -14.43 -30.30 -10.20
C SER F 912 -15.60 -30.17 -11.17
N THR F 913 -15.70 -29.02 -11.86
CA THR F 913 -16.78 -28.79 -12.80
C THR F 913 -16.61 -29.61 -14.09
N GLN F 914 -15.40 -30.12 -14.34
CA GLN F 914 -15.05 -30.85 -15.55
C GLN F 914 -15.13 -29.94 -16.78
N SER F 915 -14.38 -28.85 -16.76
CA SER F 915 -14.32 -27.92 -17.88
C SER F 915 -13.23 -28.27 -18.89
N PHE F 916 -12.12 -28.83 -18.41
CA PHE F 916 -11.00 -29.15 -19.30
C PHE F 916 -11.36 -30.27 -20.27
N ASP F 917 -12.12 -31.26 -19.81
CA ASP F 917 -12.61 -32.30 -20.72
C ASP F 917 -13.53 -31.71 -21.78
N TYR F 918 -14.38 -30.76 -21.38
CA TYR F 918 -15.24 -30.07 -22.34
C TYR F 918 -14.41 -29.35 -23.39
N THR F 919 -13.36 -28.64 -22.97
CA THR F 919 -12.50 -27.95 -23.92
C THR F 919 -11.83 -28.93 -24.88
N ARG F 920 -11.34 -30.06 -24.34
CA ARG F 920 -10.65 -31.02 -25.18
C ARG F 920 -11.59 -31.62 -26.24
N ASP F 921 -12.81 -31.97 -25.84
CA ASP F 921 -13.77 -32.52 -26.80
C ASP F 921 -14.15 -31.48 -27.86
N PHE F 922 -14.35 -30.23 -27.42
CA PHE F 922 -14.62 -29.13 -28.35
C PHE F 922 -13.54 -29.04 -29.41
N VAL F 923 -12.28 -29.01 -28.97
CA VAL F 923 -11.16 -28.88 -29.90
C VAL F 923 -11.08 -30.09 -30.82
N LYS F 924 -11.38 -31.28 -30.30
CA LYS F 924 -11.32 -32.49 -31.12
C LYS F 924 -12.33 -32.43 -32.27
N ILE F 925 -13.57 -32.04 -31.96
CA ILE F 925 -14.59 -31.95 -33.00
C ILE F 925 -14.24 -30.86 -34.01
N LEU F 926 -13.73 -29.72 -33.53
CA LEU F 926 -13.34 -28.66 -34.45
C LEU F 926 -12.19 -29.12 -35.36
N ASN F 927 -11.25 -29.89 -34.82
CA ASN F 927 -10.14 -30.41 -35.62
C ASN F 927 -10.66 -31.34 -36.71
N GLY F 928 -11.60 -32.22 -36.36
CA GLY F 928 -12.18 -33.09 -37.38
C GLY F 928 -12.86 -32.31 -38.48
N GLU F 929 -13.62 -31.28 -38.12
CA GLU F 929 -14.29 -30.46 -39.13
C GLU F 929 -13.27 -29.75 -40.02
N ALA F 930 -12.19 -29.24 -39.41
CA ALA F 930 -11.16 -28.57 -40.20
C ALA F 930 -10.51 -29.52 -41.19
N LEU F 931 -10.22 -30.76 -40.76
CA LEU F 931 -9.63 -31.72 -41.68
C LEU F 931 -10.59 -32.06 -42.82
N ARG F 932 -11.88 -32.18 -42.52
CA ARG F 932 -12.85 -32.43 -43.58
C ARG F 932 -12.90 -31.27 -44.56
N MET F 933 -12.86 -30.03 -44.05
CA MET F 933 -12.84 -28.86 -44.92
C MET F 933 -11.61 -28.87 -45.82
N ILE F 934 -10.45 -29.21 -45.26
CA ILE F 934 -9.23 -29.29 -46.06
C ILE F 934 -9.39 -30.32 -47.16
N GLU F 935 -9.92 -31.51 -46.82
CA GLU F 935 -10.08 -32.55 -47.82
C GLU F 935 -11.08 -32.15 -48.91
N ASP F 936 -12.08 -31.33 -48.57
CA ASP F 936 -13.06 -30.91 -49.57
C ASP F 936 -12.43 -30.01 -50.63
N LEU F 937 -11.55 -29.09 -50.22
CA LEU F 937 -10.92 -28.19 -51.18
C LEU F 937 -10.01 -28.94 -52.14
N GLU F 938 -9.32 -29.99 -51.66
CA GLU F 938 -8.35 -30.70 -52.48
C GLU F 938 -9.00 -31.47 -53.61
N GLN F 939 -10.31 -31.71 -53.55
CA GLN F 939 -11.01 -32.40 -54.63
C GLN F 939 -11.39 -31.46 -55.77
N GLN F 940 -11.08 -30.18 -55.65
CA GLN F 940 -11.42 -29.20 -56.67
C GLN F 940 -10.25 -28.85 -57.57
N GLY F 941 -9.12 -29.56 -57.44
CA GLY F 941 -7.99 -29.33 -58.31
C GLY F 941 -6.77 -28.72 -57.66
N LEU F 942 -6.49 -29.09 -56.41
CA LEU F 942 -5.30 -28.64 -55.71
C LEU F 942 -4.51 -29.85 -55.24
N HIS F 943 -3.25 -29.60 -54.87
CA HIS F 943 -2.34 -30.66 -54.46
C HIS F 943 -2.37 -30.84 -52.95
N ARG F 944 -1.78 -31.95 -52.50
CA ARG F 944 -1.75 -32.27 -51.08
C ARG F 944 -0.85 -31.31 -50.31
N ASN F 945 -1.30 -30.92 -49.12
CA ASN F 945 -0.61 -29.92 -48.30
C ASN F 945 -0.20 -30.57 -46.98
N ILE F 946 1.08 -30.91 -46.87
CA ILE F 946 1.59 -31.50 -45.63
C ILE F 946 1.66 -30.45 -44.53
N GLU F 947 2.03 -29.22 -44.88
CA GLU F 947 2.31 -28.20 -43.87
C GLU F 947 1.07 -27.85 -43.06
N ILE F 948 -0.07 -27.72 -43.72
CA ILE F 948 -1.29 -27.35 -43.01
C ILE F 948 -1.72 -28.47 -42.08
N ARG F 949 -1.55 -29.72 -42.51
CA ARG F 949 -1.85 -30.85 -41.63
C ARG F 949 -0.92 -30.88 -40.43
N ASN F 950 0.35 -30.54 -40.64
CA ASN F 950 1.29 -30.47 -39.52
C ASN F 950 0.86 -29.42 -38.50
N ILE F 951 0.58 -28.21 -38.98
CA ILE F 951 0.22 -27.14 -38.04
C ILE F 951 -1.14 -27.39 -37.40
N LEU F 952 -2.00 -28.18 -38.08
CA LEU F 952 -3.27 -28.55 -37.48
C LEU F 952 -3.09 -29.60 -36.39
N ALA F 953 -2.24 -30.59 -36.64
CA ALA F 953 -2.00 -31.64 -35.65
C ALA F 953 -1.17 -31.16 -34.48
N ARG F 954 -0.41 -30.07 -34.65
CA ARG F 954 0.35 -29.52 -33.53
C ARG F 954 -0.57 -28.93 -32.48
N MET F 955 -1.76 -28.49 -32.87
CA MET F 955 -2.73 -27.93 -31.92
C MET F 955 -3.72 -29.01 -31.47
N SER F 956 -3.19 -30.00 -30.75
CA SER F 956 -3.97 -31.09 -30.20
C SER F 956 -3.75 -31.13 -28.70
N LEU F 957 -4.84 -31.16 -27.94
CA LEU F 957 -4.77 -31.15 -26.48
C LEU F 957 -4.91 -32.54 -25.87
N GLU F 958 -4.91 -33.59 -26.69
CA GLU F 958 -5.07 -34.94 -26.18
C GLU F 958 -3.89 -35.33 -25.30
#